data_2LCX
#
_entry.id   2LCX
#
_entity_poly.entity_id   1
_entity_poly.type   'polypeptide(L)'
_entity_poly.pdbx_seq_one_letter_code
;STLPQHARTPLIAAGVIGGLFILVIVGLTFAVYVRRKSIKKKRA
;
_entity_poly.pdbx_strand_id   A,B
#
# COMPACT_ATOMS: atom_id res chain seq x y z
N SER A 1 2.23 -25.71 18.75
CA SER A 1 1.47 -26.87 19.20
C SER A 1 0.05 -26.48 19.59
N THR A 2 -0.08 -25.83 20.74
CA THR A 2 -1.39 -25.40 21.23
C THR A 2 -1.74 -24.01 20.71
N LEU A 3 -2.93 -23.54 21.05
CA LEU A 3 -3.39 -22.23 20.61
C LEU A 3 -3.49 -21.27 21.79
N PRO A 4 -3.47 -19.96 21.49
CA PRO A 4 -3.55 -18.91 22.53
C PRO A 4 -4.94 -18.84 23.15
N GLN A 5 -5.21 -17.74 23.85
CA GLN A 5 -6.50 -17.55 24.50
C GLN A 5 -7.63 -17.48 23.47
N HIS A 6 -7.73 -16.35 22.78
CA HIS A 6 -8.76 -16.17 21.77
C HIS A 6 -8.21 -15.40 20.57
N ALA A 7 -7.28 -16.01 19.85
CA ALA A 7 -6.68 -15.38 18.69
C ALA A 7 -7.51 -15.64 17.44
N ARG A 8 -8.42 -14.71 17.14
CA ARG A 8 -9.29 -14.83 15.97
C ARG A 8 -8.47 -14.82 14.68
N THR A 9 -8.08 -13.62 14.25
CA THR A 9 -7.31 -13.46 13.04
C THR A 9 -6.65 -12.08 12.98
N PRO A 10 -5.78 -11.79 13.96
CA PRO A 10 -5.08 -10.51 14.04
C PRO A 10 -4.03 -10.36 12.95
N LEU A 11 -3.20 -11.39 12.78
CA LEU A 11 -2.15 -11.37 11.77
C LEU A 11 -2.72 -10.99 10.40
N ILE A 12 -3.52 -11.89 9.85
CA ILE A 12 -4.14 -11.65 8.54
C ILE A 12 -4.85 -10.31 8.51
N ALA A 13 -5.65 -10.04 9.53
CA ALA A 13 -6.39 -8.79 9.61
C ALA A 13 -5.47 -7.60 9.37
N ALA A 14 -4.47 -7.45 10.22
CA ALA A 14 -3.51 -6.36 10.11
C ALA A 14 -2.94 -6.27 8.70
N GLY A 15 -2.76 -7.43 8.06
CA GLY A 15 -2.22 -7.45 6.72
C GLY A 15 -3.09 -6.68 5.73
N VAL A 16 -4.36 -7.07 5.64
CA VAL A 16 -5.29 -6.41 4.73
C VAL A 16 -5.47 -4.95 5.10
N ILE A 17 -5.46 -4.66 6.40
CA ILE A 17 -5.62 -3.29 6.89
C ILE A 17 -4.45 -2.41 6.47
N GLY A 18 -3.24 -2.92 6.69
CA GLY A 18 -2.05 -2.17 6.33
C GLY A 18 -2.02 -1.79 4.87
N GLY A 19 -2.21 -2.78 4.00
CA GLY A 19 -2.21 -2.54 2.57
C GLY A 19 -3.24 -1.52 2.15
N LEU A 20 -4.43 -1.62 2.72
CA LEU A 20 -5.52 -0.71 2.40
C LEU A 20 -5.22 0.70 2.92
N PHE A 21 -5.01 0.81 4.22
CA PHE A 21 -4.72 2.09 4.85
C PHE A 21 -3.56 2.78 4.13
N ILE A 22 -2.44 2.09 4.02
CA ILE A 22 -1.27 2.63 3.36
C ILE A 22 -1.61 3.16 1.97
N LEU A 23 -2.40 2.39 1.23
CA LEU A 23 -2.81 2.77 -0.11
C LEU A 23 -3.73 3.99 -0.08
N VAL A 24 -4.56 4.07 0.96
CA VAL A 24 -5.49 5.19 1.11
C VAL A 24 -4.73 6.51 1.18
N ILE A 25 -3.68 6.55 1.98
CA ILE A 25 -2.88 7.75 2.13
C ILE A 25 -2.15 8.10 0.83
N VAL A 26 -1.36 7.16 0.33
CA VAL A 26 -0.61 7.36 -0.91
C VAL A 26 -1.53 7.78 -2.04
N GLY A 27 -2.58 6.99 -2.27
CA GLY A 27 -3.53 7.29 -3.33
C GLY A 27 -4.05 8.71 -3.24
N LEU A 28 -4.66 9.05 -2.11
CA LEU A 28 -5.21 10.37 -1.90
C LEU A 28 -4.14 11.44 -2.06
N THR A 29 -2.97 11.20 -1.47
CA THR A 29 -1.85 12.14 -1.56
C THR A 29 -1.57 12.53 -3.00
N PHE A 30 -1.71 11.57 -3.90
CA PHE A 30 -1.47 11.82 -5.32
C PHE A 30 -2.59 12.68 -5.92
N ALA A 31 -3.82 12.28 -5.69
CA ALA A 31 -4.98 13.01 -6.21
C ALA A 31 -5.03 14.42 -5.63
N VAL A 32 -4.51 14.58 -4.42
CA VAL A 32 -4.49 15.87 -3.75
C VAL A 32 -3.37 16.76 -4.28
N TYR A 33 -2.16 16.21 -4.35
CA TYR A 33 -1.01 16.95 -4.84
C TYR A 33 -1.28 17.52 -6.23
N VAL A 34 -1.91 16.72 -7.09
CA VAL A 34 -2.23 17.14 -8.44
C VAL A 34 -3.25 18.27 -8.44
N ARG A 35 -4.31 18.10 -7.66
CA ARG A 35 -5.36 19.11 -7.56
C ARG A 35 -4.78 20.47 -7.20
N ARG A 36 -3.74 20.47 -6.37
CA ARG A 36 -3.10 21.70 -5.96
C ARG A 36 -2.60 22.50 -7.17
N LYS A 37 -2.40 21.81 -8.28
CA LYS A 37 -1.94 22.44 -9.51
C LYS A 37 -3.10 23.09 -10.26
N SER A 38 -4.27 22.45 -10.18
CA SER A 38 -5.45 22.96 -10.85
C SER A 38 -6.17 24.00 -10.00
N ILE A 39 -6.10 25.26 -10.42
CA ILE A 39 -6.74 26.35 -9.70
C ILE A 39 -7.33 27.37 -10.65
N LYS A 40 -8.35 26.97 -11.40
CA LYS A 40 -9.01 27.86 -12.36
C LYS A 40 -7.99 28.45 -13.33
N LYS A 41 -7.20 27.58 -13.96
CA LYS A 41 -6.20 28.02 -14.91
C LYS A 41 -6.84 28.40 -16.25
N LYS A 42 -6.90 29.69 -16.52
CA LYS A 42 -7.48 30.19 -17.76
C LYS A 42 -6.54 30.00 -18.93
N ARG A 43 -7.09 29.68 -20.09
CA ARG A 43 -6.29 29.47 -21.30
C ARG A 43 -7.04 29.94 -22.53
N ALA A 44 -7.55 31.16 -22.48
CA ALA A 44 -8.28 31.73 -23.61
C ALA A 44 -9.55 30.91 -23.90
N SER B 1 -6.15 -7.21 25.09
CA SER B 1 -5.68 -6.93 26.44
C SER B 1 -4.37 -7.68 26.73
N THR B 2 -4.47 -8.99 26.92
CA THR B 2 -3.29 -9.80 27.19
C THR B 2 -2.64 -10.29 25.90
N LEU B 3 -1.55 -11.03 26.04
CA LEU B 3 -0.84 -11.57 24.89
C LEU B 3 -0.98 -13.08 24.81
N PRO B 4 -0.80 -13.62 23.59
CA PRO B 4 -0.91 -15.07 23.35
C PRO B 4 0.24 -15.85 23.98
N GLN B 5 0.40 -17.11 23.56
CA GLN B 5 1.46 -17.95 24.08
C GLN B 5 2.81 -17.23 24.03
N HIS B 6 3.37 -17.16 22.82
CA HIS B 6 4.66 -16.50 22.63
C HIS B 6 4.72 -15.83 21.26
N ALA B 7 4.00 -14.72 21.11
CA ALA B 7 3.98 -13.99 19.85
C ALA B 7 4.87 -12.75 19.92
N ARG B 8 6.07 -12.86 19.36
CA ARG B 8 7.03 -11.75 19.36
C ARG B 8 6.33 -10.45 18.93
N THR B 9 6.08 -10.33 17.64
CA THR B 9 5.43 -9.14 17.09
C THR B 9 4.86 -9.41 15.71
N PRO B 10 3.91 -10.36 15.63
CA PRO B 10 3.27 -10.74 14.37
C PRO B 10 2.34 -9.64 13.84
N LEU B 11 1.49 -9.13 14.72
CA LEU B 11 0.55 -8.08 14.35
C LEU B 11 1.27 -6.93 13.64
N ILE B 12 2.10 -6.21 14.40
CA ILE B 12 2.85 -5.09 13.85
C ILE B 12 3.62 -5.50 12.61
N ALA B 13 4.32 -6.63 12.70
CA ALA B 13 5.11 -7.13 11.58
C ALA B 13 4.27 -7.19 10.30
N ALA B 14 3.19 -7.95 10.34
CA ALA B 14 2.30 -8.08 9.19
C ALA B 14 1.89 -6.72 8.65
N GLY B 15 1.70 -5.76 9.56
CA GLY B 15 1.31 -4.43 9.15
C GLY B 15 2.31 -3.79 8.20
N VAL B 16 3.56 -3.69 8.64
CA VAL B 16 4.62 -3.11 7.83
C VAL B 16 4.84 -3.91 6.56
N ILE B 17 4.72 -5.23 6.66
CA ILE B 17 4.91 -6.11 5.52
C ILE B 17 3.84 -5.87 4.46
N GLY B 18 2.58 -5.80 4.90
CA GLY B 18 1.49 -5.57 3.97
C GLY B 18 1.66 -4.27 3.19
N GLY B 19 1.90 -3.18 3.91
CA GLY B 19 2.06 -1.89 3.26
C GLY B 19 3.19 -1.89 2.25
N LEU B 20 4.29 -2.53 2.60
CA LEU B 20 5.46 -2.60 1.72
C LEU B 20 5.17 -3.47 0.50
N PHE B 21 4.85 -4.74 0.76
CA PHE B 21 4.54 -5.68 -0.32
C PHE B 21 3.49 -5.12 -1.25
N ILE B 22 2.34 -4.76 -0.68
CA ILE B 22 1.25 -4.19 -1.46
C ILE B 22 1.71 -3.01 -2.30
N LEU B 23 2.54 -2.16 -1.71
CA LEU B 23 3.07 -1.00 -2.39
C LEU B 23 4.02 -1.40 -3.52
N VAL B 24 4.79 -2.46 -3.29
CA VAL B 24 5.73 -2.95 -4.28
C VAL B 24 5.02 -3.32 -5.57
N ILE B 25 3.91 -4.06 -5.45
CA ILE B 25 3.15 -4.47 -6.62
C ILE B 25 2.53 -3.28 -7.32
N VAL B 26 1.74 -2.49 -6.59
CA VAL B 26 1.10 -1.31 -7.15
C VAL B 26 2.12 -0.39 -7.81
N GLY B 27 3.15 -0.03 -7.06
CA GLY B 27 4.18 0.85 -7.58
C GLY B 27 4.75 0.36 -8.90
N LEU B 28 5.27 -0.87 -8.90
CA LEU B 28 5.85 -1.45 -10.10
C LEU B 28 4.82 -1.52 -11.22
N THR B 29 3.61 -1.96 -10.89
CA THR B 29 2.54 -2.07 -11.87
C THR B 29 2.36 -0.76 -12.63
N PHE B 30 2.54 0.35 -11.94
CA PHE B 30 2.41 1.67 -12.56
C PHE B 30 3.57 1.96 -13.50
N ALA B 31 4.79 1.78 -13.00
CA ALA B 31 5.98 2.01 -13.80
C ALA B 31 6.04 1.08 -14.99
N VAL B 32 5.45 -0.11 -14.84
CA VAL B 32 5.43 -1.10 -15.91
C VAL B 32 4.36 -0.76 -16.95
N TYR B 33 3.16 -0.48 -16.48
CA TYR B 33 2.05 -0.16 -17.36
C TYR B 33 2.41 1.00 -18.29
N VAL B 34 3.07 2.02 -17.72
CA VAL B 34 3.48 3.18 -18.49
C VAL B 34 4.52 2.81 -19.55
N ARG B 35 5.53 2.06 -19.12
CA ARG B 35 6.60 1.64 -20.03
C ARG B 35 6.02 0.95 -21.25
N ARG B 36 4.94 0.20 -21.06
CA ARG B 36 4.29 -0.51 -22.15
C ARG B 36 3.89 0.44 -23.26
N LYS B 37 3.74 1.72 -22.92
CA LYS B 37 3.36 2.74 -23.89
C LYS B 37 4.58 3.23 -24.67
N SER B 38 5.72 3.28 -24.00
CA SER B 38 6.96 3.74 -24.63
C SER B 38 7.66 2.57 -25.33
N ILE B 39 7.60 2.57 -26.65
CA ILE B 39 8.24 1.53 -27.44
C ILE B 39 9.20 2.11 -28.47
N LYS B 40 10.27 2.74 -27.99
CA LYS B 40 11.26 3.33 -28.85
C LYS B 40 10.61 4.31 -29.84
N LYS B 41 9.84 5.24 -29.31
CA LYS B 41 9.16 6.24 -30.14
C LYS B 41 10.13 7.30 -30.62
N LYS B 42 10.47 7.25 -31.90
CA LYS B 42 11.39 8.21 -32.49
C LYS B 42 10.71 9.55 -32.73
N ARG B 43 11.45 10.63 -32.54
CA ARG B 43 10.92 11.97 -32.73
C ARG B 43 11.97 12.92 -33.29
N ALA B 44 12.64 12.48 -34.35
CA ALA B 44 13.68 13.28 -34.99
C ALA B 44 14.84 13.53 -34.02
N SER A 1 -19.72 -2.09 24.80
CA SER A 1 -18.73 -3.09 25.20
C SER A 1 -18.76 -4.29 24.25
N THR A 2 -17.68 -4.47 23.51
CA THR A 2 -17.58 -5.58 22.56
C THR A 2 -16.14 -5.79 22.11
N LEU A 3 -15.85 -7.00 21.62
CA LEU A 3 -14.51 -7.31 21.15
C LEU A 3 -14.09 -6.38 20.01
N PRO A 4 -12.77 -6.25 19.81
CA PRO A 4 -12.21 -5.40 18.76
C PRO A 4 -12.46 -5.95 17.36
N GLN A 5 -11.78 -5.39 16.37
CA GLN A 5 -11.93 -5.83 14.99
C GLN A 5 -11.28 -7.19 14.77
N HIS A 6 -11.97 -8.25 15.20
CA HIS A 6 -11.46 -9.61 15.04
C HIS A 6 -10.08 -9.73 15.69
N ALA A 7 -10.06 -9.98 16.99
CA ALA A 7 -8.81 -10.13 17.73
C ALA A 7 -8.28 -11.55 17.61
N ARG A 8 -9.03 -12.41 16.94
CA ARG A 8 -8.63 -13.80 16.77
C ARG A 8 -7.57 -13.93 15.68
N THR A 9 -7.79 -13.26 14.55
CA THR A 9 -6.86 -13.30 13.44
C THR A 9 -6.23 -11.93 13.20
N PRO A 10 -5.34 -11.52 14.11
CA PRO A 10 -4.65 -10.23 14.02
C PRO A 10 -3.64 -10.19 12.86
N LEU A 11 -2.92 -11.28 12.68
CA LEU A 11 -1.92 -11.37 11.62
C LEU A 11 -2.54 -11.01 10.27
N ILE A 12 -3.43 -11.87 9.78
CA ILE A 12 -4.09 -11.64 8.50
C ILE A 12 -4.80 -10.29 8.49
N ALA A 13 -5.53 -10.00 9.56
CA ALA A 13 -6.25 -8.74 9.68
C ALA A 13 -5.34 -7.55 9.40
N ALA A 14 -4.31 -7.39 10.22
CA ALA A 14 -3.36 -6.29 10.05
C ALA A 14 -2.83 -6.24 8.63
N GLY A 15 -2.67 -7.40 8.01
CA GLY A 15 -2.18 -7.46 6.65
C GLY A 15 -3.05 -6.70 5.68
N VAL A 16 -4.32 -7.06 5.62
CA VAL A 16 -5.26 -6.41 4.72
C VAL A 16 -5.46 -4.95 5.10
N ILE A 17 -5.45 -4.68 6.40
CA ILE A 17 -5.62 -3.31 6.89
C ILE A 17 -4.45 -2.43 6.47
N GLY A 18 -3.23 -2.92 6.67
CA GLY A 18 -2.06 -2.16 6.31
C GLY A 18 -2.03 -1.78 4.84
N GLY A 19 -2.21 -2.78 3.98
CA GLY A 19 -2.21 -2.53 2.54
C GLY A 19 -3.25 -1.50 2.14
N LEU A 20 -4.44 -1.61 2.72
CA LEU A 20 -5.53 -0.69 2.41
C LEU A 20 -5.22 0.71 2.92
N PHE A 21 -5.02 0.82 4.23
CA PHE A 21 -4.71 2.10 4.86
C PHE A 21 -3.56 2.80 4.14
N ILE A 22 -2.44 2.09 4.02
CA ILE A 22 -1.26 2.64 3.35
C ILE A 22 -1.61 3.17 1.97
N LEU A 23 -2.41 2.40 1.24
CA LEU A 23 -2.81 2.79 -0.11
C LEU A 23 -3.74 4.01 -0.07
N VAL A 24 -4.57 4.08 0.97
CA VAL A 24 -5.50 5.19 1.13
C VAL A 24 -4.75 6.52 1.19
N ILE A 25 -3.68 6.55 1.98
CA ILE A 25 -2.88 7.77 2.14
C ILE A 25 -2.15 8.11 0.84
N VAL A 26 -1.36 7.17 0.34
CA VAL A 26 -0.60 7.37 -0.89
C VAL A 26 -1.53 7.78 -2.03
N GLY A 27 -2.57 6.98 -2.26
CA GLY A 27 -3.51 7.29 -3.33
C GLY A 27 -4.05 8.70 -3.25
N LEU A 28 -4.65 9.03 -2.11
CA LEU A 28 -5.21 10.37 -1.90
C LEU A 28 -4.14 11.44 -2.06
N THR A 29 -2.98 11.20 -1.47
CA THR A 29 -1.87 12.15 -1.55
C THR A 29 -1.58 12.53 -2.99
N PHE A 30 -1.73 11.57 -3.90
CA PHE A 30 -1.48 11.81 -5.32
C PHE A 30 -2.59 12.67 -5.93
N ALA A 31 -3.83 12.27 -5.68
CA ALA A 31 -4.98 13.00 -6.21
C ALA A 31 -5.05 14.40 -5.62
N VAL A 32 -4.49 14.58 -4.43
CA VAL A 32 -4.48 15.87 -3.76
C VAL A 32 -3.35 16.75 -4.27
N TYR A 33 -2.15 16.17 -4.37
CA TYR A 33 -0.99 16.91 -4.84
C TYR A 33 -1.24 17.50 -6.22
N VAL A 34 -1.88 16.71 -7.09
CA VAL A 34 -2.18 17.16 -8.45
C VAL A 34 -3.21 18.28 -8.44
N ARG A 35 -4.27 18.10 -7.66
CA ARG A 35 -5.32 19.11 -7.57
C ARG A 35 -4.73 20.47 -7.21
N ARG A 36 -3.72 20.47 -6.37
CA ARG A 36 -3.06 21.70 -5.94
C ARG A 36 -2.57 22.50 -7.14
N LYS A 37 -2.36 21.81 -8.26
CA LYS A 37 -1.88 22.45 -9.47
C LYS A 37 -3.05 23.09 -10.24
N SER A 38 -4.21 22.45 -10.17
CA SER A 38 -5.39 22.94 -10.86
C SER A 38 -5.98 24.16 -10.13
N ILE A 39 -6.90 24.85 -10.79
CA ILE A 39 -7.54 26.02 -10.20
C ILE A 39 -8.84 25.65 -9.51
N LYS A 40 -8.75 24.74 -8.54
CA LYS A 40 -9.91 24.29 -7.79
C LYS A 40 -11.03 23.86 -8.74
N LYS A 41 -10.67 23.12 -9.78
CA LYS A 41 -11.63 22.64 -10.76
C LYS A 41 -12.44 21.48 -10.19
N LYS A 42 -13.77 21.60 -10.25
CA LYS A 42 -14.65 20.56 -9.74
C LYS A 42 -14.41 20.31 -8.25
N ARG A 43 -15.24 19.47 -7.66
CA ARG A 43 -15.12 19.15 -6.24
C ARG A 43 -15.51 17.69 -5.98
N ALA A 44 -14.79 17.06 -5.05
CA ALA A 44 -15.07 15.67 -4.71
C ALA A 44 -14.44 15.30 -3.36
N SER B 1 17.50 -24.84 8.32
CA SER B 1 16.53 -24.90 9.39
C SER B 1 16.70 -23.71 10.35
N THR B 2 15.69 -22.84 10.39
CA THR B 2 15.72 -21.68 11.26
C THR B 2 14.34 -21.04 11.38
N LEU B 3 14.14 -20.28 12.44
CA LEU B 3 12.86 -19.61 12.68
C LEU B 3 12.53 -18.68 11.52
N PRO B 4 11.22 -18.43 11.33
CA PRO B 4 10.73 -17.55 10.26
C PRO B 4 11.07 -16.08 10.52
N GLN B 5 10.49 -15.20 9.71
CA GLN B 5 10.73 -13.77 9.85
C GLN B 5 10.03 -13.22 11.09
N HIS B 6 10.63 -13.43 12.26
CA HIS B 6 10.06 -12.95 13.51
C HIS B 6 8.64 -13.46 13.69
N ALA B 7 8.52 -14.67 14.21
CA ALA B 7 7.21 -15.29 14.43
C ALA B 7 6.61 -14.83 15.77
N ARG B 8 7.37 -14.02 16.50
CA ARG B 8 6.92 -13.52 17.79
C ARG B 8 5.91 -12.38 17.61
N THR B 9 6.24 -11.44 16.72
CA THR B 9 5.37 -10.31 16.46
C THR B 9 4.84 -10.35 15.03
N PRO B 10 3.91 -11.28 14.77
CA PRO B 10 3.30 -11.45 13.45
C PRO B 10 2.38 -10.29 13.09
N LEU B 11 1.60 -9.82 14.07
CA LEU B 11 0.68 -8.72 13.86
C LEU B 11 1.39 -7.52 13.25
N ILE B 12 2.26 -6.88 14.04
CA ILE B 12 3.01 -5.73 13.57
C ILE B 12 3.80 -6.06 12.31
N ALA B 13 4.47 -7.20 12.30
CA ALA B 13 5.25 -7.63 11.15
C ALA B 13 4.42 -7.57 9.87
N ALA B 14 3.34 -8.35 9.84
CA ALA B 14 2.46 -8.39 8.67
C ALA B 14 2.04 -6.98 8.25
N GLY B 15 1.85 -6.11 9.24
CA GLY B 15 1.44 -4.75 8.95
C GLY B 15 2.44 -4.04 8.05
N VAL B 16 3.68 -3.96 8.49
CA VAL B 16 4.73 -3.30 7.72
C VAL B 16 4.97 -4.01 6.39
N ILE B 17 4.88 -5.34 6.41
CA ILE B 17 5.08 -6.13 5.21
C ILE B 17 4.01 -5.84 4.17
N GLY B 18 2.76 -5.81 4.62
CA GLY B 18 1.65 -5.55 3.70
C GLY B 18 1.79 -4.21 3.01
N GLY B 19 1.99 -3.15 3.80
CA GLY B 19 2.13 -1.83 3.23
C GLY B 19 3.26 -1.74 2.22
N LEU B 20 4.38 -2.38 2.53
CA LEU B 20 5.53 -2.37 1.65
C LEU B 20 5.25 -3.17 0.38
N PHE B 21 4.97 -4.46 0.54
CA PHE B 21 4.68 -5.32 -0.59
C PHE B 21 3.61 -4.71 -1.49
N ILE B 22 2.46 -4.40 -0.89
CA ILE B 22 1.35 -3.81 -1.63
C ILE B 22 1.80 -2.57 -2.40
N LEU B 23 2.62 -1.75 -1.74
CA LEU B 23 3.12 -0.53 -2.37
C LEU B 23 4.08 -0.85 -3.51
N VAL B 24 4.86 -1.91 -3.34
CA VAL B 24 5.81 -2.33 -4.36
C VAL B 24 5.11 -2.63 -5.68
N ILE B 25 4.01 -3.39 -5.61
CA ILE B 25 3.25 -3.73 -6.80
C ILE B 25 2.61 -2.51 -7.43
N VAL B 26 1.81 -1.79 -6.64
CA VAL B 26 1.14 -0.59 -7.12
C VAL B 26 2.15 0.40 -7.72
N GLY B 27 3.18 0.74 -6.94
CA GLY B 27 4.19 1.67 -7.41
C GLY B 27 4.76 1.27 -8.75
N LEU B 28 5.31 0.06 -8.82
CA LEU B 28 5.89 -0.43 -10.06
C LEU B 28 4.87 -0.45 -11.18
N THR B 29 3.67 -0.92 -10.89
CA THR B 29 2.60 -0.99 -11.88
C THR B 29 2.40 0.36 -12.56
N PHE B 30 2.57 1.43 -11.79
CA PHE B 30 2.41 2.78 -12.33
C PHE B 30 3.57 3.16 -13.24
N ALA B 31 4.79 2.94 -12.74
CA ALA B 31 5.99 3.25 -13.51
C ALA B 31 6.07 2.38 -14.77
N VAL B 32 5.46 1.21 -14.71
CA VAL B 32 5.45 0.29 -15.84
C VAL B 32 4.37 0.66 -16.85
N TYR B 33 3.17 0.93 -16.36
CA TYR B 33 2.05 1.30 -17.22
C TYR B 33 2.39 2.51 -18.07
N VAL B 34 3.05 3.49 -17.45
CA VAL B 34 3.43 4.71 -18.15
C VAL B 34 4.48 4.42 -19.21
N ARG B 35 5.51 3.66 -18.84
CA ARG B 35 6.58 3.31 -19.77
C ARG B 35 6.02 2.71 -21.04
N ARG B 36 4.95 1.93 -20.91
CA ARG B 36 4.32 1.28 -22.05
C ARG B 36 3.92 2.32 -23.10
N LYS B 37 3.73 3.56 -22.66
CA LYS B 37 3.35 4.65 -23.55
C LYS B 37 4.57 5.21 -24.29
N SER B 38 5.70 5.22 -23.61
CA SER B 38 6.94 5.74 -24.18
C SER B 38 7.50 4.76 -25.21
N ILE B 39 8.48 5.23 -25.98
CA ILE B 39 9.11 4.40 -27.00
C ILE B 39 10.36 3.72 -26.45
N LYS B 40 10.19 2.94 -25.38
CA LYS B 40 11.30 2.23 -24.76
C LYS B 40 12.46 3.18 -24.47
N LYS B 41 12.14 4.36 -23.97
CA LYS B 41 13.15 5.36 -23.65
C LYS B 41 13.90 4.99 -22.37
N LYS B 42 15.22 4.94 -22.45
CA LYS B 42 16.05 4.59 -21.31
C LYS B 42 15.72 3.20 -20.79
N ARG B 43 16.50 2.72 -19.82
CA ARG B 43 16.28 1.40 -19.24
C ARG B 43 16.62 1.40 -17.75
N ALA B 44 15.83 0.65 -16.98
CA ALA B 44 16.05 0.57 -15.54
C ALA B 44 15.34 -0.65 -14.96
N SER A 1 -9.83 -0.78 26.25
CA SER A 1 -11.16 -0.39 25.80
C SER A 1 -11.78 -1.45 24.91
N THR A 2 -12.48 -2.40 25.52
CA THR A 2 -13.11 -3.49 24.77
C THR A 2 -12.13 -4.17 23.83
N LEU A 3 -12.64 -5.03 22.97
CA LEU A 3 -11.80 -5.75 22.01
C LEU A 3 -11.85 -5.09 20.65
N PRO A 4 -10.81 -5.32 19.83
CA PRO A 4 -10.72 -4.77 18.48
C PRO A 4 -11.74 -5.39 17.53
N GLN A 5 -11.55 -5.14 16.23
CA GLN A 5 -12.46 -5.68 15.22
C GLN A 5 -12.31 -7.19 15.10
N HIS A 6 -11.12 -7.68 15.41
CA HIS A 6 -10.85 -9.12 15.35
C HIS A 6 -9.53 -9.46 16.05
N ALA A 7 -9.62 -9.75 17.35
CA ALA A 7 -8.45 -10.09 18.14
C ALA A 7 -8.05 -11.55 17.92
N ARG A 8 -8.84 -12.27 17.13
CA ARG A 8 -8.58 -13.67 16.85
C ARG A 8 -7.51 -13.81 15.77
N THR A 9 -7.73 -13.17 14.63
CA THR A 9 -6.79 -13.22 13.52
C THR A 9 -6.16 -11.86 13.26
N PRO A 10 -5.24 -11.46 14.15
CA PRO A 10 -4.54 -10.17 14.04
C PRO A 10 -3.57 -10.14 12.87
N LEU A 11 -2.85 -11.23 12.67
CA LEU A 11 -1.88 -11.34 11.59
C LEU A 11 -2.52 -10.98 10.24
N ILE A 12 -3.43 -11.84 9.78
CA ILE A 12 -4.12 -11.60 8.52
C ILE A 12 -4.83 -10.25 8.52
N ALA A 13 -5.51 -9.94 9.61
CA ALA A 13 -6.23 -8.68 9.73
C ALA A 13 -5.31 -7.50 9.42
N ALA A 14 -4.27 -7.34 10.23
CA ALA A 14 -3.31 -6.26 10.05
C ALA A 14 -2.80 -6.21 8.61
N GLY A 15 -2.69 -7.39 7.99
CA GLY A 15 -2.20 -7.46 6.63
C GLY A 15 -3.09 -6.70 5.66
N VAL A 16 -4.36 -7.06 5.62
CA VAL A 16 -5.31 -6.40 4.73
C VAL A 16 -5.49 -4.93 5.11
N ILE A 17 -5.48 -4.65 6.40
CA ILE A 17 -5.63 -3.28 6.89
C ILE A 17 -4.46 -2.41 6.46
N GLY A 18 -3.24 -2.91 6.67
CA GLY A 18 -2.05 -2.16 6.31
C GLY A 18 -2.04 -1.79 4.84
N GLY A 19 -2.22 -2.78 3.98
CA GLY A 19 -2.22 -2.54 2.54
C GLY A 19 -3.26 -1.51 2.13
N LEU A 20 -4.45 -1.62 2.70
CA LEU A 20 -5.54 -0.69 2.39
C LEU A 20 -5.22 0.71 2.92
N PHE A 21 -5.01 0.81 4.22
CA PHE A 21 -4.70 2.09 4.86
C PHE A 21 -3.55 2.78 4.14
N ILE A 22 -2.43 2.08 4.02
CA ILE A 22 -1.25 2.63 3.36
C ILE A 22 -1.60 3.16 1.96
N LEU A 23 -2.40 2.39 1.23
CA LEU A 23 -2.81 2.79 -0.11
C LEU A 23 -3.72 4.00 -0.07
N VAL A 24 -4.56 4.08 0.96
CA VAL A 24 -5.48 5.20 1.13
C VAL A 24 -4.72 6.52 1.20
N ILE A 25 -3.66 6.56 1.99
CA ILE A 25 -2.86 7.76 2.15
C ILE A 25 -2.13 8.10 0.85
N VAL A 26 -1.34 7.16 0.35
CA VAL A 26 -0.59 7.37 -0.89
C VAL A 26 -1.51 7.78 -2.02
N GLY A 27 -2.56 6.99 -2.25
CA GLY A 27 -3.50 7.29 -3.32
C GLY A 27 -4.03 8.71 -3.22
N LEU A 28 -4.62 9.05 -2.08
CA LEU A 28 -5.18 10.38 -1.88
C LEU A 28 -4.11 11.45 -2.04
N THR A 29 -2.93 11.20 -1.49
CA THR A 29 -1.82 12.13 -1.57
C THR A 29 -1.56 12.54 -3.02
N PHE A 30 -1.69 11.58 -3.93
CA PHE A 30 -1.46 11.84 -5.35
C PHE A 30 -2.58 12.69 -5.93
N ALA A 31 -3.82 12.25 -5.73
CA ALA A 31 -4.98 12.99 -6.24
C ALA A 31 -5.03 14.40 -5.67
N VAL A 32 -4.57 14.55 -4.42
CA VAL A 32 -4.55 15.84 -3.76
C VAL A 32 -3.42 16.72 -4.29
N TYR A 33 -2.22 16.16 -4.32
CA TYR A 33 -1.05 16.90 -4.81
C TYR A 33 -1.31 17.50 -6.18
N VAL A 34 -1.95 16.73 -7.05
CA VAL A 34 -2.27 17.19 -8.39
C VAL A 34 -3.27 18.33 -8.36
N ARG A 35 -4.33 18.17 -7.56
CA ARG A 35 -5.36 19.19 -7.44
C ARG A 35 -4.75 20.55 -7.13
N ARG A 36 -3.74 20.56 -6.27
CA ARG A 36 -3.06 21.81 -5.89
C ARG A 36 -2.61 22.57 -7.13
N LYS A 37 -2.41 21.85 -8.22
CA LYS A 37 -1.97 22.47 -9.47
C LYS A 37 -3.16 23.00 -10.26
N SER A 38 -4.16 22.16 -10.44
CA SER A 38 -5.37 22.54 -11.19
C SER A 38 -5.00 23.25 -12.48
N ILE A 39 -4.47 22.49 -13.43
CA ILE A 39 -4.08 23.04 -14.73
C ILE A 39 -5.20 22.92 -15.75
N LYS A 40 -6.37 23.41 -15.38
CA LYS A 40 -7.53 23.36 -16.27
C LYS A 40 -7.77 21.94 -16.77
N LYS A 41 -7.66 20.98 -15.87
CA LYS A 41 -7.86 19.58 -16.22
C LYS A 41 -8.10 18.73 -14.98
N LYS A 42 -8.08 17.41 -15.15
CA LYS A 42 -8.29 16.49 -14.04
C LYS A 42 -9.67 16.66 -13.44
N ARG A 43 -10.63 15.87 -13.92
CA ARG A 43 -12.00 15.93 -13.43
C ARG A 43 -12.65 14.55 -13.45
N ALA A 44 -12.42 13.81 -14.54
CA ALA A 44 -12.98 12.47 -14.67
C ALA A 44 -12.27 11.69 -15.78
N SER B 1 7.87 -25.49 6.76
CA SER B 1 9.20 -25.23 6.26
C SER B 1 9.92 -24.21 7.14
N THR B 2 10.62 -24.71 8.16
CA THR B 2 11.34 -23.84 9.08
C THR B 2 10.46 -22.73 9.62
N LEU B 3 11.06 -21.78 10.32
CA LEU B 3 10.33 -20.66 10.88
C LEU B 3 10.45 -19.42 10.00
N PRO B 4 9.44 -18.53 10.08
CA PRO B 4 9.42 -17.29 9.29
C PRO B 4 10.47 -16.29 9.76
N GLN B 5 10.39 -15.07 9.24
CA GLN B 5 11.33 -14.02 9.60
C GLN B 5 11.14 -13.59 11.05
N HIS B 6 9.90 -13.72 11.54
CA HIS B 6 9.58 -13.34 12.91
C HIS B 6 8.21 -13.89 13.32
N ALA B 7 8.21 -15.10 13.88
CA ALA B 7 6.97 -15.73 14.31
C ALA B 7 6.53 -15.19 15.67
N ARG B 8 7.32 -14.30 16.24
CA ARG B 8 7.02 -13.70 17.54
C ARG B 8 6.00 -12.58 17.38
N THR B 9 6.32 -11.61 16.52
CA THR B 9 5.45 -10.47 16.28
C THR B 9 4.90 -10.49 14.87
N PRO B 10 3.94 -11.40 14.62
CA PRO B 10 3.31 -11.54 13.30
C PRO B 10 2.41 -10.35 12.96
N LEU B 11 1.66 -9.89 13.96
CA LEU B 11 0.75 -8.76 13.76
C LEU B 11 1.49 -7.57 13.16
N ILE B 12 2.37 -6.97 13.94
CA ILE B 12 3.15 -5.82 13.48
C ILE B 12 3.91 -6.15 12.20
N ALA B 13 4.55 -7.31 12.18
CA ALA B 13 5.31 -7.74 11.02
C ALA B 13 4.47 -7.66 9.75
N ALA B 14 3.38 -8.42 9.70
CA ALA B 14 2.49 -8.43 8.55
C ALA B 14 2.09 -7.01 8.17
N GLY B 15 1.93 -6.15 9.16
CA GLY B 15 1.54 -4.77 8.90
C GLY B 15 2.53 -4.06 8.01
N VAL B 16 3.79 -4.02 8.44
CA VAL B 16 4.83 -3.35 7.66
C VAL B 16 5.05 -4.05 6.32
N ILE B 17 4.95 -5.37 6.33
CA ILE B 17 5.13 -6.15 5.11
C ILE B 17 4.05 -5.84 4.08
N GLY B 18 2.80 -5.83 4.54
CA GLY B 18 1.69 -5.53 3.65
C GLY B 18 1.82 -4.19 2.98
N GLY B 19 2.04 -3.15 3.77
CA GLY B 19 2.18 -1.81 3.22
C GLY B 19 3.30 -1.72 2.20
N LEU B 20 4.42 -2.36 2.50
CA LEU B 20 5.57 -2.35 1.60
C LEU B 20 5.28 -3.13 0.33
N PHE B 21 4.98 -4.41 0.49
CA PHE B 21 4.69 -5.27 -0.65
C PHE B 21 3.61 -4.65 -1.53
N ILE B 22 2.46 -4.37 -0.93
CA ILE B 22 1.34 -3.77 -1.66
C ILE B 22 1.79 -2.51 -2.40
N LEU B 23 2.63 -1.71 -1.76
CA LEU B 23 3.12 -0.48 -2.36
C LEU B 23 4.06 -0.78 -3.53
N VAL B 24 4.84 -1.85 -3.38
CA VAL B 24 5.79 -2.25 -4.42
C VAL B 24 5.07 -2.53 -5.73
N ILE B 25 3.98 -3.30 -5.65
CA ILE B 25 3.20 -3.64 -6.83
C ILE B 25 2.54 -2.40 -7.44
N VAL B 26 1.77 -1.70 -6.64
CA VAL B 26 1.09 -0.49 -7.10
C VAL B 26 2.08 0.51 -7.69
N GLY B 27 3.11 0.84 -6.93
CA GLY B 27 4.12 1.77 -7.39
C GLY B 27 4.68 1.39 -8.75
N LEU B 28 5.22 0.19 -8.85
CA LEU B 28 5.79 -0.29 -10.10
C LEU B 28 4.75 -0.27 -11.21
N THR B 29 3.54 -0.73 -10.90
CA THR B 29 2.46 -0.77 -11.87
C THR B 29 2.27 0.58 -12.55
N PHE B 30 2.43 1.65 -11.77
CA PHE B 30 2.29 3.01 -12.29
C PHE B 30 3.44 3.36 -13.21
N ALA B 31 4.66 3.21 -12.70
CA ALA B 31 5.86 3.51 -13.48
C ALA B 31 5.91 2.68 -14.76
N VAL B 32 5.40 1.46 -14.68
CA VAL B 32 5.39 0.56 -15.83
C VAL B 32 4.29 0.95 -16.82
N TYR B 33 3.09 1.15 -16.32
CA TYR B 33 1.96 1.53 -17.16
C TYR B 33 2.29 2.75 -18.01
N VAL B 34 2.96 3.72 -17.40
CA VAL B 34 3.34 4.94 -18.10
C VAL B 34 4.37 4.65 -19.18
N ARG B 35 5.37 3.84 -18.85
CA ARG B 35 6.42 3.49 -19.81
C ARG B 35 5.81 2.95 -21.09
N ARG B 36 4.76 2.15 -20.96
CA ARG B 36 4.09 1.57 -22.13
C ARG B 36 3.71 2.66 -23.13
N LYS B 37 3.55 3.88 -22.64
CA LYS B 37 3.19 5.01 -23.49
C LYS B 37 4.43 5.63 -24.13
N SER B 38 5.43 5.92 -23.31
CA SER B 38 6.67 6.53 -23.78
C SER B 38 6.37 7.69 -24.74
N ILE B 39 5.89 8.79 -24.17
CA ILE B 39 5.57 9.97 -24.96
C ILE B 39 6.75 10.93 -25.02
N LYS B 40 7.90 10.42 -25.42
CA LYS B 40 9.11 11.24 -25.52
C LYS B 40 9.36 12.00 -24.21
N LYS B 41 9.19 11.31 -23.09
CA LYS B 41 9.40 11.92 -21.78
C LYS B 41 9.54 10.85 -20.70
N LYS B 42 9.53 11.27 -19.45
CA LYS B 42 9.66 10.35 -18.32
C LYS B 42 11.01 9.65 -18.34
N ARG B 43 11.98 10.23 -17.64
CA ARG B 43 13.31 9.65 -17.58
C ARG B 43 13.95 9.91 -16.21
N ALA B 44 13.79 11.13 -15.70
CA ALA B 44 14.34 11.49 -14.41
C ALA B 44 13.70 12.77 -13.88
N SER A 1 -11.60 -23.82 8.28
CA SER A 1 -10.38 -23.55 9.00
C SER A 1 -10.68 -23.21 10.47
N THR A 2 -10.67 -24.23 11.32
CA THR A 2 -10.95 -24.04 12.73
C THR A 2 -9.93 -23.09 13.36
N LEU A 3 -10.42 -22.18 14.20
CA LEU A 3 -9.56 -21.22 14.87
C LEU A 3 -9.15 -21.72 16.25
N PRO A 4 -8.03 -21.19 16.76
CA PRO A 4 -7.50 -21.57 18.08
C PRO A 4 -8.38 -21.06 19.22
N GLN A 5 -7.85 -21.14 20.44
CA GLN A 5 -8.58 -20.67 21.61
C GLN A 5 -8.62 -19.15 21.68
N HIS A 6 -9.72 -18.58 21.18
CA HIS A 6 -9.88 -17.13 21.18
C HIS A 6 -8.82 -16.46 20.31
N ALA A 7 -9.22 -16.04 19.12
CA ALA A 7 -8.31 -15.39 18.19
C ALA A 7 -9.07 -14.60 17.13
N ARG A 8 -8.89 -13.29 17.12
CA ARG A 8 -9.56 -12.42 16.16
C ARG A 8 -8.75 -12.30 14.88
N THR A 9 -7.77 -13.20 14.71
CA THR A 9 -6.92 -13.20 13.53
C THR A 9 -6.29 -11.83 13.30
N PRO A 10 -5.41 -11.43 14.23
CA PRO A 10 -4.72 -10.14 14.15
C PRO A 10 -3.71 -10.08 13.01
N LEU A 11 -2.98 -11.18 12.83
CA LEU A 11 -1.97 -11.27 11.77
C LEU A 11 -2.58 -10.94 10.41
N ILE A 12 -3.45 -11.82 9.93
CA ILE A 12 -4.10 -11.62 8.64
C ILE A 12 -4.82 -10.27 8.60
N ALA A 13 -5.57 -9.96 9.65
CA ALA A 13 -6.30 -8.70 9.72
C ALA A 13 -5.39 -7.52 9.44
N ALA A 14 -4.36 -7.36 10.28
CA ALA A 14 -3.41 -6.26 10.11
C ALA A 14 -2.86 -6.22 8.69
N GLY A 15 -2.71 -7.38 8.08
CA GLY A 15 -2.20 -7.46 6.73
C GLY A 15 -3.06 -6.71 5.74
N VAL A 16 -4.33 -7.08 5.67
CA VAL A 16 -5.27 -6.43 4.76
C VAL A 16 -5.46 -4.97 5.11
N ILE A 17 -5.48 -4.68 6.42
CA ILE A 17 -5.66 -3.31 6.89
C ILE A 17 -4.49 -2.43 6.48
N GLY A 18 -3.27 -2.91 6.73
CA GLY A 18 -2.09 -2.15 6.37
C GLY A 18 -2.05 -1.79 4.90
N GLY A 19 -2.20 -2.78 4.04
CA GLY A 19 -2.18 -2.56 2.61
C GLY A 19 -3.22 -1.54 2.17
N LEU A 20 -4.42 -1.65 2.74
CA LEU A 20 -5.50 -0.73 2.40
C LEU A 20 -5.21 0.67 2.92
N PHE A 21 -5.01 0.79 4.22
CA PHE A 21 -4.73 2.07 4.84
C PHE A 21 -3.57 2.77 4.14
N ILE A 22 -2.44 2.08 4.03
CA ILE A 22 -1.27 2.63 3.37
C ILE A 22 -1.60 3.16 1.98
N LEU A 23 -2.37 2.37 1.23
CA LEU A 23 -2.77 2.74 -0.12
C LEU A 23 -3.68 3.97 -0.09
N VAL A 24 -4.54 4.04 0.92
CA VAL A 24 -5.47 5.16 1.06
C VAL A 24 -4.72 6.49 1.12
N ILE A 25 -3.69 6.54 1.95
CA ILE A 25 -2.88 7.74 2.11
C ILE A 25 -2.16 8.09 0.81
N VAL A 26 -1.37 7.15 0.31
CA VAL A 26 -0.63 7.36 -0.93
C VAL A 26 -1.55 7.79 -2.07
N GLY A 27 -2.59 7.00 -2.30
CA GLY A 27 -3.54 7.31 -3.35
C GLY A 27 -4.06 8.74 -3.25
N LEU A 28 -4.66 9.07 -2.12
CA LEU A 28 -5.20 10.40 -1.90
C LEU A 28 -4.13 11.47 -2.06
N THR A 29 -2.95 11.20 -1.50
CA THR A 29 -1.83 12.13 -1.58
C THR A 29 -1.58 12.55 -3.03
N PHE A 30 -1.71 11.60 -3.94
CA PHE A 30 -1.49 11.88 -5.36
C PHE A 30 -2.61 12.73 -5.93
N ALA A 31 -3.85 12.32 -5.69
CA ALA A 31 -5.01 13.05 -6.17
C ALA A 31 -5.06 14.46 -5.58
N VAL A 32 -4.50 14.61 -4.39
CA VAL A 32 -4.48 15.90 -3.72
C VAL A 32 -3.33 16.77 -4.23
N TYR A 33 -2.16 16.18 -4.38
CA TYR A 33 -1.00 16.90 -4.86
C TYR A 33 -1.27 17.54 -6.22
N VAL A 34 -1.93 16.78 -7.10
CA VAL A 34 -2.25 17.28 -8.43
C VAL A 34 -3.25 18.43 -8.37
N ARG A 35 -4.30 18.26 -7.55
CA ARG A 35 -5.31 19.29 -7.39
C ARG A 35 -4.68 20.64 -7.07
N ARG A 36 -3.66 20.62 -6.23
CA ARG A 36 -2.97 21.84 -5.83
C ARG A 36 -2.53 22.63 -7.05
N LYS A 37 -2.34 21.94 -8.16
CA LYS A 37 -1.92 22.57 -9.41
C LYS A 37 -3.12 23.12 -10.17
N SER A 38 -4.14 22.29 -10.35
CA SER A 38 -5.34 22.70 -11.07
C SER A 38 -4.98 23.41 -12.37
N ILE A 39 -4.65 22.63 -13.39
CA ILE A 39 -4.30 23.20 -14.68
C ILE A 39 -5.51 23.29 -15.61
N LYS A 40 -6.54 24.00 -15.15
CA LYS A 40 -7.76 24.17 -15.93
C LYS A 40 -8.30 22.82 -16.38
N LYS A 41 -8.28 21.84 -15.48
CA LYS A 41 -8.78 20.50 -15.79
C LYS A 41 -10.31 20.47 -15.78
N LYS A 42 -10.89 20.19 -16.94
CA LYS A 42 -12.34 20.13 -17.07
C LYS A 42 -12.74 19.30 -18.30
N ARG A 43 -13.73 18.43 -18.12
CA ARG A 43 -14.21 17.59 -19.21
C ARG A 43 -15.64 17.13 -18.95
N ALA A 44 -16.38 16.92 -20.03
CA ALA A 44 -17.77 16.48 -19.93
C ALA A 44 -18.22 15.76 -21.19
N SER B 1 9.15 -3.19 27.32
CA SER B 1 7.94 -3.92 26.95
C SER B 1 8.22 -5.42 26.88
N THR B 2 8.01 -6.12 28.00
CA THR B 2 8.24 -7.55 28.07
C THR B 2 7.35 -8.29 27.08
N LEU B 3 7.94 -9.27 26.39
CA LEU B 3 7.20 -10.06 25.41
C LEU B 3 6.63 -11.33 26.03
N PRO B 4 5.54 -11.84 25.45
CA PRO B 4 4.88 -13.06 25.94
C PRO B 4 5.72 -14.31 25.70
N GLN B 5 5.12 -15.47 25.92
CA GLN B 5 5.82 -16.74 25.73
C GLN B 5 5.97 -17.05 24.23
N HIS B 6 7.15 -16.74 23.70
CA HIS B 6 7.42 -16.98 22.28
C HIS B 6 6.49 -16.15 21.40
N ALA B 7 7.04 -15.09 20.82
CA ALA B 7 6.26 -14.21 19.95
C ALA B 7 7.17 -13.39 19.05
N ARG B 8 7.02 -13.58 17.74
CA ARG B 8 7.83 -12.85 16.77
C ARG B 8 7.12 -11.60 16.29
N THR B 9 6.14 -11.15 17.07
CA THR B 9 5.37 -9.96 16.72
C THR B 9 4.82 -10.05 15.30
N PRO B 10 3.90 -11.00 15.07
CA PRO B 10 3.28 -11.21 13.76
C PRO B 10 2.36 -10.06 13.36
N LEU B 11 1.59 -9.56 14.33
CA LEU B 11 0.66 -8.46 14.08
C LEU B 11 1.39 -7.27 13.45
N ILE B 12 2.24 -6.62 14.25
CA ILE B 12 3.00 -5.48 13.78
C ILE B 12 3.79 -5.81 12.51
N ALA B 13 4.47 -6.95 12.53
CA ALA B 13 5.25 -7.39 11.38
C ALA B 13 4.42 -7.37 10.11
N ALA B 14 3.34 -8.13 10.09
CA ALA B 14 2.46 -8.20 8.92
C ALA B 14 2.05 -6.80 8.47
N GLY B 15 1.85 -5.92 9.44
CA GLY B 15 1.46 -4.55 9.12
C GLY B 15 2.45 -3.86 8.21
N VAL B 16 3.70 -3.77 8.65
CA VAL B 16 4.75 -3.12 7.88
C VAL B 16 5.00 -3.87 6.56
N ILE B 17 4.91 -5.19 6.62
CA ILE B 17 5.13 -6.01 5.43
C ILE B 17 4.06 -5.75 4.38
N GLY B 18 2.80 -5.74 4.81
CA GLY B 18 1.70 -5.49 3.90
C GLY B 18 1.84 -4.17 3.17
N GLY B 19 2.03 -3.10 3.95
CA GLY B 19 2.18 -1.78 3.35
C GLY B 19 3.30 -1.71 2.34
N LEU B 20 4.42 -2.35 2.66
CA LEU B 20 5.58 -2.35 1.77
C LEU B 20 5.30 -3.18 0.52
N PHE B 21 5.00 -4.46 0.72
CA PHE B 21 4.72 -5.36 -0.38
C PHE B 21 3.65 -4.77 -1.30
N ILE B 22 2.50 -4.45 -0.72
CA ILE B 22 1.40 -3.87 -1.49
C ILE B 22 1.86 -2.65 -2.28
N LEU B 23 2.66 -1.80 -1.65
CA LEU B 23 3.17 -0.59 -2.29
C LEU B 23 4.12 -0.96 -3.44
N VAL B 24 4.93 -1.99 -3.23
CA VAL B 24 5.87 -2.43 -4.24
C VAL B 24 5.16 -2.76 -5.55
N ILE B 25 4.09 -3.54 -5.46
CA ILE B 25 3.32 -3.92 -6.64
C ILE B 25 2.71 -2.71 -7.31
N VAL B 26 1.92 -1.95 -6.56
CA VAL B 26 1.27 -0.76 -7.08
C VAL B 26 2.29 0.19 -7.71
N GLY B 27 3.32 0.54 -6.96
CA GLY B 27 4.34 1.43 -7.47
C GLY B 27 4.90 0.97 -8.79
N LEU B 28 5.43 -0.25 -8.82
CA LEU B 28 6.00 -0.81 -10.04
C LEU B 28 4.98 -0.83 -11.17
N THR B 29 3.76 -1.25 -10.83
CA THR B 29 2.68 -1.33 -11.82
C THR B 29 2.53 -0.01 -12.56
N PHE B 30 2.71 1.09 -11.84
CA PHE B 30 2.58 2.42 -12.45
C PHE B 30 3.76 2.72 -13.37
N ALA B 31 4.97 2.51 -12.85
CA ALA B 31 6.18 2.76 -13.63
C ALA B 31 6.24 1.84 -14.84
N VAL B 32 5.62 0.66 -14.73
CA VAL B 32 5.61 -0.30 -15.82
C VAL B 32 4.51 0.04 -16.84
N TYR B 33 3.33 0.39 -16.33
CA TYR B 33 2.21 0.73 -17.20
C TYR B 33 2.58 1.87 -18.13
N VAL B 34 3.26 2.88 -17.60
CA VAL B 34 3.67 4.03 -18.39
C VAL B 34 4.69 3.64 -19.45
N ARG B 35 5.68 2.84 -19.05
CA ARG B 35 6.71 2.39 -19.97
C ARG B 35 6.10 1.76 -21.23
N ARG B 36 5.03 1.00 -21.04
CA ARG B 36 4.35 0.35 -22.15
C ARG B 36 3.99 1.36 -23.23
N LYS B 37 3.86 2.63 -22.84
CA LYS B 37 3.53 3.70 -23.78
C LYS B 37 4.78 4.24 -24.45
N SER B 38 5.78 4.57 -23.65
CA SER B 38 7.03 5.11 -24.17
C SER B 38 6.76 6.21 -25.19
N ILE B 39 6.49 7.42 -24.70
CA ILE B 39 6.22 8.55 -25.57
C ILE B 39 7.48 9.35 -25.85
N LYS B 40 8.49 8.67 -26.39
CA LYS B 40 9.77 9.32 -26.72
C LYS B 40 10.31 10.07 -25.51
N LYS B 41 10.22 9.45 -24.34
CA LYS B 41 10.70 10.06 -23.10
C LYS B 41 12.23 9.99 -23.03
N LYS B 42 12.87 11.15 -23.06
CA LYS B 42 14.32 11.22 -22.99
C LYS B 42 14.79 12.61 -22.54
N ARG B 43 15.74 12.64 -21.61
CA ARG B 43 16.27 13.90 -21.11
C ARG B 43 17.67 13.72 -20.55
N ALA B 44 18.48 14.77 -20.63
CA ALA B 44 19.84 14.72 -20.13
C ALA B 44 20.36 16.12 -19.80
N SER A 1 -1.71 -28.34 17.88
CA SER A 1 -1.63 -26.89 18.01
C SER A 1 -2.93 -26.33 18.61
N THR A 2 -2.79 -25.27 19.39
CA THR A 2 -3.95 -24.64 20.03
C THR A 2 -3.94 -23.14 19.81
N LEU A 3 -5.11 -22.52 19.93
CA LEU A 3 -5.24 -21.07 19.75
C LEU A 3 -5.45 -20.38 21.09
N PRO A 4 -5.12 -19.08 21.15
CA PRO A 4 -5.25 -18.27 22.36
C PRO A 4 -6.72 -18.00 22.71
N GLN A 5 -6.93 -17.07 23.64
CA GLN A 5 -8.29 -16.73 24.07
C GLN A 5 -8.98 -15.88 23.01
N HIS A 6 -9.93 -16.49 22.29
CA HIS A 6 -10.67 -15.79 21.25
C HIS A 6 -9.72 -15.09 20.28
N ALA A 7 -9.21 -15.85 19.32
CA ALA A 7 -8.28 -15.30 18.33
C ALA A 7 -9.03 -14.49 17.28
N ARG A 8 -8.81 -13.18 17.29
CA ARG A 8 -9.47 -12.29 16.34
C ARG A 8 -8.67 -12.18 15.05
N THR A 9 -7.71 -13.10 14.87
CA THR A 9 -6.87 -13.11 13.69
C THR A 9 -6.25 -11.74 13.44
N PRO A 10 -5.36 -11.32 14.36
CA PRO A 10 -4.67 -10.04 14.26
C PRO A 10 -3.67 -10.00 13.11
N LEU A 11 -2.90 -11.07 12.96
CA LEU A 11 -1.90 -11.17 11.91
C LEU A 11 -2.52 -10.85 10.55
N ILE A 12 -3.38 -11.75 10.08
CA ILE A 12 -4.04 -11.56 8.78
C ILE A 12 -4.76 -10.22 8.72
N ALA A 13 -5.50 -9.90 9.78
CA ALA A 13 -6.23 -8.64 9.84
C ALA A 13 -5.33 -7.46 9.54
N ALA A 14 -4.29 -7.28 10.37
CA ALA A 14 -3.35 -6.19 10.18
C ALA A 14 -2.81 -6.16 8.76
N GLY A 15 -2.66 -7.34 8.17
CA GLY A 15 -2.15 -7.43 6.81
C GLY A 15 -3.03 -6.70 5.82
N VAL A 16 -4.30 -7.07 5.75
CA VAL A 16 -5.24 -6.44 4.83
C VAL A 16 -5.44 -4.97 5.18
N ILE A 17 -5.45 -4.66 6.47
CA ILE A 17 -5.63 -3.29 6.92
C ILE A 17 -4.46 -2.42 6.50
N GLY A 18 -3.25 -2.89 6.76
CA GLY A 18 -2.05 -2.13 6.40
C GLY A 18 -2.02 -1.78 4.92
N GLY A 19 -2.18 -2.79 4.08
CA GLY A 19 -2.15 -2.57 2.64
C GLY A 19 -3.20 -1.56 2.19
N LEU A 20 -4.41 -1.68 2.74
CA LEU A 20 -5.49 -0.77 2.39
C LEU A 20 -5.20 0.64 2.89
N PHE A 21 -5.02 0.76 4.21
CA PHE A 21 -4.73 2.06 4.82
C PHE A 21 -3.59 2.76 4.11
N ILE A 22 -2.45 2.08 4.02
CA ILE A 22 -1.27 2.64 3.37
C ILE A 22 -1.62 3.15 1.97
N LEU A 23 -2.39 2.36 1.23
CA LEU A 23 -2.80 2.72 -0.12
C LEU A 23 -3.69 3.95 -0.11
N VAL A 24 -4.59 4.02 0.87
CA VAL A 24 -5.50 5.15 1.00
C VAL A 24 -4.74 6.47 1.06
N ILE A 25 -3.72 6.52 1.92
CA ILE A 25 -2.92 7.72 2.06
C ILE A 25 -2.19 8.07 0.76
N VAL A 26 -1.40 7.13 0.27
CA VAL A 26 -0.66 7.33 -0.97
C VAL A 26 -1.58 7.78 -2.10
N GLY A 27 -2.63 7.00 -2.34
CA GLY A 27 -3.58 7.34 -3.40
C GLY A 27 -4.09 8.76 -3.28
N LEU A 28 -4.71 9.09 -2.15
CA LEU A 28 -5.24 10.42 -1.92
C LEU A 28 -4.16 11.48 -2.08
N THR A 29 -2.98 11.20 -1.52
CA THR A 29 -1.86 12.13 -1.59
C THR A 29 -1.59 12.54 -3.03
N PHE A 30 -1.73 11.60 -3.95
CA PHE A 30 -1.50 11.87 -5.37
C PHE A 30 -2.60 12.75 -5.94
N ALA A 31 -3.85 12.36 -5.70
CA ALA A 31 -4.99 13.12 -6.18
C ALA A 31 -5.02 14.52 -5.58
N VAL A 32 -4.48 14.65 -4.37
CA VAL A 32 -4.44 15.93 -3.68
C VAL A 32 -3.28 16.80 -4.18
N TYR A 33 -2.11 16.18 -4.32
CA TYR A 33 -0.92 16.89 -4.77
C TYR A 33 -1.17 17.54 -6.13
N VAL A 34 -1.84 16.81 -7.02
CA VAL A 34 -2.15 17.33 -8.35
C VAL A 34 -3.12 18.49 -8.27
N ARG A 35 -4.18 18.34 -7.48
CA ARG A 35 -5.18 19.38 -7.32
C ARG A 35 -4.53 20.71 -6.98
N ARG A 36 -3.51 20.67 -6.12
CA ARG A 36 -2.80 21.87 -5.70
C ARG A 36 -2.33 22.68 -6.92
N LYS A 37 -2.17 21.99 -8.05
CA LYS A 37 -1.73 22.64 -9.28
C LYS A 37 -2.92 23.23 -10.03
N SER A 38 -3.95 22.41 -10.23
CA SER A 38 -5.15 22.86 -10.94
C SER A 38 -4.77 23.60 -12.22
N ILE A 39 -4.42 22.84 -13.25
CA ILE A 39 -4.03 23.44 -14.53
C ILE A 39 -5.26 23.73 -15.39
N LYS A 40 -6.20 24.48 -14.83
CA LYS A 40 -7.43 24.84 -15.53
C LYS A 40 -8.10 23.60 -16.11
N LYS A 41 -8.09 22.51 -15.35
CA LYS A 41 -8.71 21.26 -15.77
C LYS A 41 -10.22 21.30 -15.56
N LYS A 42 -10.88 22.24 -16.23
CA LYS A 42 -12.32 22.38 -16.13
C LYS A 42 -12.74 22.68 -14.69
N ARG A 43 -14.02 22.93 -14.49
CA ARG A 43 -14.55 23.23 -13.15
C ARG A 43 -13.80 24.41 -12.53
N ALA A 44 -14.31 25.61 -12.76
CA ALA A 44 -13.69 26.81 -12.21
C ALA A 44 -14.65 28.00 -12.28
N SER B 1 -0.46 -9.69 32.47
CA SER B 1 -0.47 -10.12 31.08
C SER B 1 0.73 -11.01 30.77
N THR B 2 0.54 -11.97 29.87
CA THR B 2 1.61 -12.89 29.49
C THR B 2 1.72 -13.00 27.98
N LEU B 3 2.89 -13.42 27.50
CA LEU B 3 3.12 -13.58 26.07
C LEU B 3 3.15 -15.05 25.68
N PRO B 4 2.82 -15.33 24.41
CA PRO B 4 2.81 -16.70 23.89
C PRO B 4 4.21 -17.29 23.76
N GLN B 5 4.31 -18.44 23.10
CA GLN B 5 5.59 -19.10 22.91
C GLN B 5 6.43 -18.37 21.86
N HIS B 6 7.45 -17.67 22.32
CA HIS B 6 8.32 -16.92 21.42
C HIS B 6 7.52 -16.02 20.50
N ALA B 7 7.12 -14.86 21.01
CA ALA B 7 6.34 -13.91 20.22
C ALA B 7 7.23 -13.16 19.24
N ARG B 8 7.03 -13.40 17.95
CA ARG B 8 7.81 -12.74 16.92
C ARG B 8 7.10 -11.49 16.42
N THR B 9 6.14 -11.01 17.20
CA THR B 9 5.39 -9.82 16.83
C THR B 9 4.84 -9.93 15.41
N PRO B 10 3.90 -10.86 15.20
CA PRO B 10 3.27 -11.08 13.89
C PRO B 10 2.37 -9.93 13.48
N LEU B 11 1.58 -9.44 14.43
CA LEU B 11 0.66 -8.33 14.17
C LEU B 11 1.39 -7.15 13.53
N ILE B 12 2.25 -6.51 14.31
CA ILE B 12 3.02 -5.37 13.83
C ILE B 12 3.80 -5.72 12.56
N ALA B 13 4.46 -6.87 12.60
CA ALA B 13 5.24 -7.33 11.46
C ALA B 13 4.41 -7.30 10.17
N ALA B 14 3.34 -8.07 10.16
CA ALA B 14 2.45 -8.14 9.00
C ALA B 14 2.05 -6.74 8.54
N GLY B 15 1.87 -5.84 9.50
CA GLY B 15 1.48 -4.48 9.18
C GLY B 15 2.48 -3.79 8.26
N VAL B 16 3.73 -3.71 8.71
CA VAL B 16 4.79 -3.08 7.92
C VAL B 16 5.02 -3.82 6.61
N ILE B 17 4.92 -5.15 6.67
CA ILE B 17 5.12 -5.98 5.49
C ILE B 17 4.04 -5.73 4.44
N GLY B 18 2.79 -5.71 4.88
CA GLY B 18 1.68 -5.46 3.97
C GLY B 18 1.82 -4.14 3.23
N GLY B 19 2.03 -3.07 3.99
CA GLY B 19 2.16 -1.76 3.38
C GLY B 19 3.29 -1.71 2.37
N LEU B 20 4.42 -2.32 2.71
CA LEU B 20 5.58 -2.33 1.82
C LEU B 20 5.30 -3.17 0.58
N PHE B 21 5.01 -4.45 0.80
CA PHE B 21 4.73 -5.37 -0.30
C PHE B 21 3.67 -4.78 -1.24
N ILE B 22 2.50 -4.47 -0.66
CA ILE B 22 1.41 -3.90 -1.44
C ILE B 22 1.87 -2.70 -2.24
N LEU B 23 2.69 -1.85 -1.62
CA LEU B 23 3.20 -0.65 -2.28
C LEU B 23 4.13 -1.02 -3.43
N VAL B 24 4.97 -2.04 -3.21
CA VAL B 24 5.90 -2.49 -4.23
C VAL B 24 5.18 -2.83 -5.54
N ILE B 25 4.11 -3.62 -5.42
CA ILE B 25 3.32 -4.01 -6.58
C ILE B 25 2.71 -2.79 -7.27
N VAL B 26 1.92 -2.03 -6.51
CA VAL B 26 1.28 -0.84 -7.05
C VAL B 26 2.29 0.08 -7.72
N GLY B 27 3.34 0.45 -6.99
CA GLY B 27 4.36 1.32 -7.54
C GLY B 27 4.90 0.82 -8.87
N LEU B 28 5.44 -0.39 -8.86
CA LEU B 28 5.99 -0.99 -10.08
C LEU B 28 4.95 -1.03 -11.18
N THR B 29 3.74 -1.43 -10.83
CA THR B 29 2.65 -1.52 -11.80
C THR B 29 2.49 -0.21 -12.57
N PHE B 30 2.66 0.91 -11.87
CA PHE B 30 2.55 2.22 -12.50
C PHE B 30 3.71 2.47 -13.45
N ALA B 31 4.92 2.28 -12.95
CA ALA B 31 6.12 2.49 -13.76
C ALA B 31 6.14 1.55 -14.96
N VAL B 32 5.52 0.38 -14.81
CA VAL B 32 5.48 -0.59 -15.88
C VAL B 32 4.37 -0.27 -16.88
N TYR B 33 3.20 0.08 -16.36
CA TYR B 33 2.06 0.42 -17.21
C TYR B 33 2.41 1.54 -18.17
N VAL B 34 3.14 2.54 -17.67
CA VAL B 34 3.54 3.68 -18.48
C VAL B 34 4.54 3.26 -19.56
N ARG B 35 5.52 2.45 -19.17
CA ARG B 35 6.53 1.97 -20.10
C ARG B 35 5.88 1.37 -21.35
N ARG B 36 4.80 0.63 -21.14
CA ARG B 36 4.08 -0.01 -22.25
C ARG B 36 3.74 1.01 -23.33
N LYS B 37 3.65 2.27 -22.94
CA LYS B 37 3.33 3.34 -23.88
C LYS B 37 4.58 3.85 -24.57
N SER B 38 5.61 4.16 -23.78
CA SER B 38 6.86 4.68 -24.32
C SER B 38 6.62 5.77 -25.35
N ILE B 39 6.31 6.97 -24.86
CA ILE B 39 6.06 8.10 -25.74
C ILE B 39 7.35 8.78 -26.16
N LYS B 40 8.27 8.00 -26.72
CA LYS B 40 9.55 8.53 -27.17
C LYS B 40 10.23 9.33 -26.06
N LYS B 41 10.13 8.84 -24.83
CA LYS B 41 10.73 9.49 -23.68
C LYS B 41 12.22 9.19 -23.60
N LYS B 42 12.97 9.57 -24.63
CA LYS B 42 14.40 9.34 -24.67
C LYS B 42 14.71 7.85 -24.59
N ARG B 43 15.99 7.51 -24.73
CA ARG B 43 16.42 6.11 -24.67
C ARG B 43 15.67 5.28 -25.69
N ALA B 44 16.23 5.16 -26.89
CA ALA B 44 15.61 4.38 -27.96
C ALA B 44 16.61 4.09 -29.07
N SER A 1 -9.44 -24.07 8.12
CA SER A 1 -8.22 -24.00 8.92
C SER A 1 -8.53 -24.24 10.39
N THR A 2 -7.53 -24.71 11.13
CA THR A 2 -7.69 -24.99 12.55
C THR A 2 -7.26 -23.80 13.39
N LEU A 3 -8.22 -23.18 14.08
CA LEU A 3 -7.93 -22.03 14.93
C LEU A 3 -8.07 -22.39 16.41
N PRO A 4 -7.40 -21.61 17.27
CA PRO A 4 -7.44 -21.83 18.72
C PRO A 4 -8.80 -21.50 19.33
N GLN A 5 -8.85 -21.41 20.65
CA GLN A 5 -10.10 -21.10 21.34
C GLN A 5 -10.44 -19.62 21.20
N HIS A 6 -9.43 -18.77 21.29
CA HIS A 6 -9.64 -17.32 21.17
C HIS A 6 -8.59 -16.70 20.26
N ALA A 7 -9.05 -16.03 19.20
CA ALA A 7 -8.16 -15.38 18.26
C ALA A 7 -8.94 -14.61 17.21
N ARG A 8 -8.76 -13.29 17.20
CA ARG A 8 -9.45 -12.43 16.24
C ARG A 8 -8.67 -12.32 14.94
N THR A 9 -7.69 -13.21 14.77
CA THR A 9 -6.86 -13.21 13.57
C THR A 9 -6.23 -11.83 13.33
N PRO A 10 -5.34 -11.42 14.23
CA PRO A 10 -4.66 -10.13 14.15
C PRO A 10 -3.66 -10.08 12.99
N LEU A 11 -2.91 -11.16 12.82
CA LEU A 11 -1.91 -11.24 11.76
C LEU A 11 -2.54 -10.91 10.40
N ILE A 12 -3.41 -11.80 9.94
CA ILE A 12 -4.08 -11.61 8.65
C ILE A 12 -4.80 -10.26 8.61
N ALA A 13 -5.54 -9.96 9.67
CA ALA A 13 -6.28 -8.70 9.77
C ALA A 13 -5.37 -7.51 9.47
N ALA A 14 -4.35 -7.33 10.30
CA ALA A 14 -3.41 -6.24 10.13
C ALA A 14 -2.86 -6.19 8.71
N GLY A 15 -2.72 -7.38 8.10
CA GLY A 15 -2.20 -7.45 6.75
C GLY A 15 -3.06 -6.70 5.75
N VAL A 16 -4.34 -7.07 5.68
CA VAL A 16 -5.28 -6.42 4.78
C VAL A 16 -5.47 -4.95 5.12
N ILE A 17 -5.49 -4.66 6.42
CA ILE A 17 -5.66 -3.30 6.89
C ILE A 17 -4.47 -2.41 6.48
N GLY A 18 -3.27 -2.91 6.73
CA GLY A 18 -2.07 -2.16 6.38
C GLY A 18 -2.03 -1.80 4.91
N GLY A 19 -2.19 -2.80 4.05
CA GLY A 19 -2.17 -2.56 2.62
C GLY A 19 -3.21 -1.54 2.18
N LEU A 20 -4.41 -1.65 2.72
CA LEU A 20 -5.49 -0.73 2.38
C LEU A 20 -5.20 0.67 2.91
N PHE A 21 -4.99 0.78 4.21
CA PHE A 21 -4.71 2.07 4.83
C PHE A 21 -3.56 2.77 4.12
N ILE A 22 -2.43 2.09 4.03
CA ILE A 22 -1.25 2.65 3.36
C ILE A 22 -1.59 3.16 1.97
N LEU A 23 -2.36 2.37 1.24
CA LEU A 23 -2.77 2.74 -0.12
C LEU A 23 -3.67 3.96 -0.10
N VAL A 24 -4.55 4.03 0.90
CA VAL A 24 -5.47 5.15 1.04
C VAL A 24 -4.73 6.47 1.10
N ILE A 25 -3.69 6.53 1.93
CA ILE A 25 -2.90 7.74 2.09
C ILE A 25 -2.17 8.09 0.79
N VAL A 26 -1.38 7.14 0.29
CA VAL A 26 -0.63 7.35 -0.95
C VAL A 26 -1.55 7.78 -2.08
N GLY A 27 -2.61 7.00 -2.32
CA GLY A 27 -3.55 7.32 -3.37
C GLY A 27 -4.07 8.73 -3.27
N LEU A 28 -4.69 9.06 -2.14
CA LEU A 28 -5.24 10.39 -1.92
C LEU A 28 -4.16 11.46 -2.08
N THR A 29 -2.99 11.21 -1.48
CA THR A 29 -1.88 12.14 -1.56
C THR A 29 -1.59 12.54 -3.01
N PHE A 30 -1.74 11.58 -3.92
CA PHE A 30 -1.51 11.83 -5.34
C PHE A 30 -2.61 12.70 -5.93
N ALA A 31 -3.85 12.33 -5.67
CA ALA A 31 -5.00 13.07 -6.18
C ALA A 31 -5.05 14.48 -5.59
N VAL A 32 -4.47 14.63 -4.39
CA VAL A 32 -4.45 15.92 -3.71
C VAL A 32 -3.31 16.79 -4.22
N TYR A 33 -2.13 16.20 -4.35
CA TYR A 33 -0.96 16.92 -4.83
C TYR A 33 -1.21 17.53 -6.21
N VAL A 34 -1.86 16.75 -7.07
CA VAL A 34 -2.16 17.21 -8.42
C VAL A 34 -3.18 18.33 -8.41
N ARG A 35 -4.25 18.16 -7.63
CA ARG A 35 -5.29 19.17 -7.53
C ARG A 35 -4.70 20.53 -7.14
N ARG A 36 -3.67 20.51 -6.31
CA ARG A 36 -3.01 21.73 -5.87
C ARG A 36 -2.52 22.53 -7.06
N LYS A 37 -2.30 21.86 -8.19
CA LYS A 37 -1.83 22.51 -9.40
C LYS A 37 -2.99 23.17 -10.15
N SER A 38 -4.16 22.53 -10.09
CA SER A 38 -5.34 23.05 -10.77
C SER A 38 -6.05 24.10 -9.92
N ILE A 39 -6.57 25.13 -10.57
CA ILE A 39 -7.27 26.20 -9.87
C ILE A 39 -8.75 25.87 -9.70
N LYS A 40 -9.03 24.72 -9.09
CA LYS A 40 -10.40 24.30 -8.86
C LYS A 40 -11.27 24.56 -10.09
N LYS A 41 -10.70 24.33 -11.27
CA LYS A 41 -11.42 24.54 -12.52
C LYS A 41 -12.34 23.36 -12.83
N LYS A 42 -13.40 23.63 -13.57
CA LYS A 42 -14.36 22.59 -13.95
C LYS A 42 -15.02 22.00 -12.70
N ARG A 43 -15.62 22.86 -11.89
CA ARG A 43 -16.29 22.42 -10.67
C ARG A 43 -17.67 21.84 -10.99
N ALA A 44 -18.59 22.70 -11.40
CA ALA A 44 -19.94 22.28 -11.74
C ALA A 44 -19.98 21.65 -13.12
N SER B 1 8.40 -2.68 26.92
CA SER B 1 7.12 -3.37 26.85
C SER B 1 7.25 -4.80 27.36
N THR B 2 6.14 -5.36 27.83
CA THR B 2 6.13 -6.73 28.35
C THR B 2 5.72 -7.72 27.27
N LEU B 3 6.65 -8.58 26.88
CA LEU B 3 6.39 -9.59 25.86
C LEU B 3 6.33 -10.99 26.46
N PRO B 4 5.60 -11.89 25.80
CA PRO B 4 5.46 -13.28 26.26
C PRO B 4 6.75 -14.07 26.12
N GLN B 5 6.65 -15.39 26.31
CA GLN B 5 7.81 -16.26 26.20
C GLN B 5 8.21 -16.45 24.74
N HIS B 6 7.21 -16.63 23.88
CA HIS B 6 7.46 -16.82 22.45
C HIS B 6 6.52 -15.96 21.62
N ALA B 7 7.11 -15.11 20.77
CA ALA B 7 6.33 -14.23 19.91
C ALA B 7 7.23 -13.43 18.97
N ARG B 8 7.06 -13.63 17.68
CA ARG B 8 7.87 -12.93 16.68
C ARG B 8 7.16 -11.66 16.21
N THR B 9 6.19 -11.21 16.98
CA THR B 9 5.43 -10.01 16.66
C THR B 9 4.89 -10.09 15.22
N PRO B 10 3.95 -11.03 15.00
CA PRO B 10 3.33 -11.22 13.68
C PRO B 10 2.42 -10.06 13.29
N LEU B 11 1.64 -9.58 14.25
CA LEU B 11 0.72 -8.47 14.01
C LEU B 11 1.45 -7.28 13.40
N ILE B 12 2.31 -6.65 14.20
CA ILE B 12 3.07 -5.49 13.73
C ILE B 12 3.86 -5.84 12.47
N ALA B 13 4.53 -6.98 12.48
CA ALA B 13 5.32 -7.42 11.33
C ALA B 13 4.49 -7.38 10.05
N ALA B 14 3.40 -8.15 10.02
CA ALA B 14 2.53 -8.20 8.86
C ALA B 14 2.12 -6.79 8.42
N GLY B 15 1.93 -5.90 9.40
CA GLY B 15 1.54 -4.54 9.09
C GLY B 15 2.53 -3.84 8.19
N VAL B 16 3.79 -3.77 8.63
CA VAL B 16 4.83 -3.12 7.85
C VAL B 16 5.07 -3.85 6.54
N ILE B 17 4.99 -5.17 6.57
CA ILE B 17 5.19 -5.99 5.38
C ILE B 17 4.12 -5.72 4.33
N GLY B 18 2.86 -5.71 4.78
CA GLY B 18 1.75 -5.46 3.88
C GLY B 18 1.88 -4.13 3.16
N GLY B 19 2.09 -3.06 3.93
CA GLY B 19 2.22 -1.74 3.34
C GLY B 19 3.34 -1.67 2.33
N LEU B 20 4.48 -2.28 2.65
CA LEU B 20 5.62 -2.28 1.76
C LEU B 20 5.35 -3.12 0.51
N PHE B 21 5.06 -4.39 0.71
CA PHE B 21 4.77 -5.30 -0.40
C PHE B 21 3.70 -4.71 -1.32
N ILE B 22 2.55 -4.40 -0.74
CA ILE B 22 1.44 -3.83 -1.50
C ILE B 22 1.89 -2.61 -2.29
N LEU B 23 2.69 -1.77 -1.65
CA LEU B 23 3.20 -0.55 -2.29
C LEU B 23 4.15 -0.89 -3.44
N VAL B 24 4.96 -1.92 -3.25
CA VAL B 24 5.91 -2.36 -4.26
C VAL B 24 5.19 -2.68 -5.57
N ILE B 25 4.13 -3.47 -5.48
CA ILE B 25 3.36 -3.85 -6.66
C ILE B 25 2.73 -2.63 -7.32
N VAL B 26 1.94 -1.89 -6.55
CA VAL B 26 1.28 -0.69 -7.07
C VAL B 26 2.28 0.26 -7.70
N GLY B 27 3.32 0.62 -6.95
CA GLY B 27 4.34 1.51 -7.47
C GLY B 27 4.89 1.07 -8.80
N LEU B 28 5.45 -0.14 -8.83
CA LEU B 28 6.02 -0.70 -10.05
C LEU B 28 4.99 -0.74 -11.17
N THR B 29 3.78 -1.19 -10.84
CA THR B 29 2.70 -1.28 -11.82
C THR B 29 2.52 0.04 -12.54
N PHE B 30 2.70 1.15 -11.82
CA PHE B 30 2.54 2.48 -12.39
C PHE B 30 3.70 2.80 -13.33
N ALA B 31 4.92 2.56 -12.85
CA ALA B 31 6.11 2.83 -13.64
C ALA B 31 6.18 1.93 -14.87
N VAL B 32 5.53 0.77 -14.77
CA VAL B 32 5.51 -0.20 -15.87
C VAL B 32 4.43 0.15 -16.88
N TYR B 33 3.24 0.47 -16.39
CA TYR B 33 2.13 0.83 -17.25
C TYR B 33 2.48 2.02 -18.15
N VAL B 34 3.15 3.00 -17.56
CA VAL B 34 3.54 4.20 -18.30
C VAL B 34 4.59 3.86 -19.36
N ARG B 35 5.60 3.10 -18.96
CA ARG B 35 6.67 2.71 -19.88
C ARG B 35 6.10 2.06 -21.13
N ARG B 36 5.02 1.30 -20.96
CA ARG B 36 4.37 0.61 -22.08
C ARG B 36 3.98 1.62 -23.16
N LYS B 37 3.81 2.87 -22.77
CA LYS B 37 3.43 3.92 -23.71
C LYS B 37 4.65 4.44 -24.47
N SER B 38 5.79 4.48 -23.79
CA SER B 38 7.02 4.96 -24.39
C SER B 38 7.72 3.84 -25.17
N ILE B 39 8.31 4.19 -26.31
CA ILE B 39 9.00 3.23 -27.14
C ILE B 39 10.47 3.10 -26.74
N LYS B 40 10.71 2.78 -25.47
CA LYS B 40 12.06 2.63 -24.96
C LYS B 40 12.99 3.69 -25.55
N LYS B 41 12.50 4.92 -25.63
CA LYS B 41 13.28 6.03 -26.16
C LYS B 41 14.23 6.58 -25.11
N LYS B 42 15.33 7.16 -25.56
CA LYS B 42 16.33 7.73 -24.66
C LYS B 42 16.93 6.66 -23.76
N ARG B 43 17.45 5.60 -24.36
CA ARG B 43 18.05 4.51 -23.61
C ARG B 43 19.46 4.88 -23.13
N ALA B 44 20.39 4.97 -24.09
CA ALA B 44 21.76 5.32 -23.75
C ALA B 44 21.92 6.82 -23.53
N SER A 1 -14.99 -23.12 7.75
CA SER A 1 -13.77 -22.64 8.41
C SER A 1 -13.98 -22.56 9.93
N THR A 2 -12.88 -22.39 10.65
CA THR A 2 -12.93 -22.30 12.10
C THR A 2 -11.70 -21.60 12.66
N LEU A 3 -11.80 -21.11 13.90
CA LEU A 3 -10.69 -20.42 14.54
C LEU A 3 -10.20 -21.18 15.76
N PRO A 4 -8.95 -20.94 16.15
CA PRO A 4 -8.34 -21.60 17.32
C PRO A 4 -8.94 -21.12 18.64
N GLN A 5 -8.29 -21.47 19.74
CA GLN A 5 -8.76 -21.08 21.06
C GLN A 5 -8.59 -19.58 21.27
N HIS A 6 -9.64 -18.82 20.98
CA HIS A 6 -9.60 -17.37 21.15
C HIS A 6 -8.56 -16.74 20.22
N ALA A 7 -9.02 -16.09 19.16
CA ALA A 7 -8.13 -15.46 18.21
C ALA A 7 -8.91 -14.63 17.19
N ARG A 8 -8.69 -13.32 17.22
CA ARG A 8 -9.38 -12.41 16.30
C ARG A 8 -8.61 -12.29 14.99
N THR A 9 -7.67 -13.20 14.77
CA THR A 9 -6.87 -13.19 13.55
C THR A 9 -6.24 -11.82 13.32
N PRO A 10 -5.33 -11.43 14.23
CA PRO A 10 -4.64 -10.13 14.14
C PRO A 10 -3.65 -10.09 12.98
N LEU A 11 -2.89 -11.15 12.81
CA LEU A 11 -1.90 -11.24 11.74
C LEU A 11 -2.53 -10.90 10.40
N ILE A 12 -3.41 -11.80 9.92
CA ILE A 12 -4.09 -11.59 8.64
C ILE A 12 -4.80 -10.24 8.61
N ALA A 13 -5.53 -9.94 9.68
CA ALA A 13 -6.26 -8.68 9.76
C ALA A 13 -5.35 -7.50 9.46
N ALA A 14 -4.31 -7.32 10.28
CA ALA A 14 -3.37 -6.23 10.11
C ALA A 14 -2.83 -6.19 8.68
N GLY A 15 -2.71 -7.37 8.07
CA GLY A 15 -2.20 -7.45 6.71
C GLY A 15 -3.07 -6.70 5.73
N VAL A 16 -4.35 -7.06 5.67
CA VAL A 16 -5.29 -6.41 4.76
C VAL A 16 -5.48 -4.94 5.12
N ILE A 17 -5.47 -4.66 6.42
CA ILE A 17 -5.64 -3.28 6.89
C ILE A 17 -4.46 -2.41 6.47
N GLY A 18 -3.25 -2.91 6.71
CA GLY A 18 -2.06 -2.16 6.35
C GLY A 18 -2.03 -1.79 4.89
N GLY A 19 -2.20 -2.80 4.02
CA GLY A 19 -2.18 -2.55 2.59
C GLY A 19 -3.22 -1.52 2.16
N LEU A 20 -4.42 -1.64 2.72
CA LEU A 20 -5.50 -0.72 2.38
C LEU A 20 -5.20 0.69 2.90
N PHE A 21 -5.00 0.79 4.22
CA PHE A 21 -4.71 2.07 4.84
C PHE A 21 -3.56 2.78 4.12
N ILE A 22 -2.42 2.09 4.02
CA ILE A 22 -1.25 2.65 3.36
C ILE A 22 -1.59 3.16 1.97
N LEU A 23 -2.37 2.38 1.24
CA LEU A 23 -2.78 2.76 -0.12
C LEU A 23 -3.70 3.97 -0.09
N VAL A 24 -4.55 4.05 0.93
CA VAL A 24 -5.48 5.16 1.08
C VAL A 24 -4.73 6.49 1.14
N ILE A 25 -3.69 6.54 1.95
CA ILE A 25 -2.89 7.75 2.11
C ILE A 25 -2.17 8.09 0.81
N VAL A 26 -1.37 7.16 0.31
CA VAL A 26 -0.62 7.35 -0.92
C VAL A 26 -1.55 7.79 -2.06
N GLY A 27 -2.59 6.99 -2.30
CA GLY A 27 -3.53 7.30 -3.35
C GLY A 27 -4.06 8.71 -3.26
N LEU A 28 -4.68 9.04 -2.13
CA LEU A 28 -5.23 10.38 -1.92
C LEU A 28 -4.16 11.44 -2.08
N THR A 29 -2.99 11.20 -1.48
CA THR A 29 -1.88 12.14 -1.56
C THR A 29 -1.59 12.53 -3.00
N PHE A 30 -1.74 11.58 -3.91
CA PHE A 30 -1.49 11.82 -5.33
C PHE A 30 -2.60 12.68 -5.93
N ALA A 31 -3.84 12.30 -5.67
CA ALA A 31 -5.00 13.05 -6.18
C ALA A 31 -5.06 14.45 -5.59
N VAL A 32 -4.48 14.61 -4.40
CA VAL A 32 -4.46 15.90 -3.73
C VAL A 32 -3.33 16.78 -4.25
N TYR A 33 -2.14 16.20 -4.35
CA TYR A 33 -0.98 16.93 -4.84
C TYR A 33 -1.24 17.53 -6.22
N VAL A 34 -1.87 16.73 -7.08
CA VAL A 34 -2.18 17.18 -8.43
C VAL A 34 -3.20 18.30 -8.42
N ARG A 35 -4.27 18.13 -7.65
CA ARG A 35 -5.32 19.14 -7.55
C ARG A 35 -4.74 20.49 -7.19
N ARG A 36 -3.70 20.48 -6.35
CA ARG A 36 -3.06 21.71 -5.92
C ARG A 36 -2.56 22.52 -7.12
N LYS A 37 -2.35 21.83 -8.23
CA LYS A 37 -1.88 22.48 -9.45
C LYS A 37 -3.04 23.12 -10.21
N SER A 38 -4.21 22.48 -10.15
CA SER A 38 -5.39 22.98 -10.84
C SER A 38 -6.11 24.02 -9.97
N ILE A 39 -5.63 25.25 -10.01
CA ILE A 39 -6.23 26.33 -9.24
C ILE A 39 -7.32 27.03 -10.03
N LYS A 40 -8.31 26.25 -10.47
CA LYS A 40 -9.43 26.79 -11.24
C LYS A 40 -8.94 27.81 -12.27
N LYS A 41 -7.80 27.52 -12.89
CA LYS A 41 -7.23 28.41 -13.89
C LYS A 41 -8.00 28.31 -15.21
N LYS A 42 -9.12 29.02 -15.29
CA LYS A 42 -9.95 29.02 -16.49
C LYS A 42 -10.86 30.23 -16.53
N ARG A 43 -10.74 31.03 -17.59
CA ARG A 43 -11.56 32.22 -17.74
C ARG A 43 -12.97 31.86 -18.21
N ALA A 44 -13.92 32.75 -17.97
CA ALA A 44 -15.30 32.53 -18.36
C ALA A 44 -15.49 32.77 -19.86
N SER B 1 13.97 -3.05 25.54
CA SER B 1 12.72 -3.70 25.15
C SER B 1 12.79 -5.19 25.42
N THR B 2 11.63 -5.86 25.34
CA THR B 2 11.55 -7.29 25.57
C THR B 2 10.31 -7.89 24.94
N LEU B 3 10.31 -9.20 24.74
CA LEU B 3 9.18 -9.90 24.14
C LEU B 3 8.56 -10.89 25.13
N PRO B 4 7.27 -11.17 24.95
CA PRO B 4 6.53 -12.10 25.81
C PRO B 4 6.98 -13.55 25.61
N GLN B 5 6.24 -14.48 26.19
CA GLN B 5 6.56 -15.90 26.08
C GLN B 5 6.35 -16.40 24.66
N HIS B 6 7.42 -16.39 23.87
CA HIS B 6 7.36 -16.83 22.48
C HIS B 6 6.44 -15.93 21.66
N ALA B 7 7.03 -15.09 20.84
CA ALA B 7 6.26 -14.18 20.00
C ALA B 7 7.17 -13.43 19.02
N ARG B 8 6.97 -13.67 17.73
CA ARG B 8 7.76 -13.03 16.70
C ARG B 8 7.10 -11.75 16.20
N THR B 9 6.14 -11.25 16.99
CA THR B 9 5.42 -10.03 16.63
C THR B 9 4.87 -10.11 15.21
N PRO B 10 3.91 -11.03 15.00
CA PRO B 10 3.28 -11.23 13.69
C PRO B 10 2.38 -10.06 13.30
N LEU B 11 1.60 -9.58 14.25
CA LEU B 11 0.69 -8.47 14.01
C LEU B 11 1.43 -7.29 13.39
N ILE B 12 2.29 -6.66 14.18
CA ILE B 12 3.06 -5.51 13.71
C ILE B 12 3.84 -5.86 12.43
N ALA B 13 4.51 -7.01 12.45
CA ALA B 13 5.28 -7.46 11.30
C ALA B 13 4.44 -7.41 10.03
N ALA B 14 3.36 -8.18 10.00
CA ALA B 14 2.48 -8.22 8.84
C ALA B 14 2.08 -6.82 8.41
N GLY B 15 1.92 -5.92 9.39
CA GLY B 15 1.53 -4.56 9.08
C GLY B 15 2.53 -3.86 8.17
N VAL B 16 3.78 -3.80 8.61
CA VAL B 16 4.83 -3.16 7.83
C VAL B 16 5.05 -3.89 6.50
N ILE B 17 4.95 -5.22 6.54
CA ILE B 17 5.15 -6.04 5.35
C ILE B 17 4.06 -5.76 4.31
N GLY B 18 2.81 -5.74 4.77
CA GLY B 18 1.70 -5.49 3.86
C GLY B 18 1.83 -4.16 3.14
N GLY B 19 2.04 -3.09 3.91
CA GLY B 19 2.18 -1.77 3.33
C GLY B 19 3.31 -1.70 2.31
N LEU B 20 4.44 -2.33 2.64
CA LEU B 20 5.59 -2.33 1.74
C LEU B 20 5.31 -3.16 0.50
N PHE B 21 5.02 -4.44 0.69
CA PHE B 21 4.73 -5.34 -0.42
C PHE B 21 3.66 -4.74 -1.34
N ILE B 22 2.50 -4.43 -0.76
CA ILE B 22 1.40 -3.86 -1.52
C ILE B 22 1.86 -2.62 -2.30
N LEU B 23 2.67 -1.79 -1.67
CA LEU B 23 3.18 -0.58 -2.31
C LEU B 23 4.13 -0.93 -3.45
N VAL B 24 4.93 -1.98 -3.26
CA VAL B 24 5.88 -2.42 -4.27
C VAL B 24 5.17 -2.74 -5.58
N ILE B 25 4.09 -3.50 -5.49
CA ILE B 25 3.33 -3.89 -6.67
C ILE B 25 2.70 -2.67 -7.34
N VAL B 26 1.91 -1.92 -6.57
CA VAL B 26 1.25 -0.72 -7.09
C VAL B 26 2.25 0.23 -7.71
N GLY B 27 3.28 0.59 -6.94
CA GLY B 27 4.30 1.49 -7.44
C GLY B 27 4.86 1.05 -8.78
N LEU B 28 5.41 -0.17 -8.81
CA LEU B 28 5.99 -0.70 -10.04
C LEU B 28 4.96 -0.74 -11.16
N THR B 29 3.76 -1.20 -10.84
CA THR B 29 2.69 -1.28 -11.83
C THR B 29 2.50 0.05 -12.55
N PHE B 30 2.68 1.15 -11.81
CA PHE B 30 2.53 2.48 -12.38
C PHE B 30 3.70 2.81 -13.31
N ALA B 31 4.92 2.58 -12.82
CA ALA B 31 6.12 2.85 -13.61
C ALA B 31 6.18 1.95 -14.83
N VAL B 32 5.54 0.79 -14.75
CA VAL B 32 5.53 -0.16 -15.85
C VAL B 32 4.45 0.20 -16.87
N TYR B 33 3.25 0.50 -16.39
CA TYR B 33 2.15 0.87 -17.27
C TYR B 33 2.51 2.06 -18.14
N VAL B 34 3.17 3.05 -17.53
CA VAL B 34 3.58 4.25 -18.26
C VAL B 34 4.64 3.92 -19.31
N ARG B 35 5.64 3.16 -18.91
CA ARG B 35 6.73 2.78 -19.82
C ARG B 35 6.16 2.14 -21.09
N ARG B 36 5.08 1.38 -20.93
CA ARG B 36 4.46 0.72 -22.07
C ARG B 36 4.06 1.72 -23.14
N LYS B 37 3.90 2.99 -22.74
CA LYS B 37 3.53 4.04 -23.66
C LYS B 37 4.75 4.57 -24.40
N SER B 38 5.89 4.61 -23.71
CA SER B 38 7.13 5.10 -24.30
C SER B 38 7.86 3.98 -25.04
N ILE B 39 7.42 3.72 -26.27
CA ILE B 39 8.03 2.67 -27.08
C ILE B 39 9.18 3.23 -27.92
N LYS B 40 10.16 3.83 -27.24
CA LYS B 40 11.32 4.39 -27.92
C LYS B 40 10.91 5.08 -29.21
N LYS B 41 9.81 5.81 -29.17
CA LYS B 41 9.31 6.52 -30.34
C LYS B 41 10.14 7.77 -30.61
N LYS B 42 11.29 7.59 -31.26
CA LYS B 42 12.18 8.70 -31.58
C LYS B 42 13.13 8.33 -32.71
N ARG B 43 13.09 9.09 -33.79
CA ARG B 43 13.96 8.84 -34.94
C ARG B 43 15.37 9.35 -34.68
N ALA B 44 16.34 8.80 -35.41
CA ALA B 44 17.74 9.20 -35.25
C ALA B 44 17.99 10.54 -35.93
N SER A 1 -8.48 -10.63 31.21
CA SER A 1 -9.17 -11.79 31.79
C SER A 1 -9.28 -12.92 30.77
N THR A 2 -9.50 -12.56 29.51
CA THR A 2 -9.63 -13.54 28.44
C THR A 2 -9.39 -12.90 27.08
N LEU A 3 -9.21 -13.74 26.07
CA LEU A 3 -8.98 -13.26 24.70
C LEU A 3 -10.24 -12.65 24.13
N PRO A 4 -10.19 -11.35 23.83
CA PRO A 4 -11.33 -10.62 23.26
C PRO A 4 -11.62 -11.03 21.82
N GLN A 5 -12.80 -10.66 21.33
CA GLN A 5 -13.19 -10.99 19.97
C GLN A 5 -12.30 -10.29 18.96
N HIS A 6 -11.69 -9.18 19.37
CA HIS A 6 -10.81 -8.42 18.50
C HIS A 6 -9.36 -8.86 18.68
N ALA A 7 -9.15 -10.17 18.74
CA ALA A 7 -7.82 -10.73 18.90
C ALA A 7 -7.73 -12.14 18.34
N ARG A 8 -8.61 -12.45 17.39
CA ARG A 8 -8.63 -13.77 16.78
C ARG A 8 -7.55 -13.90 15.71
N THR A 9 -7.76 -13.26 14.58
CA THR A 9 -6.79 -13.30 13.49
C THR A 9 -6.17 -11.92 13.24
N PRO A 10 -5.28 -11.51 14.14
CA PRO A 10 -4.60 -10.21 14.05
C PRO A 10 -3.60 -10.16 12.89
N LEU A 11 -2.86 -11.26 12.71
CA LEU A 11 -1.88 -11.35 11.65
C LEU A 11 -2.50 -10.99 10.29
N ILE A 12 -3.38 -11.86 9.82
CA ILE A 12 -4.05 -11.63 8.54
C ILE A 12 -4.77 -10.29 8.52
N ALA A 13 -5.49 -10.00 9.60
CA ALA A 13 -6.22 -8.74 9.71
C ALA A 13 -5.31 -7.55 9.42
N ALA A 14 -4.28 -7.38 10.24
CA ALA A 14 -3.35 -6.28 10.08
C ALA A 14 -2.81 -6.22 8.64
N GLY A 15 -2.65 -7.40 8.03
CA GLY A 15 -2.15 -7.47 6.67
C GLY A 15 -3.03 -6.70 5.69
N VAL A 16 -4.30 -7.07 5.64
CA VAL A 16 -5.25 -6.42 4.73
C VAL A 16 -5.45 -4.97 5.11
N ILE A 17 -5.45 -4.68 6.40
CA ILE A 17 -5.62 -3.32 6.90
C ILE A 17 -4.46 -2.43 6.47
N GLY A 18 -3.24 -2.90 6.70
CA GLY A 18 -2.06 -2.14 6.34
C GLY A 18 -2.05 -1.77 4.87
N GLY A 19 -2.19 -2.77 4.01
CA GLY A 19 -2.19 -2.54 2.57
C GLY A 19 -3.23 -1.52 2.16
N LEU A 20 -4.43 -1.63 2.73
CA LEU A 20 -5.52 -0.71 2.41
C LEU A 20 -5.22 0.69 2.92
N PHE A 21 -5.02 0.80 4.24
CA PHE A 21 -4.72 2.09 4.85
C PHE A 21 -3.57 2.79 4.13
N ILE A 22 -2.45 2.09 4.03
CA ILE A 22 -1.27 2.64 3.37
C ILE A 22 -1.62 3.16 1.97
N LEU A 23 -2.40 2.38 1.23
CA LEU A 23 -2.81 2.76 -0.12
C LEU A 23 -3.72 3.98 -0.08
N VAL A 24 -4.56 4.06 0.94
CA VAL A 24 -5.49 5.17 1.09
C VAL A 24 -4.74 6.51 1.16
N ILE A 25 -3.68 6.54 1.97
CA ILE A 25 -2.89 7.76 2.11
C ILE A 25 -2.16 8.10 0.82
N VAL A 26 -1.37 7.16 0.32
CA VAL A 26 -0.62 7.36 -0.92
C VAL A 26 -1.54 7.78 -2.05
N GLY A 27 -2.59 6.99 -2.29
CA GLY A 27 -3.53 7.30 -3.34
C GLY A 27 -4.06 8.71 -3.26
N LEU A 28 -4.67 9.05 -2.12
CA LEU A 28 -5.22 10.38 -1.91
C LEU A 28 -4.15 11.44 -2.07
N THR A 29 -2.99 11.20 -1.48
CA THR A 29 -1.88 12.15 -1.56
C THR A 29 -1.58 12.54 -3.00
N PHE A 30 -1.74 11.57 -3.91
CA PHE A 30 -1.49 11.81 -5.33
C PHE A 30 -2.59 12.67 -5.94
N ALA A 31 -3.84 12.30 -5.67
CA ALA A 31 -4.98 13.03 -6.19
C ALA A 31 -5.05 14.44 -5.60
N VAL A 32 -4.47 14.60 -4.41
CA VAL A 32 -4.45 15.89 -3.74
C VAL A 32 -3.32 16.78 -4.25
N TYR A 33 -2.13 16.19 -4.37
CA TYR A 33 -0.96 16.92 -4.85
C TYR A 33 -1.22 17.51 -6.23
N VAL A 34 -1.86 16.72 -7.10
CA VAL A 34 -2.16 17.16 -8.45
C VAL A 34 -3.18 18.30 -8.44
N ARG A 35 -4.25 18.11 -7.68
CA ARG A 35 -5.31 19.12 -7.58
C ARG A 35 -4.72 20.48 -7.20
N ARG A 36 -3.69 20.47 -6.36
CA ARG A 36 -3.04 21.71 -5.93
C ARG A 36 -2.55 22.51 -7.13
N LYS A 37 -2.33 21.83 -8.24
CA LYS A 37 -1.86 22.47 -9.46
C LYS A 37 -3.02 23.12 -10.22
N SER A 38 -4.18 22.48 -10.16
CA SER A 38 -5.36 22.98 -10.84
C SER A 38 -5.97 24.15 -10.09
N ILE A 39 -6.84 24.90 -10.76
CA ILE A 39 -7.49 26.05 -10.15
C ILE A 39 -8.72 25.63 -9.37
N LYS A 40 -8.55 24.69 -8.44
CA LYS A 40 -9.64 24.20 -7.62
C LYS A 40 -10.83 23.78 -8.49
N LYS A 41 -10.53 23.16 -9.61
CA LYS A 41 -11.57 22.70 -10.54
C LYS A 41 -12.53 23.83 -10.87
N LYS A 42 -12.08 24.74 -11.73
CA LYS A 42 -12.90 25.88 -12.14
C LYS A 42 -13.93 25.46 -13.20
N ARG A 43 -15.08 26.12 -13.20
CA ARG A 43 -16.14 25.82 -14.15
C ARG A 43 -15.91 26.55 -15.47
N ALA A 44 -16.81 26.33 -16.42
CA ALA A 44 -16.71 26.97 -17.73
C ALA A 44 -17.32 28.37 -17.70
N SER B 1 6.11 -28.33 17.30
CA SER B 1 6.74 -28.74 18.55
C SER B 1 6.88 -27.55 19.49
N THR B 2 7.17 -26.38 18.94
CA THR B 2 7.35 -25.17 19.73
C THR B 2 7.22 -23.93 18.86
N LEU B 3 7.07 -22.77 19.51
CA LEU B 3 6.94 -21.51 18.79
C LEU B 3 8.25 -21.11 18.14
N PRO B 4 8.26 -21.05 16.81
CA PRO B 4 9.45 -20.67 16.04
C PRO B 4 9.82 -19.20 16.21
N GLN B 5 11.04 -18.86 15.85
CA GLN B 5 11.52 -17.48 15.96
C GLN B 5 10.72 -16.56 15.05
N HIS B 6 10.14 -17.12 13.99
CA HIS B 6 9.35 -16.34 13.05
C HIS B 6 7.88 -16.36 13.44
N ALA B 7 7.60 -16.18 14.73
CA ALA B 7 6.23 -16.18 15.22
C ALA B 7 6.11 -15.31 16.47
N ARG B 8 7.02 -14.35 16.62
CA ARG B 8 7.02 -13.46 17.77
C ARG B 8 5.98 -12.36 17.60
N THR B 9 6.29 -11.40 16.74
CA THR B 9 5.38 -10.28 16.49
C THR B 9 4.85 -10.32 15.06
N PRO B 10 3.92 -11.25 14.80
CA PRO B 10 3.31 -11.42 13.48
C PRO B 10 2.39 -10.26 13.12
N LEU B 11 1.62 -9.80 14.09
CA LEU B 11 0.69 -8.69 13.89
C LEU B 11 1.41 -7.49 13.28
N ILE B 12 2.27 -6.86 14.07
CA ILE B 12 3.02 -5.70 13.61
C ILE B 12 3.81 -6.02 12.34
N ALA B 13 4.47 -7.17 12.34
CA ALA B 13 5.26 -7.59 11.19
C ALA B 13 4.43 -7.54 9.90
N ALA B 14 3.36 -8.32 9.86
CA ALA B 14 2.49 -8.35 8.70
C ALA B 14 2.07 -6.95 8.29
N GLY B 15 1.86 -6.07 9.27
CA GLY B 15 1.47 -4.71 8.99
C GLY B 15 2.46 -3.99 8.09
N VAL B 16 3.70 -3.92 8.53
CA VAL B 16 4.75 -3.26 7.76
C VAL B 16 5.00 -3.97 6.44
N ILE B 17 4.90 -5.29 6.45
CA ILE B 17 5.11 -6.09 5.25
C ILE B 17 4.04 -5.79 4.20
N GLY B 18 2.79 -5.78 4.63
CA GLY B 18 1.69 -5.52 3.72
C GLY B 18 1.81 -4.17 3.05
N GLY B 19 2.01 -3.12 3.84
CA GLY B 19 2.15 -1.79 3.28
C GLY B 19 3.28 -1.69 2.28
N LEU B 20 4.40 -2.34 2.58
CA LEU B 20 5.56 -2.32 1.70
C LEU B 20 5.27 -3.10 0.42
N PHE B 21 5.00 -4.39 0.58
CA PHE B 21 4.71 -5.26 -0.56
C PHE B 21 3.63 -4.65 -1.45
N ILE B 22 2.49 -4.35 -0.85
CA ILE B 22 1.37 -3.76 -1.59
C ILE B 22 1.81 -2.51 -2.34
N LEU B 23 2.63 -1.69 -1.69
CA LEU B 23 3.12 -0.46 -2.29
C LEU B 23 4.08 -0.77 -3.45
N VAL B 24 4.87 -1.81 -3.29
CA VAL B 24 5.82 -2.22 -4.32
C VAL B 24 5.11 -2.50 -5.64
N ILE B 25 4.03 -3.27 -5.56
CA ILE B 25 3.26 -3.63 -6.75
C ILE B 25 2.61 -2.39 -7.38
N VAL B 26 1.82 -1.68 -6.58
CA VAL B 26 1.15 -0.48 -7.05
C VAL B 26 2.15 0.52 -7.65
N GLY B 27 3.17 0.85 -6.88
CA GLY B 27 4.18 1.78 -7.36
C GLY B 27 4.75 1.39 -8.70
N LEU B 28 5.30 0.18 -8.79
CA LEU B 28 5.88 -0.31 -10.03
C LEU B 28 4.84 -0.32 -11.14
N THR B 29 3.64 -0.80 -10.84
CA THR B 29 2.57 -0.87 -11.81
C THR B 29 2.36 0.49 -12.48
N PHE B 30 2.54 1.56 -11.72
CA PHE B 30 2.37 2.91 -12.24
C PHE B 30 3.53 3.28 -13.16
N ALA B 31 4.75 3.05 -12.70
CA ALA B 31 5.93 3.37 -13.48
C ALA B 31 6.01 2.50 -14.74
N VAL B 32 5.38 1.33 -14.68
CA VAL B 32 5.38 0.42 -15.82
C VAL B 32 4.29 0.79 -16.83
N TYR B 33 3.10 1.07 -16.31
CA TYR B 33 1.97 1.45 -17.17
C TYR B 33 2.31 2.67 -18.01
N VAL B 34 2.96 3.64 -17.39
CA VAL B 34 3.34 4.87 -18.08
C VAL B 34 4.40 4.59 -19.16
N ARG B 35 5.42 3.83 -18.79
CA ARG B 35 6.49 3.48 -19.71
C ARG B 35 5.93 2.88 -20.99
N ARG B 36 4.85 2.10 -20.86
CA ARG B 36 4.22 1.45 -21.99
C ARG B 36 3.81 2.48 -23.04
N LYS B 37 3.63 3.73 -22.60
CA LYS B 37 3.23 4.81 -23.49
C LYS B 37 4.45 5.38 -24.23
N SER B 38 5.59 5.39 -23.55
CA SER B 38 6.82 5.92 -24.14
C SER B 38 7.41 4.90 -25.11
N ILE B 39 8.35 5.38 -25.95
CA ILE B 39 8.99 4.52 -26.93
C ILE B 39 10.17 3.77 -26.31
N LYS B 40 9.91 3.06 -25.22
CA LYS B 40 10.94 2.30 -24.53
C LYS B 40 12.16 3.17 -24.24
N LYS B 41 11.91 4.42 -23.85
CA LYS B 41 12.98 5.35 -23.54
C LYS B 41 14.00 5.42 -24.68
N LYS B 42 13.63 6.10 -25.76
CA LYS B 42 14.51 6.24 -26.91
C LYS B 42 15.59 7.29 -26.66
N ARG B 43 16.75 7.10 -27.27
CA ARG B 43 17.86 8.04 -27.10
C ARG B 43 17.74 9.20 -28.10
N ALA B 44 18.69 10.13 -28.02
CA ALA B 44 18.68 11.28 -28.90
C ALA B 44 19.32 10.95 -30.25
N SER A 1 -1.08 -25.53 17.08
CA SER A 1 -0.43 -24.22 16.93
C SER A 1 -0.53 -23.41 18.22
N THR A 2 0.38 -22.45 18.37
CA THR A 2 0.40 -21.61 19.56
C THR A 2 -0.39 -20.33 19.35
N LEU A 3 -1.04 -19.85 20.40
CA LEU A 3 -1.84 -18.64 20.32
C LEU A 3 -1.72 -17.83 21.61
N PRO A 4 -2.01 -16.52 21.52
CA PRO A 4 -1.94 -15.62 22.68
C PRO A 4 -3.06 -15.88 23.68
N GLN A 5 -3.26 -14.95 24.59
CA GLN A 5 -4.29 -15.08 25.62
C GLN A 5 -5.68 -15.09 24.99
N HIS A 6 -5.87 -14.27 23.96
CA HIS A 6 -7.15 -14.18 23.27
C HIS A 6 -7.02 -13.35 21.99
N ALA A 7 -7.06 -14.02 20.85
CA ALA A 7 -6.95 -13.35 19.56
C ALA A 7 -7.62 -14.17 18.46
N ARG A 8 -8.35 -13.49 17.58
CA ARG A 8 -9.04 -14.15 16.48
C ARG A 8 -8.11 -14.33 15.28
N THR A 9 -7.83 -13.23 14.59
CA THR A 9 -6.96 -13.26 13.42
C THR A 9 -6.31 -11.90 13.19
N PRO A 10 -5.42 -11.50 14.10
CA PRO A 10 -4.71 -10.22 14.00
C PRO A 10 -3.70 -10.19 12.86
N LEU A 11 -3.00 -11.30 12.68
CA LEU A 11 -2.00 -11.40 11.62
C LEU A 11 -2.58 -11.03 10.27
N ILE A 12 -3.49 -11.87 9.77
CA ILE A 12 -4.13 -11.62 8.49
C ILE A 12 -4.84 -10.26 8.49
N ALA A 13 -5.55 -9.96 9.56
CA ALA A 13 -6.26 -8.70 9.68
C ALA A 13 -5.33 -7.52 9.40
N ALA A 14 -4.31 -7.37 10.24
CA ALA A 14 -3.35 -6.28 10.08
C ALA A 14 -2.81 -6.22 8.64
N GLY A 15 -2.64 -7.39 8.04
CA GLY A 15 -2.14 -7.45 6.68
C GLY A 15 -3.02 -6.70 5.69
N VAL A 16 -4.29 -7.07 5.64
CA VAL A 16 -5.23 -6.42 4.74
C VAL A 16 -5.43 -4.95 5.11
N ILE A 17 -5.44 -4.68 6.42
CA ILE A 17 -5.62 -3.32 6.90
C ILE A 17 -4.45 -2.42 6.48
N GLY A 18 -3.24 -2.92 6.68
CA GLY A 18 -2.06 -2.15 6.31
C GLY A 18 -2.05 -1.78 4.84
N GLY A 19 -2.20 -2.77 3.98
CA GLY A 19 -2.21 -2.53 2.54
C GLY A 19 -3.25 -1.51 2.13
N LEU A 20 -4.44 -1.62 2.73
CA LEU A 20 -5.53 -0.70 2.42
C LEU A 20 -5.23 0.70 2.92
N PHE A 21 -5.04 0.82 4.24
CA PHE A 21 -4.74 2.10 4.85
C PHE A 21 -3.57 2.80 4.14
N ILE A 22 -2.46 2.09 4.02
CA ILE A 22 -1.28 2.64 3.36
C ILE A 22 -1.62 3.16 1.97
N LEU A 23 -2.41 2.38 1.23
CA LEU A 23 -2.82 2.77 -0.12
C LEU A 23 -3.73 3.99 -0.08
N VAL A 24 -4.57 4.08 0.95
CA VAL A 24 -5.49 5.19 1.11
C VAL A 24 -4.74 6.51 1.17
N ILE A 25 -3.68 6.56 1.97
CA ILE A 25 -2.88 7.76 2.12
C ILE A 25 -2.16 8.10 0.82
N VAL A 26 -1.36 7.16 0.33
CA VAL A 26 -0.61 7.36 -0.91
C VAL A 26 -1.54 7.78 -2.04
N GLY A 27 -2.58 6.99 -2.27
CA GLY A 27 -3.52 7.29 -3.34
C GLY A 27 -4.05 8.70 -3.26
N LEU A 28 -4.66 9.03 -2.12
CA LEU A 28 -5.22 10.37 -1.91
C LEU A 28 -4.15 11.44 -2.07
N THR A 29 -2.98 11.20 -1.47
CA THR A 29 -1.87 12.15 -1.55
C THR A 29 -1.58 12.53 -2.99
N PHE A 30 -1.73 11.57 -3.90
CA PHE A 30 -1.47 11.81 -5.31
C PHE A 30 -2.58 12.66 -5.92
N ALA A 31 -3.84 12.28 -5.67
CA ALA A 31 -4.98 13.02 -6.19
C ALA A 31 -5.06 14.42 -5.61
N VAL A 32 -4.47 14.58 -4.42
CA VAL A 32 -4.47 15.89 -3.75
C VAL A 32 -3.33 16.77 -4.27
N TYR A 33 -2.14 16.20 -4.37
CA TYR A 33 -0.98 16.92 -4.84
C TYR A 33 -1.23 17.50 -6.23
N VAL A 34 -1.86 16.71 -7.09
CA VAL A 34 -2.17 17.14 -8.45
C VAL A 34 -3.20 18.27 -8.45
N ARG A 35 -4.27 18.08 -7.68
CA ARG A 35 -5.32 19.09 -7.59
C ARG A 35 -4.74 20.46 -7.24
N ARG A 36 -3.72 20.47 -6.39
CA ARG A 36 -3.08 21.70 -5.98
C ARG A 36 -2.59 22.50 -7.19
N LYS A 37 -2.37 21.80 -8.29
CA LYS A 37 -1.91 22.44 -9.52
C LYS A 37 -3.07 23.06 -10.29
N SER A 38 -4.23 22.42 -10.22
CA SER A 38 -5.42 22.90 -10.90
C SER A 38 -6.04 24.07 -10.15
N ILE A 39 -7.22 24.48 -10.59
CA ILE A 39 -7.93 25.60 -9.96
C ILE A 39 -9.43 25.35 -9.93
N LYS A 40 -9.82 24.16 -9.48
CA LYS A 40 -11.23 23.80 -9.38
C LYS A 40 -11.87 23.78 -10.77
N LYS A 41 -11.28 23.02 -11.68
CA LYS A 41 -11.80 22.91 -13.04
C LYS A 41 -12.89 21.85 -13.13
N LYS A 42 -13.93 22.00 -12.31
CA LYS A 42 -15.04 21.06 -12.29
C LYS A 42 -16.26 21.68 -11.64
N ARG A 43 -17.39 21.64 -12.35
CA ARG A 43 -18.64 22.20 -11.83
C ARG A 43 -19.83 21.65 -12.61
N ALA A 44 -20.73 20.98 -11.89
CA ALA A 44 -21.92 20.40 -12.50
C ALA A 44 -21.55 19.51 -13.68
N SER B 1 6.91 -11.37 3.09
CA SER B 1 7.62 -12.52 3.64
C SER B 1 6.65 -13.54 4.22
N THR B 2 7.10 -14.79 4.31
CA THR B 2 6.26 -15.86 4.84
C THR B 2 6.48 -16.04 6.35
N LEU B 3 5.42 -16.40 7.06
CA LEU B 3 5.50 -16.61 8.50
C LEU B 3 4.72 -17.85 8.92
N PRO B 4 5.14 -18.46 10.03
CA PRO B 4 4.49 -19.67 10.56
C PRO B 4 3.09 -19.38 11.12
N GLN B 5 2.49 -20.39 11.74
CA GLN B 5 1.16 -20.24 12.31
C GLN B 5 1.19 -19.34 13.53
N HIS B 6 2.36 -19.22 14.16
CA HIS B 6 2.50 -18.39 15.34
C HIS B 6 3.94 -17.88 15.46
N ALA B 7 4.10 -16.56 15.44
CA ALA B 7 5.42 -15.95 15.55
C ALA B 7 5.49 -14.99 16.73
N ARG B 8 6.66 -14.42 16.96
CA ARG B 8 6.86 -13.49 18.06
C ARG B 8 5.97 -12.25 17.88
N THR B 9 6.02 -11.66 16.70
CA THR B 9 5.23 -10.47 16.41
C THR B 9 4.71 -10.49 14.97
N PRO B 10 3.82 -11.45 14.67
CA PRO B 10 3.24 -11.59 13.33
C PRO B 10 2.28 -10.45 12.99
N LEU B 11 1.51 -10.01 13.97
CA LEU B 11 0.55 -8.93 13.78
C LEU B 11 1.24 -7.70 13.20
N ILE B 12 2.09 -7.07 14.00
CA ILE B 12 2.81 -5.88 13.57
C ILE B 12 3.63 -6.16 12.30
N ALA B 13 4.31 -7.30 12.28
CA ALA B 13 5.11 -7.70 11.14
C ALA B 13 4.31 -7.64 9.85
N ALA B 14 3.23 -8.43 9.79
CA ALA B 14 2.37 -8.48 8.62
C ALA B 14 1.96 -7.08 8.19
N GLY B 15 1.68 -6.23 9.18
CA GLY B 15 1.26 -4.87 8.89
C GLY B 15 2.27 -4.12 8.03
N VAL B 16 3.51 -4.04 8.50
CA VAL B 16 4.56 -3.36 7.76
C VAL B 16 4.83 -4.05 6.43
N ILE B 17 4.78 -5.37 6.44
CA ILE B 17 5.02 -6.15 5.22
C ILE B 17 3.97 -5.85 4.16
N GLY B 18 2.71 -5.84 4.58
CA GLY B 18 1.63 -5.56 3.64
C GLY B 18 1.77 -4.21 2.97
N GLY B 19 1.95 -3.17 3.78
CA GLY B 19 2.09 -1.83 3.24
C GLY B 19 3.24 -1.73 2.24
N LEU B 20 4.35 -2.37 2.55
CA LEU B 20 5.52 -2.35 1.68
C LEU B 20 5.25 -3.14 0.40
N PHE B 21 4.98 -4.43 0.54
CA PHE B 21 4.71 -5.28 -0.61
C PHE B 21 3.62 -4.67 -1.50
N ILE B 22 2.47 -4.37 -0.91
CA ILE B 22 1.36 -3.78 -1.64
C ILE B 22 1.81 -2.53 -2.38
N LEU B 23 2.62 -1.71 -1.73
CA LEU B 23 3.11 -0.48 -2.33
C LEU B 23 4.07 -0.77 -3.47
N VAL B 24 4.86 -1.83 -3.32
CA VAL B 24 5.82 -2.23 -4.34
C VAL B 24 5.12 -2.51 -5.67
N ILE B 25 4.03 -3.28 -5.61
CA ILE B 25 3.27 -3.63 -6.80
C ILE B 25 2.64 -2.39 -7.43
N VAL B 26 1.84 -1.69 -6.63
CA VAL B 26 1.16 -0.49 -7.10
C VAL B 26 2.16 0.51 -7.68
N GLY B 27 3.18 0.84 -6.90
CA GLY B 27 4.19 1.79 -7.36
C GLY B 27 4.77 1.40 -8.71
N LEU B 28 5.33 0.20 -8.79
CA LEU B 28 5.91 -0.29 -10.04
C LEU B 28 4.89 -0.29 -11.16
N THR B 29 3.70 -0.79 -10.86
CA THR B 29 2.63 -0.85 -11.86
C THR B 29 2.41 0.50 -12.52
N PHE B 30 2.58 1.57 -11.75
CA PHE B 30 2.41 2.93 -12.25
C PHE B 30 3.56 3.32 -13.17
N ALA B 31 4.79 3.09 -12.69
CA ALA B 31 5.98 3.42 -13.46
C ALA B 31 6.07 2.57 -14.72
N VAL B 32 5.45 1.39 -14.68
CA VAL B 32 5.46 0.48 -15.82
C VAL B 32 4.38 0.86 -16.83
N TYR B 33 3.17 1.10 -16.33
CA TYR B 33 2.05 1.47 -17.18
C TYR B 33 2.37 2.70 -18.02
N VAL B 34 3.02 3.68 -17.39
CA VAL B 34 3.40 4.91 -18.06
C VAL B 34 4.46 4.65 -19.13
N ARG B 35 5.49 3.90 -18.76
CA ARG B 35 6.58 3.58 -19.69
C ARG B 35 6.02 2.96 -20.97
N ARG B 36 4.97 2.18 -20.84
CA ARG B 36 4.35 1.53 -22.00
C ARG B 36 3.93 2.57 -23.04
N LYS B 37 3.73 3.81 -22.59
CA LYS B 37 3.33 4.88 -23.48
C LYS B 37 4.54 5.47 -24.20
N SER B 38 5.68 5.51 -23.52
CA SER B 38 6.90 6.04 -24.10
C SER B 38 7.54 5.04 -25.05
N ILE B 39 8.71 5.39 -25.57
CA ILE B 39 9.42 4.51 -26.50
C ILE B 39 10.84 4.24 -26.01
N LYS B 40 10.96 3.88 -24.73
CA LYS B 40 12.26 3.58 -24.14
C LYS B 40 13.18 4.80 -24.20
N LYS B 41 12.71 5.92 -23.65
CA LYS B 41 13.48 7.15 -23.63
C LYS B 41 14.46 7.17 -22.45
N LYS B 42 15.33 6.16 -22.39
CA LYS B 42 16.30 6.06 -21.31
C LYS B 42 17.45 5.13 -21.71
N ARG B 43 18.67 5.63 -21.61
CA ARG B 43 19.86 4.85 -21.96
C ARG B 43 21.12 5.47 -21.36
N ALA B 44 21.79 4.71 -20.50
CA ALA B 44 23.01 5.18 -19.85
C ALA B 44 22.77 6.51 -19.15
N SER A 1 -5.56 -27.23 12.59
CA SER A 1 -5.19 -26.04 13.35
C SER A 1 -6.15 -25.83 14.51
N THR A 2 -5.59 -25.47 15.67
CA THR A 2 -6.40 -25.23 16.86
C THR A 2 -6.56 -23.74 17.13
N LEU A 3 -7.77 -23.24 16.91
CA LEU A 3 -8.06 -21.82 17.12
C LEU A 3 -7.99 -21.47 18.61
N PRO A 4 -7.00 -20.63 18.97
CA PRO A 4 -6.80 -20.20 20.35
C PRO A 4 -7.91 -19.26 20.83
N GLN A 5 -7.85 -18.90 22.11
CA GLN A 5 -8.85 -18.01 22.70
C GLN A 5 -8.63 -16.57 22.22
N HIS A 6 -9.72 -15.83 22.11
CA HIS A 6 -9.67 -14.44 21.67
C HIS A 6 -8.89 -14.32 20.36
N ALA A 7 -8.96 -15.36 19.54
CA ALA A 7 -8.27 -15.37 18.26
C ALA A 7 -9.02 -14.54 17.22
N ARG A 8 -8.78 -13.23 17.23
CA ARG A 8 -9.44 -12.33 16.30
C ARG A 8 -8.64 -12.22 15.00
N THR A 9 -7.70 -13.14 14.82
CA THR A 9 -6.87 -13.15 13.62
C THR A 9 -6.23 -11.78 13.38
N PRO A 10 -5.33 -11.37 14.28
CA PRO A 10 -4.64 -10.08 14.18
C PRO A 10 -3.65 -10.05 13.02
N LEU A 11 -2.89 -11.12 12.86
CA LEU A 11 -1.91 -11.21 11.78
C LEU A 11 -2.54 -10.88 10.44
N ILE A 12 -3.41 -11.77 9.97
CA ILE A 12 -4.09 -11.57 8.69
C ILE A 12 -4.80 -10.22 8.65
N ALA A 13 -5.53 -9.91 9.72
CA ALA A 13 -6.26 -8.66 9.80
C ALA A 13 -5.35 -7.47 9.50
N ALA A 14 -4.33 -7.29 10.32
CA ALA A 14 -3.38 -6.19 10.14
C ALA A 14 -2.84 -6.17 8.72
N GLY A 15 -2.71 -7.35 8.11
CA GLY A 15 -2.21 -7.45 6.76
C GLY A 15 -3.08 -6.69 5.76
N VAL A 16 -4.35 -7.06 5.70
CA VAL A 16 -5.29 -6.41 4.79
C VAL A 16 -5.48 -4.95 5.13
N ILE A 17 -5.49 -4.65 6.43
CA ILE A 17 -5.66 -3.27 6.90
C ILE A 17 -4.48 -2.41 6.49
N GLY A 18 -3.27 -2.90 6.72
CA GLY A 18 -2.07 -2.16 6.37
C GLY A 18 -2.03 -1.80 4.89
N GLY A 19 -2.21 -2.80 4.04
CA GLY A 19 -2.18 -2.56 2.61
C GLY A 19 -3.20 -1.54 2.17
N LEU A 20 -4.41 -1.65 2.72
CA LEU A 20 -5.49 -0.72 2.38
C LEU A 20 -5.20 0.67 2.91
N PHE A 21 -5.00 0.78 4.21
CA PHE A 21 -4.71 2.07 4.83
C PHE A 21 -3.56 2.78 4.12
N ILE A 22 -2.42 2.08 4.03
CA ILE A 22 -1.25 2.64 3.37
C ILE A 22 -1.59 3.16 1.97
N LEU A 23 -2.36 2.36 1.23
CA LEU A 23 -2.77 2.74 -0.12
C LEU A 23 -3.67 3.96 -0.10
N VAL A 24 -4.54 4.02 0.91
CA VAL A 24 -5.47 5.14 1.05
C VAL A 24 -4.72 6.47 1.11
N ILE A 25 -3.69 6.52 1.94
CA ILE A 25 -2.89 7.74 2.09
C ILE A 25 -2.17 8.09 0.79
N VAL A 26 -1.37 7.15 0.29
CA VAL A 26 -0.62 7.35 -0.94
C VAL A 26 -1.55 7.78 -2.07
N GLY A 27 -2.60 6.99 -2.31
CA GLY A 27 -3.54 7.31 -3.37
C GLY A 27 -4.06 8.72 -3.27
N LEU A 28 -4.68 9.05 -2.14
CA LEU A 28 -5.23 10.38 -1.92
C LEU A 28 -4.16 11.45 -2.08
N THR A 29 -2.99 11.20 -1.49
CA THR A 29 -1.88 12.14 -1.56
C THR A 29 -1.60 12.54 -3.00
N PHE A 30 -1.74 11.59 -3.92
CA PHE A 30 -1.50 11.84 -5.33
C PHE A 30 -2.60 12.70 -5.93
N ALA A 31 -3.85 12.33 -5.66
CA ALA A 31 -5.00 13.06 -6.17
C ALA A 31 -5.06 14.47 -5.57
N VAL A 32 -4.47 14.62 -4.39
CA VAL A 32 -4.46 15.91 -3.71
C VAL A 32 -3.32 16.79 -4.23
N TYR A 33 -2.14 16.21 -4.35
CA TYR A 33 -0.98 16.95 -4.84
C TYR A 33 -1.24 17.54 -6.22
N VAL A 34 -1.88 16.76 -7.08
CA VAL A 34 -2.20 17.21 -8.43
C VAL A 34 -3.22 18.34 -8.40
N ARG A 35 -4.28 18.16 -7.63
CA ARG A 35 -5.33 19.16 -7.52
C ARG A 35 -4.75 20.52 -7.15
N ARG A 36 -3.71 20.51 -6.32
CA ARG A 36 -3.06 21.74 -5.89
C ARG A 36 -2.59 22.55 -7.09
N LYS A 37 -2.38 21.87 -8.21
CA LYS A 37 -1.92 22.51 -9.43
C LYS A 37 -3.08 23.16 -10.19
N SER A 38 -4.25 22.52 -10.11
CA SER A 38 -5.44 23.02 -10.78
C SER A 38 -6.10 24.12 -9.97
N ILE A 39 -7.24 24.61 -10.45
CA ILE A 39 -7.97 25.67 -9.76
C ILE A 39 -9.47 25.45 -9.87
N LYS A 40 -9.92 24.23 -9.61
CA LYS A 40 -11.33 23.90 -9.68
C LYS A 40 -11.92 24.29 -11.03
N LYS A 41 -11.32 23.77 -12.10
CA LYS A 41 -11.78 24.05 -13.45
C LYS A 41 -11.84 25.56 -13.70
N LYS A 42 -12.44 25.95 -14.82
CA LYS A 42 -12.56 27.35 -15.17
C LYS A 42 -13.75 27.57 -16.12
N ARG A 43 -14.83 26.83 -15.89
CA ARG A 43 -16.02 26.95 -16.72
C ARG A 43 -17.03 27.91 -16.09
N ALA A 44 -17.05 27.95 -14.76
CA ALA A 44 -17.96 28.84 -14.05
C ALA A 44 -17.49 30.28 -14.10
N SER B 1 4.24 -6.11 30.57
CA SER B 1 3.79 -7.06 29.56
C SER B 1 4.65 -8.32 29.58
N THR B 2 4.00 -9.47 29.46
CA THR B 2 4.70 -10.75 29.46
C THR B 2 4.83 -11.31 28.05
N LEU B 3 6.05 -11.29 27.52
CA LEU B 3 6.30 -11.80 26.17
C LEU B 3 6.02 -13.29 26.09
N PRO B 4 5.00 -13.66 25.29
CA PRO B 4 4.61 -15.06 25.11
C PRO B 4 5.64 -15.85 24.31
N GLN B 5 5.43 -17.16 24.22
CA GLN B 5 6.34 -18.02 23.48
C GLN B 5 6.19 -17.83 21.97
N HIS B 6 7.27 -18.01 21.24
CA HIS B 6 7.26 -17.85 19.79
C HIS B 6 6.66 -16.51 19.40
N ALA B 7 6.84 -15.51 20.26
CA ALA B 7 6.32 -14.17 20.00
C ALA B 7 7.21 -13.42 19.01
N ARG B 8 7.00 -13.67 17.73
CA ARG B 8 7.78 -13.01 16.68
C ARG B 8 7.09 -11.74 16.21
N THR B 9 6.12 -11.26 16.99
CA THR B 9 5.39 -10.05 16.64
C THR B 9 4.84 -10.12 15.23
N PRO B 10 3.88 -11.05 15.01
CA PRO B 10 3.26 -11.23 13.69
C PRO B 10 2.36 -10.07 13.30
N LEU B 11 1.58 -9.59 14.26
CA LEU B 11 0.67 -8.46 14.02
C LEU B 11 1.42 -7.29 13.39
N ILE B 12 2.30 -6.66 14.18
CA ILE B 12 3.07 -5.52 13.71
C ILE B 12 3.84 -5.87 12.45
N ALA B 13 4.49 -7.03 12.46
CA ALA B 13 5.27 -7.48 11.31
C ALA B 13 4.44 -7.43 10.03
N ALA B 14 3.36 -8.20 10.00
CA ALA B 14 2.47 -8.23 8.85
C ALA B 14 2.07 -6.83 8.41
N GLY B 15 1.92 -5.94 9.39
CA GLY B 15 1.53 -4.57 9.09
C GLY B 15 2.52 -3.88 8.19
N VAL B 16 3.78 -3.82 8.62
CA VAL B 16 4.83 -3.17 7.84
C VAL B 16 5.06 -3.90 6.52
N ILE B 17 4.95 -5.23 6.56
CA ILE B 17 5.16 -6.04 5.37
C ILE B 17 4.07 -5.76 4.32
N GLY B 18 2.83 -5.74 4.78
CA GLY B 18 1.72 -5.47 3.88
C GLY B 18 1.84 -4.15 3.16
N GLY B 19 2.07 -3.09 3.93
CA GLY B 19 2.20 -1.77 3.34
C GLY B 19 3.33 -1.69 2.34
N LEU B 20 4.44 -2.32 2.66
CA LEU B 20 5.60 -2.32 1.77
C LEU B 20 5.33 -3.14 0.51
N PHE B 21 5.03 -4.43 0.71
CA PHE B 21 4.75 -5.33 -0.41
C PHE B 21 3.68 -4.73 -1.32
N ILE B 22 2.53 -4.42 -0.74
CA ILE B 22 1.43 -3.84 -1.51
C ILE B 22 1.88 -2.62 -2.29
N LEU B 23 2.69 -1.78 -1.64
CA LEU B 23 3.20 -0.57 -2.27
C LEU B 23 4.14 -0.91 -3.43
N VAL B 24 4.95 -1.94 -3.23
CA VAL B 24 5.90 -2.37 -4.24
C VAL B 24 5.19 -2.69 -5.55
N ILE B 25 4.12 -3.47 -5.47
CA ILE B 25 3.36 -3.85 -6.66
C ILE B 25 2.73 -2.62 -7.31
N VAL B 26 1.94 -1.88 -6.54
CA VAL B 26 1.28 -0.68 -7.06
C VAL B 26 2.29 0.27 -7.69
N GLY B 27 3.33 0.62 -6.92
CA GLY B 27 4.34 1.52 -7.42
C GLY B 27 4.91 1.08 -8.76
N LEU B 28 5.46 -0.13 -8.80
CA LEU B 28 6.04 -0.67 -10.02
C LEU B 28 5.00 -0.70 -11.15
N THR B 29 3.79 -1.16 -10.83
CA THR B 29 2.72 -1.24 -11.81
C THR B 29 2.54 0.10 -12.52
N PHE B 30 2.72 1.19 -11.79
CA PHE B 30 2.58 2.53 -12.37
C PHE B 30 3.75 2.85 -13.29
N ALA B 31 4.96 2.62 -12.80
CA ALA B 31 6.16 2.88 -13.59
C ALA B 31 6.22 1.98 -14.82
N VAL B 32 5.57 0.82 -14.74
CA VAL B 32 5.55 -0.13 -15.84
C VAL B 32 4.47 0.24 -16.86
N TYR B 33 3.29 0.55 -16.37
CA TYR B 33 2.17 0.91 -17.24
C TYR B 33 2.54 2.10 -18.12
N VAL B 34 3.21 3.08 -17.52
CA VAL B 34 3.62 4.28 -18.26
C VAL B 34 4.67 3.95 -19.30
N ARG B 35 5.67 3.17 -18.92
CA ARG B 35 6.75 2.78 -19.82
C ARG B 35 6.17 2.14 -21.08
N ARG B 36 5.09 1.38 -20.92
CA ARG B 36 4.45 0.72 -22.05
C ARG B 36 4.06 1.72 -23.13
N LYS B 37 3.90 2.98 -22.73
CA LYS B 37 3.53 4.04 -23.66
C LYS B 37 4.76 4.56 -24.42
N SER B 38 5.90 4.59 -23.73
CA SER B 38 7.13 5.06 -24.32
C SER B 38 7.78 3.97 -25.17
N ILE B 39 8.92 4.30 -25.77
CA ILE B 39 9.65 3.35 -26.60
C ILE B 39 11.10 3.21 -26.15
N LYS B 40 11.28 3.04 -24.84
CA LYS B 40 12.61 2.89 -24.27
C LYS B 40 13.53 4.02 -24.72
N LYS B 41 13.12 5.26 -24.45
CA LYS B 41 13.90 6.43 -24.83
C LYS B 41 14.21 6.42 -26.33
N LYS B 42 15.07 7.34 -26.75
CA LYS B 42 15.44 7.43 -28.15
C LYS B 42 16.80 8.11 -28.31
N ARG B 43 17.71 7.81 -27.39
CA ARG B 43 19.05 8.39 -27.42
C ARG B 43 20.03 7.47 -28.13
N ALA B 44 19.79 6.16 -28.01
CA ALA B 44 20.65 5.16 -28.64
C ALA B 44 20.38 5.09 -30.14
N SER A 1 -5.99 -25.99 8.39
CA SER A 1 -5.52 -25.20 9.52
C SER A 1 -6.68 -24.52 10.24
N THR A 2 -6.88 -24.88 11.50
CA THR A 2 -7.96 -24.31 12.30
C THR A 2 -7.41 -23.38 13.37
N LEU A 3 -8.25 -22.45 13.83
CA LEU A 3 -7.84 -21.51 14.86
C LEU A 3 -8.68 -21.68 16.12
N PRO A 4 -8.13 -21.24 17.26
CA PRO A 4 -8.80 -21.34 18.56
C PRO A 4 -10.00 -20.40 18.66
N GLN A 5 -10.94 -20.73 19.54
CA GLN A 5 -12.14 -19.92 19.73
C GLN A 5 -11.81 -18.67 20.52
N HIS A 6 -11.05 -17.76 19.92
CA HIS A 6 -10.68 -16.51 20.57
C HIS A 6 -9.83 -15.63 19.65
N ALA A 7 -8.86 -16.26 18.99
CA ALA A 7 -7.98 -15.55 18.08
C ALA A 7 -8.78 -14.75 17.04
N ARG A 8 -8.61 -13.44 17.05
CA ARG A 8 -9.31 -12.56 16.12
C ARG A 8 -8.56 -12.43 14.81
N THR A 9 -7.59 -13.32 14.60
CA THR A 9 -6.79 -13.31 13.39
C THR A 9 -6.16 -11.94 13.16
N PRO A 10 -5.24 -11.55 14.06
CA PRO A 10 -4.55 -10.27 13.98
C PRO A 10 -3.57 -10.20 12.81
N LEU A 11 -2.85 -11.30 12.58
CA LEU A 11 -1.89 -11.37 11.49
C LEU A 11 -2.54 -11.01 10.16
N ILE A 12 -3.43 -11.88 9.68
CA ILE A 12 -4.12 -11.65 8.43
C ILE A 12 -4.84 -10.30 8.42
N ALA A 13 -5.53 -10.00 9.52
CA ALA A 13 -6.25 -8.74 9.64
C ALA A 13 -5.34 -7.55 9.35
N ALA A 14 -4.29 -7.41 10.16
CA ALA A 14 -3.34 -6.32 9.98
C ALA A 14 -2.82 -6.26 8.54
N GLY A 15 -2.73 -7.44 7.92
CA GLY A 15 -2.24 -7.50 6.54
C GLY A 15 -3.12 -6.72 5.58
N VAL A 16 -4.40 -7.06 5.54
CA VAL A 16 -5.35 -6.39 4.66
C VAL A 16 -5.52 -4.93 5.04
N ILE A 17 -5.49 -4.67 6.34
CA ILE A 17 -5.64 -3.31 6.85
C ILE A 17 -4.46 -2.43 6.44
N GLY A 18 -3.25 -2.93 6.67
CA GLY A 18 -2.05 -2.19 6.31
C GLY A 18 -2.03 -1.81 4.85
N GLY A 19 -2.21 -2.79 3.97
CA GLY A 19 -2.20 -2.53 2.55
C GLY A 19 -3.23 -1.50 2.13
N LEU A 20 -4.44 -1.61 2.69
CA LEU A 20 -5.51 -0.68 2.38
C LEU A 20 -5.21 0.71 2.92
N PHE A 21 -5.00 0.80 4.23
CA PHE A 21 -4.68 2.08 4.86
C PHE A 21 -3.54 2.78 4.14
N ILE A 22 -2.40 2.10 4.03
CA ILE A 22 -1.23 2.65 3.37
C ILE A 22 -1.59 3.18 1.99
N LEU A 23 -2.39 2.42 1.26
CA LEU A 23 -2.81 2.81 -0.09
C LEU A 23 -3.72 4.03 -0.04
N VAL A 24 -4.55 4.10 1.00
CA VAL A 24 -5.48 5.21 1.17
C VAL A 24 -4.74 6.54 1.23
N ILE A 25 -3.66 6.57 2.03
CA ILE A 25 -2.86 7.77 2.18
C ILE A 25 -2.14 8.13 0.88
N VAL A 26 -1.33 7.19 0.39
CA VAL A 26 -0.58 7.40 -0.85
C VAL A 26 -1.51 7.80 -1.99
N GLY A 27 -2.53 7.00 -2.21
CA GLY A 27 -3.48 7.29 -3.29
C GLY A 27 -4.02 8.71 -3.20
N LEU A 28 -4.62 9.04 -2.07
CA LEU A 28 -5.19 10.38 -1.87
C LEU A 28 -4.13 11.45 -2.05
N THR A 29 -2.94 11.21 -1.49
CA THR A 29 -1.84 12.16 -1.58
C THR A 29 -1.59 12.56 -3.03
N PHE A 30 -1.69 11.59 -3.93
CA PHE A 30 -1.48 11.85 -5.36
C PHE A 30 -2.60 12.69 -5.93
N ALA A 31 -3.84 12.25 -5.71
CA ALA A 31 -5.00 12.96 -6.21
C ALA A 31 -5.08 14.37 -5.63
N VAL A 32 -4.54 14.55 -4.43
CA VAL A 32 -4.54 15.84 -3.77
C VAL A 32 -3.38 16.71 -4.26
N TYR A 33 -2.23 16.10 -4.45
CA TYR A 33 -1.05 16.81 -4.92
C TYR A 33 -1.30 17.46 -6.28
N VAL A 34 -1.96 16.71 -7.16
CA VAL A 34 -2.27 17.21 -8.50
C VAL A 34 -3.28 18.35 -8.44
N ARG A 35 -4.35 18.14 -7.68
CA ARG A 35 -5.40 19.15 -7.54
C ARG A 35 -4.79 20.50 -7.14
N ARG A 36 -3.80 20.45 -6.26
CA ARG A 36 -3.15 21.68 -5.79
C ARG A 36 -2.69 22.53 -6.97
N LYS A 37 -2.47 21.88 -8.12
CA LYS A 37 -2.04 22.59 -9.32
C LYS A 37 -3.22 23.20 -10.06
N SER A 38 -4.21 22.37 -10.35
CA SER A 38 -5.40 22.84 -11.06
C SER A 38 -5.02 23.72 -12.25
N ILE A 39 -4.76 23.08 -13.39
CA ILE A 39 -4.39 23.80 -14.59
C ILE A 39 -5.62 24.20 -15.40
N LYS A 40 -6.63 24.71 -14.70
CA LYS A 40 -7.87 25.13 -15.36
C LYS A 40 -8.36 24.07 -16.33
N LYS A 41 -8.29 22.81 -15.90
CA LYS A 41 -8.74 21.70 -16.74
C LYS A 41 -8.91 20.43 -15.91
N LYS A 42 -9.19 20.60 -14.62
CA LYS A 42 -9.37 19.47 -13.72
C LYS A 42 -8.19 18.51 -13.82
N ARG A 43 -7.19 18.72 -12.97
CA ARG A 43 -6.01 17.87 -12.96
C ARG A 43 -5.55 17.55 -14.38
N ALA A 44 -5.67 18.52 -15.27
CA ALA A 44 -5.27 18.34 -16.66
C ALA A 44 -5.97 17.14 -17.28
N SER B 1 5.20 -3.35 28.05
CA SER B 1 4.63 -4.54 27.41
C SER B 1 5.72 -5.49 26.95
N THR B 2 5.72 -6.69 27.52
CA THR B 2 6.71 -7.70 27.18
C THR B 2 6.10 -8.84 26.37
N LEU B 3 6.92 -9.54 25.61
CA LEU B 3 6.45 -10.65 24.79
C LEU B 3 7.14 -11.95 25.19
N PRO B 4 6.47 -13.08 24.94
CA PRO B 4 7.00 -14.41 25.26
C PRO B 4 8.19 -14.80 24.37
N GLN B 5 9.01 -15.71 24.87
CA GLN B 5 10.18 -16.17 24.12
C GLN B 5 9.78 -17.11 22.99
N HIS B 6 9.10 -16.57 21.98
CA HIS B 6 8.65 -17.37 20.85
C HIS B 6 7.92 -16.50 19.83
N ALA B 7 7.03 -15.64 20.32
CA ALA B 7 6.26 -14.76 19.46
C ALA B 7 7.17 -13.95 18.55
N ARG B 8 7.00 -14.11 17.25
CA ARG B 8 7.81 -13.39 16.27
C ARG B 8 7.12 -12.09 15.84
N THR B 9 6.16 -11.65 16.65
CA THR B 9 5.42 -10.43 16.33
C THR B 9 4.88 -10.45 14.91
N PRO B 10 3.92 -11.36 14.66
CA PRO B 10 3.30 -11.51 13.35
C PRO B 10 2.40 -10.32 13.00
N LEU B 11 1.66 -9.83 13.98
CA LEU B 11 0.76 -8.70 13.78
C LEU B 11 1.51 -7.51 13.20
N ILE B 12 2.39 -6.92 14.00
CA ILE B 12 3.17 -5.77 13.57
C ILE B 12 3.93 -6.08 12.28
N ALA B 13 4.57 -7.24 12.25
CA ALA B 13 5.34 -7.67 11.09
C ALA B 13 4.50 -7.57 9.81
N ALA B 14 3.41 -8.32 9.78
CA ALA B 14 2.53 -8.32 8.62
C ALA B 14 2.13 -6.90 8.23
N GLY B 15 1.99 -6.04 9.24
CA GLY B 15 1.61 -4.65 8.98
C GLY B 15 2.61 -3.94 8.09
N VAL B 16 3.87 -3.91 8.51
CA VAL B 16 4.92 -3.24 7.74
C VAL B 16 5.13 -3.94 6.41
N ILE B 17 5.02 -5.26 6.40
CA ILE B 17 5.20 -6.05 5.19
C ILE B 17 4.10 -5.73 4.17
N GLY B 18 2.86 -5.74 4.63
CA GLY B 18 1.74 -5.45 3.74
C GLY B 18 1.86 -4.10 3.06
N GLY B 19 2.09 -3.06 3.86
CA GLY B 19 2.23 -1.72 3.31
C GLY B 19 3.35 -1.62 2.29
N LEU B 20 4.48 -2.26 2.59
CA LEU B 20 5.63 -2.24 1.69
C LEU B 20 5.34 -3.02 0.42
N PHE B 21 5.04 -4.31 0.57
CA PHE B 21 4.74 -5.18 -0.57
C PHE B 21 3.67 -4.55 -1.45
N ILE B 22 2.51 -4.27 -0.86
CA ILE B 22 1.41 -3.67 -1.60
C ILE B 22 1.85 -2.41 -2.34
N LEU B 23 2.68 -1.61 -1.68
CA LEU B 23 3.19 -0.37 -2.28
C LEU B 23 4.14 -0.68 -3.44
N VAL B 24 4.91 -1.75 -3.29
CA VAL B 24 5.86 -2.15 -4.33
C VAL B 24 5.14 -2.43 -5.65
N ILE B 25 4.06 -3.19 -5.57
CA ILE B 25 3.28 -3.53 -6.76
C ILE B 25 2.64 -2.29 -7.37
N VAL B 26 1.87 -1.58 -6.57
CA VAL B 26 1.20 -0.36 -7.03
C VAL B 26 2.20 0.62 -7.63
N GLY B 27 3.23 0.95 -6.86
CA GLY B 27 4.24 1.87 -7.32
C GLY B 27 4.81 1.49 -8.68
N LEU B 28 5.34 0.27 -8.77
CA LEU B 28 5.91 -0.20 -10.02
C LEU B 28 4.88 -0.17 -11.14
N THR B 29 3.66 -0.60 -10.83
CA THR B 29 2.58 -0.62 -11.81
C THR B 29 2.44 0.74 -12.50
N PHE B 30 2.57 1.81 -11.71
CA PHE B 30 2.46 3.16 -12.25
C PHE B 30 3.64 3.49 -13.15
N ALA B 31 4.85 3.28 -12.64
CA ALA B 31 6.06 3.55 -13.40
C ALA B 31 6.11 2.71 -14.67
N VAL B 32 5.50 1.53 -14.62
CA VAL B 32 5.47 0.63 -15.77
C VAL B 32 4.38 1.02 -16.75
N TYR B 33 3.21 1.38 -16.21
CA TYR B 33 2.07 1.77 -17.05
C TYR B 33 2.43 2.96 -17.93
N VAL B 34 3.14 3.92 -17.36
CA VAL B 34 3.54 5.13 -18.09
C VAL B 34 4.56 4.78 -19.18
N ARG B 35 5.57 3.99 -18.81
CA ARG B 35 6.60 3.59 -19.74
C ARG B 35 6.00 2.99 -21.01
N ARG B 36 4.93 2.21 -20.83
CA ARG B 36 4.25 1.58 -21.96
C ARG B 36 3.90 2.61 -23.03
N LYS B 37 3.76 3.86 -22.61
CA LYS B 37 3.42 4.94 -23.53
C LYS B 37 4.67 5.47 -24.24
N SER B 38 5.67 5.84 -23.44
CA SER B 38 6.92 6.36 -23.98
C SER B 38 6.65 7.39 -25.07
N ILE B 39 6.30 8.60 -24.66
CA ILE B 39 6.01 9.68 -25.59
C ILE B 39 7.25 10.52 -25.87
N LYS B 40 8.40 9.85 -25.95
CA LYS B 40 9.66 10.53 -26.21
C LYS B 40 9.84 11.73 -25.28
N LYS B 41 9.27 11.63 -24.07
CA LYS B 41 9.37 12.70 -23.09
C LYS B 41 8.60 12.35 -21.83
N LYS B 42 8.58 11.07 -21.49
CA LYS B 42 7.87 10.59 -20.30
C LYS B 42 6.45 11.14 -20.26
N ARG B 43 5.54 10.44 -20.95
CA ARG B 43 4.14 10.86 -21.00
C ARG B 43 4.03 12.38 -21.10
N ALA B 44 4.89 12.98 -21.91
CA ALA B 44 4.88 14.42 -22.10
C ALA B 44 5.03 15.15 -20.77
N SER A 1 -3.41 -22.60 20.08
CA SER A 1 -2.91 -21.36 20.66
C SER A 1 -3.93 -20.77 21.64
N THR A 2 -3.52 -20.61 22.89
CA THR A 2 -4.40 -20.07 23.92
C THR A 2 -4.53 -18.55 23.78
N LEU A 3 -5.68 -18.11 23.31
CA LEU A 3 -5.94 -16.68 23.13
C LEU A 3 -7.09 -16.22 24.01
N PRO A 4 -7.10 -14.92 24.34
CA PRO A 4 -8.14 -14.31 25.18
C PRO A 4 -9.49 -14.24 24.46
N GLN A 5 -10.42 -13.50 25.05
CA GLN A 5 -11.75 -13.35 24.46
C GLN A 5 -11.68 -12.64 23.12
N HIS A 6 -10.54 -12.00 22.85
CA HIS A 6 -10.34 -11.28 21.59
C HIS A 6 -9.04 -11.72 20.93
N ALA A 7 -8.58 -10.91 19.97
CA ALA A 7 -7.35 -11.20 19.25
C ALA A 7 -7.42 -12.56 18.56
N ARG A 8 -8.35 -12.68 17.62
CA ARG A 8 -8.53 -13.93 16.88
C ARG A 8 -7.53 -14.03 15.73
N THR A 9 -7.78 -13.27 14.67
CA THR A 9 -6.90 -13.28 13.51
C THR A 9 -6.29 -11.90 13.28
N PRO A 10 -5.41 -11.48 14.20
CA PRO A 10 -4.74 -10.18 14.12
C PRO A 10 -3.72 -10.13 12.98
N LEU A 11 -2.97 -11.22 12.82
CA LEU A 11 -1.95 -11.29 11.77
C LEU A 11 -2.55 -10.96 10.42
N ILE A 12 -3.42 -11.84 9.92
CA ILE A 12 -4.06 -11.64 8.63
C ILE A 12 -4.80 -10.30 8.58
N ALA A 13 -5.55 -10.00 9.64
CA ALA A 13 -6.29 -8.75 9.72
C ALA A 13 -5.38 -7.56 9.44
N ALA A 14 -4.36 -7.39 10.27
CA ALA A 14 -3.42 -6.28 10.12
C ALA A 14 -2.87 -6.23 8.70
N GLY A 15 -2.69 -7.39 8.09
CA GLY A 15 -2.17 -7.46 6.74
C GLY A 15 -3.03 -6.71 5.76
N VAL A 16 -4.30 -7.10 5.67
CA VAL A 16 -5.24 -6.45 4.76
C VAL A 16 -5.44 -4.99 5.12
N ILE A 17 -5.49 -4.71 6.42
CA ILE A 17 -5.68 -3.34 6.89
C ILE A 17 -4.51 -2.45 6.50
N GLY A 18 -3.31 -2.95 6.70
CA GLY A 18 -2.12 -2.19 6.35
C GLY A 18 -2.08 -1.81 4.89
N GLY A 19 -2.23 -2.80 4.02
CA GLY A 19 -2.21 -2.54 2.59
C GLY A 19 -3.25 -1.51 2.17
N LEU A 20 -4.44 -1.62 2.74
CA LEU A 20 -5.53 -0.69 2.42
C LEU A 20 -5.21 0.71 2.93
N PHE A 21 -5.00 0.82 4.24
CA PHE A 21 -4.69 2.11 4.86
C PHE A 21 -3.53 2.80 4.13
N ILE A 22 -2.41 2.09 4.02
CA ILE A 22 -1.24 2.63 3.35
C ILE A 22 -1.59 3.16 1.96
N LEU A 23 -2.39 2.39 1.23
CA LEU A 23 -2.80 2.76 -0.12
C LEU A 23 -3.71 3.98 -0.08
N VAL A 24 -4.56 4.06 0.94
CA VAL A 24 -5.48 5.18 1.09
C VAL A 24 -4.73 6.51 1.16
N ILE A 25 -3.66 6.53 1.95
CA ILE A 25 -2.85 7.74 2.10
C ILE A 25 -2.13 8.08 0.80
N VAL A 26 -1.34 7.14 0.30
CA VAL A 26 -0.60 7.35 -0.93
C VAL A 26 -1.53 7.78 -2.07
N GLY A 27 -2.56 6.99 -2.30
CA GLY A 27 -3.51 7.31 -3.35
C GLY A 27 -4.04 8.73 -3.26
N LEU A 28 -4.65 9.05 -2.12
CA LEU A 28 -5.20 10.38 -1.90
C LEU A 28 -4.13 11.45 -2.06
N THR A 29 -2.96 11.19 -1.48
CA THR A 29 -1.84 12.14 -1.56
C THR A 29 -1.57 12.54 -3.01
N PHE A 30 -1.71 11.58 -3.92
CA PHE A 30 -1.47 11.84 -5.34
C PHE A 30 -2.57 12.71 -5.92
N ALA A 31 -3.82 12.30 -5.70
CA ALA A 31 -4.97 13.05 -6.20
C ALA A 31 -5.01 14.45 -5.61
N VAL A 32 -4.53 14.60 -4.39
CA VAL A 32 -4.50 15.89 -3.71
C VAL A 32 -3.38 16.78 -4.26
N TYR A 33 -2.19 16.21 -4.38
CA TYR A 33 -1.04 16.95 -4.88
C TYR A 33 -1.35 17.56 -6.25
N VAL A 34 -1.91 16.75 -7.14
CA VAL A 34 -2.25 17.22 -8.48
C VAL A 34 -3.27 18.35 -8.43
N ARG A 35 -4.34 18.15 -7.65
CA ARG A 35 -5.37 19.15 -7.51
C ARG A 35 -4.79 20.49 -7.10
N ARG A 36 -3.75 20.45 -6.27
CA ARG A 36 -3.11 21.66 -5.79
C ARG A 36 -2.60 22.51 -6.96
N LYS A 37 -2.40 21.86 -8.11
CA LYS A 37 -1.93 22.55 -9.31
C LYS A 37 -3.08 23.22 -10.04
N SER A 38 -4.25 22.59 -10.01
CA SER A 38 -5.43 23.12 -10.68
C SER A 38 -6.16 24.12 -9.78
N ILE A 39 -6.94 25.00 -10.38
CA ILE A 39 -7.69 26.01 -9.65
C ILE A 39 -9.11 25.53 -9.36
N LYS A 40 -9.22 24.36 -8.76
CA LYS A 40 -10.53 23.79 -8.41
C LYS A 40 -11.51 23.98 -9.56
N LYS A 41 -11.01 23.86 -10.79
CA LYS A 41 -11.85 24.01 -11.98
C LYS A 41 -12.61 25.33 -11.93
N LYS A 42 -13.54 25.50 -12.88
CA LYS A 42 -14.35 26.71 -12.95
C LYS A 42 -13.46 27.95 -12.95
N ARG A 43 -12.98 28.32 -14.14
CA ARG A 43 -12.11 29.48 -14.28
C ARG A 43 -12.93 30.77 -14.20
N ALA A 44 -12.64 31.59 -13.20
CA ALA A 44 -13.34 32.86 -13.01
C ALA A 44 -12.49 33.84 -12.22
N SER B 1 1.36 -13.79 27.13
CA SER B 1 0.83 -14.57 26.02
C SER B 1 1.72 -15.78 25.73
N THR B 2 1.13 -16.97 25.84
CA THR B 2 1.88 -18.21 25.60
C THR B 2 2.06 -18.44 24.11
N LEU B 3 3.29 -18.24 23.62
CA LEU B 3 3.60 -18.43 22.21
C LEU B 3 4.69 -19.49 22.04
N PRO B 4 4.70 -20.14 20.86
CA PRO B 4 5.69 -21.17 20.54
C PRO B 4 7.08 -20.61 20.36
N GLN B 5 7.99 -21.43 19.85
CA GLN B 5 9.37 -21.01 19.63
C GLN B 5 9.42 -19.81 18.69
N HIS B 6 8.36 -19.61 17.92
CA HIS B 6 8.28 -18.50 16.98
C HIS B 6 6.98 -17.72 17.17
N ALA B 7 6.66 -16.87 16.20
CA ALA B 7 5.45 -16.08 16.25
C ALA B 7 5.51 -15.06 17.40
N ARG B 8 6.49 -14.16 17.32
CA ARG B 8 6.66 -13.14 18.34
C ARG B 8 5.75 -11.94 18.09
N THR B 9 6.11 -11.13 17.10
CA THR B 9 5.33 -9.96 16.75
C THR B 9 4.80 -10.04 15.32
N PRO B 10 3.88 -11.00 15.09
CA PRO B 10 3.28 -11.21 13.77
C PRO B 10 2.35 -10.07 13.37
N LEU B 11 1.57 -9.58 14.33
CA LEU B 11 0.63 -8.50 14.06
C LEU B 11 1.34 -7.30 13.44
N ILE B 12 2.20 -6.66 14.22
CA ILE B 12 2.94 -5.50 13.75
C ILE B 12 3.74 -5.84 12.49
N ALA B 13 4.43 -6.98 12.52
CA ALA B 13 5.23 -7.42 11.38
C ALA B 13 4.40 -7.41 10.10
N ALA B 14 3.33 -8.19 10.08
CA ALA B 14 2.46 -8.26 8.91
C ALA B 14 2.03 -6.87 8.45
N GLY B 15 1.82 -5.97 9.42
CA GLY B 15 1.42 -4.62 9.09
C GLY B 15 2.40 -3.92 8.18
N VAL B 16 3.66 -3.83 8.62
CA VAL B 16 4.70 -3.18 7.85
C VAL B 16 4.96 -3.93 6.54
N ILE B 17 4.91 -5.25 6.60
CA ILE B 17 5.13 -6.08 5.42
C ILE B 17 4.06 -5.84 4.37
N GLY B 18 2.81 -5.79 4.81
CA GLY B 18 1.71 -5.57 3.90
C GLY B 18 1.82 -4.25 3.15
N GLY B 19 2.02 -3.17 3.91
CA GLY B 19 2.14 -1.85 3.30
C GLY B 19 3.27 -1.79 2.29
N LEU B 20 4.39 -2.43 2.61
CA LEU B 20 5.55 -2.44 1.72
C LEU B 20 5.26 -3.26 0.46
N PHE B 21 4.96 -4.53 0.65
CA PHE B 21 4.66 -5.42 -0.47
C PHE B 21 3.59 -4.81 -1.38
N ILE B 22 2.45 -4.46 -0.79
CA ILE B 22 1.35 -3.87 -1.55
C ILE B 22 1.82 -2.67 -2.35
N LEU B 23 2.65 -1.83 -1.71
CA LEU B 23 3.18 -0.64 -2.36
C LEU B 23 4.13 -1.00 -3.50
N VAL B 24 4.90 -2.07 -3.29
CA VAL B 24 5.86 -2.52 -4.29
C VAL B 24 5.16 -2.85 -5.60
N ILE B 25 4.05 -3.56 -5.51
CA ILE B 25 3.28 -3.94 -6.70
C ILE B 25 2.67 -2.71 -7.37
N VAL B 26 1.87 -1.96 -6.61
CA VAL B 26 1.23 -0.76 -7.13
C VAL B 26 2.26 0.18 -7.76
N GLY B 27 3.29 0.52 -6.99
CA GLY B 27 4.32 1.42 -7.49
C GLY B 27 4.89 0.96 -8.81
N LEU B 28 5.42 -0.26 -8.84
CA LEU B 28 6.01 -0.82 -10.06
C LEU B 28 4.99 -0.83 -11.18
N THR B 29 3.77 -1.27 -10.87
CA THR B 29 2.71 -1.34 -11.86
C THR B 29 2.55 -0.02 -12.59
N PHE B 30 2.72 1.08 -11.86
CA PHE B 30 2.59 2.41 -12.45
C PHE B 30 3.77 2.72 -13.37
N ALA B 31 4.99 2.51 -12.86
CA ALA B 31 6.19 2.76 -13.64
C ALA B 31 6.24 1.86 -14.87
N VAL B 32 5.67 0.68 -14.76
CA VAL B 32 5.65 -0.28 -15.86
C VAL B 32 4.61 0.10 -16.90
N TYR B 33 3.41 0.42 -16.44
CA TYR B 33 2.32 0.81 -17.32
C TYR B 33 2.73 1.97 -18.22
N VAL B 34 3.33 2.99 -17.61
CA VAL B 34 3.78 4.16 -18.36
C VAL B 34 4.83 3.79 -19.40
N ARG B 35 5.83 3.01 -18.98
CA ARG B 35 6.89 2.58 -19.87
C ARG B 35 6.32 1.90 -21.12
N ARG B 36 5.23 1.16 -20.93
CA ARG B 36 4.59 0.46 -22.04
C ARG B 36 4.19 1.43 -23.14
N LYS B 37 4.05 2.70 -22.79
CA LYS B 37 3.67 3.73 -23.74
C LYS B 37 4.89 4.22 -24.52
N SER B 38 6.04 4.25 -23.85
CA SER B 38 7.28 4.69 -24.48
C SER B 38 7.99 3.53 -25.17
N ILE B 39 8.86 3.87 -26.13
CA ILE B 39 9.60 2.85 -26.86
C ILE B 39 11.01 2.69 -26.31
N LYS B 40 11.11 2.50 -24.99
CA LYS B 40 12.41 2.33 -24.34
C LYS B 40 13.36 3.45 -24.74
N LYS B 41 12.88 4.69 -24.67
CA LYS B 41 13.70 5.84 -25.02
C LYS B 41 14.31 5.68 -26.41
N LYS B 42 15.22 6.58 -26.75
CA LYS B 42 15.89 6.53 -28.05
C LYS B 42 14.86 6.49 -29.18
N ARG B 43 14.37 7.66 -29.57
CA ARG B 43 13.39 7.75 -30.65
C ARG B 43 14.03 7.54 -32.01
N ALA B 44 13.62 6.50 -32.70
CA ALA B 44 14.17 6.18 -34.02
C ALA B 44 13.18 5.35 -34.84
N SER A 1 1.08 -22.90 12.83
CA SER A 1 -0.06 -23.56 12.20
C SER A 1 -1.32 -23.35 13.02
N THR A 2 -1.35 -23.92 14.22
CA THR A 2 -2.50 -23.80 15.10
C THR A 2 -2.73 -22.35 15.51
N LEU A 3 -3.71 -22.13 16.37
CA LEU A 3 -4.03 -20.79 16.86
C LEU A 3 -3.76 -20.66 18.34
N PRO A 4 -3.55 -19.43 18.81
CA PRO A 4 -3.27 -19.13 20.21
C PRO A 4 -4.48 -19.37 21.11
N GLN A 5 -4.42 -18.86 22.34
CA GLN A 5 -5.51 -19.02 23.28
C GLN A 5 -6.76 -18.28 22.80
N HIS A 6 -6.57 -17.07 22.30
CA HIS A 6 -7.67 -16.25 21.81
C HIS A 6 -7.16 -15.11 20.94
N ALA A 7 -7.56 -15.10 19.68
CA ALA A 7 -7.15 -14.06 18.75
C ALA A 7 -8.09 -13.98 17.54
N ARG A 8 -8.53 -12.78 17.23
CA ARG A 8 -9.45 -12.56 16.11
C ARG A 8 -8.67 -12.41 14.80
N THR A 9 -7.79 -13.36 14.53
CA THR A 9 -6.97 -13.32 13.32
C THR A 9 -6.33 -11.96 13.12
N PRO A 10 -5.42 -11.59 14.04
CA PRO A 10 -4.72 -10.31 13.98
C PRO A 10 -3.72 -10.24 12.83
N LEU A 11 -2.99 -11.33 12.62
CA LEU A 11 -2.01 -11.39 11.55
C LEU A 11 -2.63 -11.02 10.20
N ILE A 12 -3.52 -11.89 9.72
CA ILE A 12 -4.19 -11.66 8.45
C ILE A 12 -4.90 -10.30 8.44
N ALA A 13 -5.62 -10.01 9.51
CA ALA A 13 -6.34 -8.75 9.62
C ALA A 13 -5.41 -7.57 9.35
N ALA A 14 -4.39 -7.43 10.18
CA ALA A 14 -3.43 -6.33 10.03
C ALA A 14 -2.89 -6.27 8.60
N GLY A 15 -2.78 -7.44 7.97
CA GLY A 15 -2.26 -7.50 6.62
C GLY A 15 -3.12 -6.71 5.64
N VAL A 16 -4.41 -7.07 5.57
CA VAL A 16 -5.34 -6.40 4.67
C VAL A 16 -5.52 -4.94 5.07
N ILE A 17 -5.49 -4.67 6.36
CA ILE A 17 -5.64 -3.31 6.87
C ILE A 17 -4.47 -2.43 6.45
N GLY A 18 -3.26 -2.93 6.69
CA GLY A 18 -2.07 -2.18 6.34
C GLY A 18 -2.04 -1.80 4.87
N GLY A 19 -2.21 -2.79 4.01
CA GLY A 19 -2.19 -2.54 2.57
C GLY A 19 -3.23 -1.51 2.15
N LEU A 20 -4.42 -1.62 2.71
CA LEU A 20 -5.51 -0.69 2.40
C LEU A 20 -5.21 0.70 2.93
N PHE A 21 -5.00 0.81 4.23
CA PHE A 21 -4.70 2.09 4.86
C PHE A 21 -3.54 2.79 4.15
N ILE A 22 -2.41 2.09 4.04
CA ILE A 22 -1.24 2.65 3.39
C ILE A 22 -1.59 3.17 1.99
N LEU A 23 -2.37 2.39 1.26
CA LEU A 23 -2.78 2.78 -0.09
C LEU A 23 -3.70 4.00 -0.05
N VAL A 24 -4.54 4.07 0.97
CA VAL A 24 -5.47 5.19 1.11
C VAL A 24 -4.72 6.51 1.19
N ILE A 25 -3.67 6.55 1.99
CA ILE A 25 -2.87 7.77 2.15
C ILE A 25 -2.14 8.11 0.85
N VAL A 26 -1.34 7.17 0.36
CA VAL A 26 -0.60 7.38 -0.88
C VAL A 26 -1.52 7.80 -2.01
N GLY A 27 -2.56 7.01 -2.25
CA GLY A 27 -3.50 7.31 -3.31
C GLY A 27 -4.04 8.72 -3.23
N LEU A 28 -4.64 9.05 -2.08
CA LEU A 28 -5.20 10.39 -1.87
C LEU A 28 -4.12 11.46 -2.05
N THR A 29 -2.95 11.20 -1.50
CA THR A 29 -1.84 12.14 -1.59
C THR A 29 -1.58 12.56 -3.04
N PHE A 30 -1.70 11.59 -3.94
CA PHE A 30 -1.48 11.86 -5.37
C PHE A 30 -2.61 12.71 -5.94
N ALA A 31 -3.84 12.28 -5.71
CA ALA A 31 -5.01 13.00 -6.20
C ALA A 31 -5.07 14.41 -5.62
N VAL A 32 -4.53 14.57 -4.41
CA VAL A 32 -4.53 15.86 -3.75
C VAL A 32 -3.38 16.73 -4.24
N TYR A 33 -2.21 16.12 -4.41
CA TYR A 33 -1.03 16.84 -4.88
C TYR A 33 -1.30 17.49 -6.24
N VAL A 34 -1.94 16.75 -7.13
CA VAL A 34 -2.26 17.26 -8.47
C VAL A 34 -3.25 18.41 -8.38
N ARG A 35 -4.31 18.21 -7.61
CA ARG A 35 -5.34 19.23 -7.44
C ARG A 35 -4.71 20.58 -7.08
N ARG A 36 -3.71 20.55 -6.20
CA ARG A 36 -3.04 21.75 -5.77
C ARG A 36 -2.58 22.59 -6.96
N LYS A 37 -2.38 21.92 -8.09
CA LYS A 37 -1.94 22.59 -9.31
C LYS A 37 -3.13 23.16 -10.08
N SER A 38 -4.12 22.31 -10.33
CA SER A 38 -5.32 22.73 -11.05
C SER A 38 -4.94 23.47 -12.33
N ILE A 39 -5.92 24.12 -12.94
CA ILE A 39 -5.70 24.88 -14.17
C ILE A 39 -5.27 26.31 -13.87
N LYS A 40 -4.19 26.44 -13.10
CA LYS A 40 -3.67 27.76 -12.74
C LYS A 40 -4.81 28.71 -12.38
N LYS A 41 -5.81 28.20 -11.67
CA LYS A 41 -6.95 29.00 -11.27
C LYS A 41 -6.66 29.76 -9.98
N LYS A 42 -7.36 30.86 -9.76
CA LYS A 42 -7.18 31.66 -8.57
C LYS A 42 -5.70 32.01 -8.36
N ARG A 43 -5.06 32.46 -9.42
CA ARG A 43 -3.65 32.82 -9.37
C ARG A 43 -2.78 31.61 -9.02
N ALA A 44 -2.69 31.31 -7.73
CA ALA A 44 -1.90 30.17 -7.28
C ALA A 44 -2.67 28.87 -7.44
N SER B 1 -2.09 -19.19 6.81
CA SER B 1 -2.60 -17.82 6.87
C SER B 1 -2.39 -17.22 8.26
N THR B 2 -3.11 -17.77 9.24
CA THR B 2 -3.00 -17.29 10.61
C THR B 2 -1.61 -17.52 11.18
N LEU B 3 -1.44 -17.26 12.47
CA LEU B 3 -0.15 -17.45 13.13
C LEU B 3 -0.18 -18.64 14.07
N PRO B 4 0.99 -19.24 14.31
CA PRO B 4 1.13 -20.39 15.19
C PRO B 4 0.91 -20.03 16.66
N GLN B 5 1.22 -20.97 17.55
CA GLN B 5 1.05 -20.75 18.98
C GLN B 5 1.97 -19.63 19.46
N HIS B 6 3.06 -19.43 18.74
CA HIS B 6 4.02 -18.38 19.10
C HIS B 6 4.65 -17.76 17.86
N ALA B 7 4.59 -16.43 17.78
CA ALA B 7 5.15 -15.71 16.63
C ALA B 7 5.84 -14.43 17.08
N ARG B 8 6.98 -14.14 16.47
CA ARG B 8 7.74 -12.94 16.80
C ARG B 8 7.04 -11.69 16.30
N THR B 9 6.04 -11.24 17.06
CA THR B 9 5.28 -10.04 16.69
C THR B 9 4.78 -10.13 15.25
N PRO B 10 3.87 -11.09 15.00
CA PRO B 10 3.29 -11.30 13.67
C PRO B 10 2.35 -10.17 13.25
N LEU B 11 1.54 -9.71 14.20
CA LEU B 11 0.60 -8.62 13.94
C LEU B 11 1.32 -7.41 13.35
N ILE B 12 2.15 -6.76 14.16
CA ILE B 12 2.89 -5.59 13.71
C ILE B 12 3.71 -5.90 12.46
N ALA B 13 4.43 -7.03 12.50
CA ALA B 13 5.24 -7.44 11.36
C ALA B 13 4.44 -7.42 10.06
N ALA B 14 3.39 -8.22 10.02
CA ALA B 14 2.54 -8.29 8.83
C ALA B 14 2.10 -6.90 8.39
N GLY B 15 1.86 -6.02 9.35
CA GLY B 15 1.44 -4.67 9.04
C GLY B 15 2.43 -3.94 8.15
N VAL B 16 3.67 -3.84 8.62
CA VAL B 16 4.71 -3.16 7.87
C VAL B 16 4.99 -3.87 6.55
N ILE B 17 4.93 -5.20 6.58
CA ILE B 17 5.17 -6.01 5.40
C ILE B 17 4.11 -5.75 4.33
N GLY B 18 2.85 -5.76 4.74
CA GLY B 18 1.76 -5.52 3.82
C GLY B 18 1.88 -4.18 3.11
N GLY B 19 2.07 -3.12 3.88
CA GLY B 19 2.19 -1.80 3.31
C GLY B 19 3.33 -1.70 2.32
N LEU B 20 4.46 -2.31 2.65
CA LEU B 20 5.63 -2.29 1.78
C LEU B 20 5.38 -3.11 0.52
N PHE B 21 5.10 -4.40 0.69
CA PHE B 21 4.84 -5.29 -0.43
C PHE B 21 3.77 -4.71 -1.35
N ILE B 22 2.60 -4.41 -0.78
CA ILE B 22 1.50 -3.85 -1.55
C ILE B 22 1.94 -2.61 -2.32
N LEU B 23 2.75 -1.77 -1.67
CA LEU B 23 3.24 -0.55 -2.30
C LEU B 23 4.21 -0.88 -3.44
N VAL B 24 5.02 -1.91 -3.23
CA VAL B 24 5.99 -2.33 -4.25
C VAL B 24 5.30 -2.66 -5.57
N ILE B 25 4.22 -3.44 -5.49
CA ILE B 25 3.48 -3.83 -6.68
C ILE B 25 2.83 -2.62 -7.34
N VAL B 26 2.02 -1.89 -6.58
CA VAL B 26 1.35 -0.70 -7.10
C VAL B 26 2.36 0.28 -7.71
N GLY B 27 3.37 0.64 -6.93
CA GLY B 27 4.38 1.56 -7.42
C GLY B 27 4.97 1.14 -8.74
N LEU B 28 5.52 -0.08 -8.79
CA LEU B 28 6.11 -0.60 -10.01
C LEU B 28 5.10 -0.63 -11.15
N THR B 29 3.88 -1.05 -10.83
CA THR B 29 2.82 -1.12 -11.83
C THR B 29 2.66 0.20 -12.56
N PHE B 30 2.78 1.29 -11.82
CA PHE B 30 2.64 2.63 -12.41
C PHE B 30 3.84 2.94 -13.31
N ALA B 31 5.04 2.77 -12.77
CA ALA B 31 6.26 3.03 -13.54
C ALA B 31 6.34 2.14 -14.77
N VAL B 32 5.76 0.95 -14.68
CA VAL B 32 5.76 0.01 -15.79
C VAL B 32 4.67 0.35 -16.80
N TYR B 33 3.50 0.71 -16.29
CA TYR B 33 2.37 1.05 -17.16
C TYR B 33 2.73 2.20 -18.10
N VAL B 34 3.39 3.21 -17.55
CA VAL B 34 3.80 4.37 -18.33
C VAL B 34 4.83 3.99 -19.38
N ARG B 35 5.84 3.22 -18.98
CA ARG B 35 6.88 2.78 -19.88
C ARG B 35 6.30 2.14 -21.13
N ARG B 36 5.25 1.35 -20.95
CA ARG B 36 4.58 0.68 -22.05
C ARG B 36 4.22 1.67 -23.16
N LYS B 37 4.07 2.93 -22.78
CA LYS B 37 3.72 3.98 -23.73
C LYS B 37 4.97 4.55 -24.40
N SER B 38 5.94 4.94 -23.58
CA SER B 38 7.18 5.51 -24.10
C SER B 38 6.91 6.60 -25.13
N ILE B 39 7.95 6.99 -25.86
CA ILE B 39 7.81 8.02 -26.88
C ILE B 39 7.45 7.41 -28.23
N LYS B 40 6.35 6.68 -28.26
CA LYS B 40 5.88 6.05 -29.48
C LYS B 40 7.06 5.48 -30.29
N LYS B 41 8.00 4.87 -29.59
CA LYS B 41 9.17 4.30 -30.24
C LYS B 41 8.89 2.88 -30.72
N LYS B 42 9.64 2.43 -31.73
CA LYS B 42 9.46 1.10 -32.28
C LYS B 42 8.01 0.85 -32.65
N ARG B 43 7.39 1.81 -33.32
CA ARG B 43 6.00 1.69 -33.73
C ARG B 43 5.08 1.61 -32.52
N ALA B 44 4.95 0.40 -31.97
CA ALA B 44 4.11 0.18 -30.80
C ALA B 44 4.83 0.59 -29.52
N SER A 1 -16.03 -4.00 28.27
CA SER A 1 -16.45 -5.11 27.43
C SER A 1 -16.18 -4.83 25.97
N THR A 2 -14.90 -4.87 25.58
CA THR A 2 -14.51 -4.60 24.20
C THR A 2 -13.24 -5.35 23.84
N LEU A 3 -13.00 -5.51 22.54
CA LEU A 3 -11.81 -6.21 22.08
C LEU A 3 -11.00 -5.34 21.12
N PRO A 4 -9.70 -5.64 20.99
CA PRO A 4 -8.80 -4.90 20.11
C PRO A 4 -9.09 -5.12 18.63
N GLN A 5 -8.17 -4.69 17.78
CA GLN A 5 -8.35 -4.86 16.34
C GLN A 5 -8.11 -6.30 15.92
N HIS A 6 -9.19 -7.04 15.76
CA HIS A 6 -9.10 -8.45 15.36
C HIS A 6 -8.21 -9.23 16.32
N ALA A 7 -8.79 -9.68 17.43
CA ALA A 7 -8.06 -10.45 18.42
C ALA A 7 -7.88 -11.90 17.99
N ARG A 8 -8.90 -12.44 17.33
CA ARG A 8 -8.86 -13.82 16.86
C ARG A 8 -7.80 -13.99 15.77
N THR A 9 -7.84 -13.11 14.78
CA THR A 9 -6.89 -13.17 13.67
C THR A 9 -6.29 -11.80 13.40
N PRO A 10 -5.40 -11.35 14.30
CA PRO A 10 -4.73 -10.05 14.18
C PRO A 10 -3.72 -10.03 13.04
N LEU A 11 -2.98 -11.12 12.89
CA LEU A 11 -1.97 -11.22 11.85
C LEU A 11 -2.57 -10.90 10.48
N ILE A 12 -3.46 -11.78 10.01
CA ILE A 12 -4.11 -11.58 8.73
C ILE A 12 -4.83 -10.23 8.67
N ALA A 13 -5.56 -9.90 9.72
CA ALA A 13 -6.29 -8.65 9.80
C ALA A 13 -5.38 -7.47 9.50
N ALA A 14 -4.35 -7.30 10.33
CA ALA A 14 -3.40 -6.20 10.15
C ALA A 14 -2.85 -6.17 8.73
N GLY A 15 -2.69 -7.36 8.14
CA GLY A 15 -2.18 -7.44 6.78
C GLY A 15 -3.05 -6.70 5.78
N VAL A 16 -4.31 -7.08 5.70
CA VAL A 16 -5.25 -6.44 4.79
C VAL A 16 -5.45 -4.97 5.14
N ILE A 17 -5.48 -4.68 6.43
CA ILE A 17 -5.67 -3.31 6.90
C ILE A 17 -4.50 -2.43 6.48
N GLY A 18 -3.29 -2.90 6.73
CA GLY A 18 -2.11 -2.14 6.38
C GLY A 18 -2.06 -1.79 4.90
N GLY A 19 -2.21 -2.80 4.05
CA GLY A 19 -2.18 -2.56 2.61
C GLY A 19 -3.23 -1.55 2.17
N LEU A 20 -4.42 -1.65 2.73
CA LEU A 20 -5.50 -0.73 2.40
C LEU A 20 -5.22 0.67 2.91
N PHE A 21 -5.02 0.78 4.22
CA PHE A 21 -4.73 2.08 4.84
C PHE A 21 -3.58 2.77 4.13
N ILE A 22 -2.45 2.08 4.02
CA ILE A 22 -1.27 2.63 3.37
C ILE A 22 -1.61 3.14 1.97
N LEU A 23 -2.36 2.35 1.23
CA LEU A 23 -2.75 2.73 -0.13
C LEU A 23 -3.66 3.95 -0.11
N VAL A 24 -4.53 4.03 0.90
CA VAL A 24 -5.45 5.15 1.03
C VAL A 24 -4.70 6.47 1.09
N ILE A 25 -3.68 6.52 1.94
CA ILE A 25 -2.88 7.74 2.09
C ILE A 25 -2.16 8.08 0.79
N VAL A 26 -1.37 7.14 0.29
CA VAL A 26 -0.63 7.35 -0.95
C VAL A 26 -1.56 7.79 -2.08
N GLY A 27 -2.60 7.01 -2.31
CA GLY A 27 -3.55 7.33 -3.36
C GLY A 27 -4.06 8.75 -3.26
N LEU A 28 -4.66 9.07 -2.11
CA LEU A 28 -5.21 10.41 -1.89
C LEU A 28 -4.13 11.47 -2.06
N THR A 29 -2.95 11.20 -1.50
CA THR A 29 -1.84 12.14 -1.59
C THR A 29 -1.58 12.56 -3.04
N PHE A 30 -1.71 11.61 -3.95
CA PHE A 30 -1.49 11.89 -5.37
C PHE A 30 -2.61 12.75 -5.93
N ALA A 31 -3.85 12.34 -5.70
CA ALA A 31 -5.01 13.07 -6.19
C ALA A 31 -5.05 14.48 -5.59
N VAL A 32 -4.51 14.61 -4.39
CA VAL A 32 -4.48 15.91 -3.70
C VAL A 32 -3.33 16.77 -4.21
N TYR A 33 -2.17 16.17 -4.36
CA TYR A 33 -0.98 16.88 -4.84
C TYR A 33 -1.26 17.54 -6.18
N VAL A 34 -1.92 16.81 -7.07
CA VAL A 34 -2.25 17.31 -8.40
C VAL A 34 -3.23 18.48 -8.32
N ARG A 35 -4.27 18.30 -7.51
CA ARG A 35 -5.28 19.34 -7.34
C ARG A 35 -4.65 20.68 -6.99
N ARG A 36 -3.63 20.63 -6.14
CA ARG A 36 -2.92 21.84 -5.73
C ARG A 36 -2.47 22.66 -6.94
N LYS A 37 -2.30 21.97 -8.07
CA LYS A 37 -1.87 22.63 -9.30
C LYS A 37 -3.06 23.20 -10.05
N SER A 38 -4.09 22.38 -10.24
CA SER A 38 -5.28 22.81 -10.95
C SER A 38 -4.92 23.55 -12.24
N ILE A 39 -4.68 22.79 -13.30
CA ILE A 39 -4.32 23.38 -14.59
C ILE A 39 -5.56 23.57 -15.46
N LYS A 40 -6.54 24.29 -14.93
CA LYS A 40 -7.78 24.56 -15.67
C LYS A 40 -8.38 23.26 -16.20
N LYS A 41 -8.39 22.23 -15.36
CA LYS A 41 -8.94 20.94 -15.75
C LYS A 41 -8.25 20.40 -17.00
N LYS A 42 -8.69 19.23 -17.46
CA LYS A 42 -8.12 18.61 -18.65
C LYS A 42 -8.78 19.15 -19.91
N ARG A 43 -8.32 18.67 -21.06
CA ARG A 43 -8.87 19.11 -22.34
C ARG A 43 -10.24 18.49 -22.59
N ALA A 44 -11.27 19.04 -21.96
CA ALA A 44 -12.62 18.54 -22.12
C ALA A 44 -13.65 19.58 -21.68
N SER B 1 11.16 -16.06 3.62
CA SER B 1 10.55 -14.88 4.22
C SER B 1 9.15 -15.18 4.72
N THR B 2 9.06 -15.95 5.80
CA THR B 2 7.77 -16.31 6.38
C THR B 2 7.89 -16.55 7.88
N LEU B 3 6.76 -16.49 8.57
CA LEU B 3 6.74 -16.70 10.01
C LEU B 3 5.77 -17.82 10.39
N PRO B 4 6.02 -18.46 11.54
CA PRO B 4 5.19 -19.56 12.03
C PRO B 4 3.81 -19.07 12.50
N GLN B 5 3.08 -19.95 13.17
CA GLN B 5 1.75 -19.62 13.66
C GLN B 5 1.84 -18.75 14.92
N HIS B 6 1.58 -17.45 14.75
CA HIS B 6 1.64 -16.51 15.86
C HIS B 6 3.05 -16.44 16.44
N ALA B 7 3.92 -15.68 15.78
CA ALA B 7 5.29 -15.53 16.23
C ALA B 7 5.39 -14.50 17.36
N ARG B 8 6.59 -13.96 17.56
CA ARG B 8 6.81 -12.97 18.60
C ARG B 8 5.95 -11.74 18.38
N THR B 9 6.00 -11.19 17.18
CA THR B 9 5.22 -10.01 16.83
C THR B 9 4.72 -10.07 15.39
N PRO B 10 3.82 -11.02 15.11
CA PRO B 10 3.25 -11.20 13.77
C PRO B 10 2.32 -10.06 13.37
N LEU B 11 1.53 -9.59 14.33
CA LEU B 11 0.60 -8.51 14.08
C LEU B 11 1.31 -7.30 13.47
N ILE B 12 2.18 -6.68 14.25
CA ILE B 12 2.93 -5.51 13.79
C ILE B 12 3.74 -5.85 12.53
N ALA B 13 4.40 -7.00 12.55
CA ALA B 13 5.20 -7.44 11.41
C ALA B 13 4.38 -7.41 10.12
N ALA B 14 3.31 -8.19 10.09
CA ALA B 14 2.44 -8.25 8.92
C ALA B 14 2.02 -6.86 8.46
N GLY B 15 1.78 -5.98 9.44
CA GLY B 15 1.38 -4.61 9.12
C GLY B 15 2.37 -3.91 8.22
N VAL B 16 3.62 -3.82 8.68
CA VAL B 16 4.68 -3.17 7.91
C VAL B 16 4.94 -3.89 6.60
N ILE B 17 4.88 -5.21 6.64
CA ILE B 17 5.11 -6.03 5.46
C ILE B 17 4.06 -5.77 4.40
N GLY B 18 2.79 -5.76 4.81
CA GLY B 18 1.70 -5.51 3.89
C GLY B 18 1.84 -4.18 3.18
N GLY B 19 2.02 -3.11 3.94
CA GLY B 19 2.16 -1.79 3.36
C GLY B 19 3.29 -1.72 2.35
N LEU B 20 4.41 -2.35 2.68
CA LEU B 20 5.57 -2.35 1.80
C LEU B 20 5.30 -3.18 0.55
N PHE B 21 5.01 -4.47 0.74
CA PHE B 21 4.73 -5.36 -0.37
C PHE B 21 3.67 -4.78 -1.29
N ILE B 22 2.51 -4.45 -0.71
CA ILE B 22 1.41 -3.88 -1.49
C ILE B 22 1.87 -2.66 -2.28
N LEU B 23 2.66 -1.80 -1.63
CA LEU B 23 3.17 -0.61 -2.28
C LEU B 23 4.12 -0.96 -3.42
N VAL B 24 4.92 -1.99 -3.21
CA VAL B 24 5.88 -2.44 -4.23
C VAL B 24 5.17 -2.76 -5.54
N ILE B 25 4.09 -3.55 -5.45
CA ILE B 25 3.33 -3.94 -6.63
C ILE B 25 2.72 -2.72 -7.31
N VAL B 26 1.94 -1.96 -6.55
CA VAL B 26 1.29 -0.77 -7.08
C VAL B 26 2.31 0.18 -7.72
N GLY B 27 3.34 0.53 -6.96
CA GLY B 27 4.37 1.41 -7.47
C GLY B 27 4.93 0.95 -8.79
N LEU B 28 5.46 -0.27 -8.82
CA LEU B 28 6.04 -0.84 -10.03
C LEU B 28 5.01 -0.86 -11.17
N THR B 29 3.79 -1.26 -10.83
CA THR B 29 2.71 -1.33 -11.82
C THR B 29 2.58 -0.01 -12.58
N PHE B 30 2.73 1.09 -11.85
CA PHE B 30 2.63 2.42 -12.47
C PHE B 30 3.81 2.69 -13.38
N ALA B 31 5.01 2.50 -12.85
CA ALA B 31 6.23 2.73 -13.63
C ALA B 31 6.28 1.81 -14.85
N VAL B 32 5.67 0.64 -14.74
CA VAL B 32 5.64 -0.32 -15.83
C VAL B 32 4.55 0.02 -16.84
N TYR B 33 3.38 0.39 -16.33
CA TYR B 33 2.26 0.75 -17.20
C TYR B 33 2.63 1.89 -18.14
N VAL B 34 3.33 2.88 -17.62
CA VAL B 34 3.76 4.03 -18.40
C VAL B 34 4.78 3.62 -19.47
N ARG B 35 5.75 2.80 -19.06
CA ARG B 35 6.78 2.33 -19.98
C ARG B 35 6.16 1.72 -21.24
N ARG B 36 5.08 0.97 -21.05
CA ARG B 36 4.39 0.33 -22.16
C ARG B 36 4.05 1.35 -23.24
N LYS B 37 3.94 2.61 -22.85
CA LYS B 37 3.62 3.68 -23.80
C LYS B 37 4.88 4.21 -24.46
N SER B 38 5.89 4.53 -23.66
CA SER B 38 7.15 5.05 -24.18
C SER B 38 6.90 6.15 -25.21
N ILE B 39 6.69 7.37 -24.72
CA ILE B 39 6.45 8.51 -25.60
C ILE B 39 7.75 9.24 -25.92
N LYS B 40 8.72 8.52 -26.45
CA LYS B 40 10.01 9.09 -26.81
C LYS B 40 10.59 9.88 -25.64
N LYS B 41 10.50 9.30 -24.44
CA LYS B 41 11.02 9.96 -23.24
C LYS B 41 10.40 11.33 -23.04
N LYS B 42 10.82 12.03 -21.99
CA LYS B 42 10.31 13.35 -21.69
C LYS B 42 11.07 14.42 -22.47
N ARG B 43 10.66 15.67 -22.30
CA ARG B 43 11.31 16.79 -23.00
C ARG B 43 12.66 17.11 -22.35
N ALA B 44 13.67 16.32 -22.68
CA ALA B 44 15.01 16.51 -22.14
C ALA B 44 16.05 15.78 -22.98
N SER A 1 -0.75 -21.04 10.56
CA SER A 1 -1.00 -22.47 10.66
C SER A 1 -1.86 -22.79 11.87
N THR A 2 -1.51 -22.21 13.01
CA THR A 2 -2.24 -22.43 14.25
C THR A 2 -2.44 -21.13 15.02
N LEU A 3 -3.67 -20.62 14.99
CA LEU A 3 -4.00 -19.37 15.67
C LEU A 3 -3.60 -19.45 17.15
N PRO A 4 -3.42 -18.28 17.77
CA PRO A 4 -3.04 -18.18 19.18
C PRO A 4 -4.17 -18.62 20.12
N GLN A 5 -4.02 -18.30 21.40
CA GLN A 5 -5.02 -18.66 22.40
C GLN A 5 -6.30 -17.86 22.20
N HIS A 6 -6.18 -16.54 22.31
CA HIS A 6 -7.32 -15.64 22.15
C HIS A 6 -6.95 -14.42 21.34
N ALA A 7 -7.27 -14.44 20.05
CA ALA A 7 -6.96 -13.33 19.16
C ALA A 7 -7.91 -13.29 17.97
N ARG A 8 -8.30 -12.08 17.57
CA ARG A 8 -9.21 -11.91 16.44
C ARG A 8 -8.43 -11.87 15.12
N THR A 9 -7.55 -12.84 14.92
CA THR A 9 -6.74 -12.91 13.71
C THR A 9 -6.08 -11.57 13.41
N PRO A 10 -5.13 -11.18 14.27
CA PRO A 10 -4.41 -9.91 14.11
C PRO A 10 -3.45 -9.93 12.93
N LEU A 11 -2.79 -11.07 12.72
CA LEU A 11 -1.86 -11.23 11.61
C LEU A 11 -2.53 -10.91 10.28
N ILE A 12 -3.46 -11.77 9.88
CA ILE A 12 -4.17 -11.58 8.62
C ILE A 12 -4.84 -10.21 8.57
N ALA A 13 -5.55 -9.86 9.65
CA ALA A 13 -6.22 -8.57 9.72
C ALA A 13 -5.28 -7.43 9.40
N ALA A 14 -4.21 -7.30 10.20
CA ALA A 14 -3.23 -6.24 10.00
C ALA A 14 -2.73 -6.23 8.55
N GLY A 15 -2.67 -7.40 7.93
CA GLY A 15 -2.21 -7.49 6.56
C GLY A 15 -3.09 -6.72 5.61
N VAL A 16 -4.38 -7.06 5.59
CA VAL A 16 -5.33 -6.39 4.71
C VAL A 16 -5.50 -4.93 5.09
N ILE A 17 -5.47 -4.66 6.39
CA ILE A 17 -5.62 -3.29 6.88
C ILE A 17 -4.44 -2.41 6.46
N GLY A 18 -3.23 -2.91 6.69
CA GLY A 18 -2.04 -2.16 6.33
C GLY A 18 -2.03 -1.79 4.86
N GLY A 19 -2.20 -2.79 4.00
CA GLY A 19 -2.20 -2.54 2.57
C GLY A 19 -3.24 -1.52 2.16
N LEU A 20 -4.43 -1.62 2.72
CA LEU A 20 -5.52 -0.70 2.40
C LEU A 20 -5.21 0.70 2.92
N PHE A 21 -5.02 0.81 4.24
CA PHE A 21 -4.71 2.09 4.86
C PHE A 21 -3.57 2.78 4.14
N ILE A 22 -2.43 2.10 4.04
CA ILE A 22 -1.25 2.64 3.38
C ILE A 22 -1.60 3.16 1.99
N LEU A 23 -2.39 2.38 1.26
CA LEU A 23 -2.79 2.77 -0.10
C LEU A 23 -3.70 3.99 -0.07
N VAL A 24 -4.55 4.05 0.96
CA VAL A 24 -5.48 5.18 1.11
C VAL A 24 -4.74 6.50 1.17
N ILE A 25 -3.67 6.54 1.97
CA ILE A 25 -2.87 7.75 2.12
C ILE A 25 -2.15 8.09 0.82
N VAL A 26 -1.36 7.15 0.34
CA VAL A 26 -0.61 7.36 -0.90
C VAL A 26 -1.53 7.78 -2.03
N GLY A 27 -2.57 6.98 -2.28
CA GLY A 27 -3.51 7.29 -3.33
C GLY A 27 -4.05 8.71 -3.24
N LEU A 28 -4.65 9.04 -2.12
CA LEU A 28 -5.21 10.37 -1.90
C LEU A 28 -4.14 11.44 -2.06
N THR A 29 -2.97 11.19 -1.48
CA THR A 29 -1.86 12.13 -1.56
C THR A 29 -1.58 12.53 -3.01
N PHE A 30 -1.71 11.57 -3.91
CA PHE A 30 -1.48 11.82 -5.33
C PHE A 30 -2.59 12.69 -5.93
N ALA A 31 -3.83 12.28 -5.68
CA ALA A 31 -4.98 13.02 -6.21
C ALA A 31 -5.04 14.42 -5.62
N VAL A 32 -4.50 14.58 -4.41
CA VAL A 32 -4.49 15.88 -3.75
C VAL A 32 -3.38 16.76 -4.29
N TYR A 33 -2.17 16.21 -4.36
CA TYR A 33 -1.02 16.94 -4.85
C TYR A 33 -1.30 17.52 -6.23
N VAL A 34 -1.92 16.72 -7.09
CA VAL A 34 -2.25 17.14 -8.44
C VAL A 34 -3.28 18.28 -8.43
N ARG A 35 -4.33 18.10 -7.65
CA ARG A 35 -5.39 19.10 -7.55
C ARG A 35 -4.81 20.47 -7.19
N ARG A 36 -3.77 20.46 -6.36
CA ARG A 36 -3.12 21.70 -5.94
C ARG A 36 -2.64 22.50 -7.15
N LYS A 37 -2.44 21.81 -8.27
CA LYS A 37 -1.99 22.45 -9.50
C LYS A 37 -3.16 23.09 -10.24
N SER A 38 -4.33 22.47 -10.14
CA SER A 38 -5.52 22.97 -10.81
C SER A 38 -6.07 24.20 -10.09
N ILE A 39 -7.02 24.88 -10.73
CA ILE A 39 -7.63 26.07 -10.14
C ILE A 39 -8.92 25.71 -9.41
N LYS A 40 -8.81 24.80 -8.45
CA LYS A 40 -9.97 24.38 -7.66
C LYS A 40 -11.12 23.97 -8.58
N LYS A 41 -10.80 23.21 -9.61
CA LYS A 41 -11.80 22.73 -10.56
C LYS A 41 -12.46 21.45 -10.06
N LYS A 42 -12.10 21.04 -8.84
CA LYS A 42 -12.66 19.83 -8.26
C LYS A 42 -14.11 20.04 -7.85
N ARG A 43 -14.66 19.08 -7.10
CA ARG A 43 -16.04 19.16 -6.65
C ARG A 43 -16.20 18.51 -5.28
N ALA A 44 -16.15 19.32 -4.24
CA ALA A 44 -16.30 18.83 -2.86
C ALA A 44 -15.24 17.76 -2.56
N SER B 1 7.27 -19.07 2.51
CA SER B 1 6.30 -18.46 1.60
C SER B 1 5.16 -17.82 2.36
N THR B 2 4.63 -18.54 3.34
CA THR B 2 3.52 -18.04 4.16
C THR B 2 3.75 -18.36 5.64
N LEU B 3 4.13 -17.34 6.40
CA LEU B 3 4.36 -17.50 7.83
C LEU B 3 3.14 -18.08 8.53
N PRO B 4 3.37 -18.78 9.64
CA PRO B 4 2.29 -19.39 10.43
C PRO B 4 1.43 -18.36 11.13
N GLN B 5 0.52 -18.83 11.98
CA GLN B 5 -0.38 -17.94 12.72
C GLN B 5 0.35 -17.31 13.90
N HIS B 6 1.16 -18.10 14.59
CA HIS B 6 1.91 -17.62 15.74
C HIS B 6 3.41 -17.67 15.48
N ALA B 7 3.99 -16.53 15.12
CA ALA B 7 5.41 -16.44 14.84
C ALA B 7 6.05 -15.29 15.61
N ARG B 8 7.24 -14.89 15.18
CA ARG B 8 7.96 -13.80 15.83
C ARG B 8 7.30 -12.46 15.52
N THR B 9 6.19 -12.18 16.18
CA THR B 9 5.46 -10.94 15.97
C THR B 9 4.90 -10.84 14.56
N PRO B 10 3.96 -11.74 14.24
CA PRO B 10 3.33 -11.78 12.92
C PRO B 10 2.42 -10.57 12.67
N LEU B 11 1.72 -10.15 13.71
CA LEU B 11 0.81 -9.01 13.61
C LEU B 11 1.55 -7.77 13.10
N ILE B 12 2.45 -7.25 13.94
CA ILE B 12 3.22 -6.06 13.59
C ILE B 12 3.99 -6.28 12.28
N ALA B 13 4.67 -7.42 12.18
CA ALA B 13 5.43 -7.74 10.99
C ALA B 13 4.57 -7.62 9.74
N ALA B 14 3.49 -8.37 9.68
CA ALA B 14 2.58 -8.35 8.55
C ALA B 14 2.17 -6.92 8.21
N GLY B 15 2.00 -6.09 9.23
CA GLY B 15 1.62 -4.71 9.02
C GLY B 15 2.61 -3.95 8.16
N VAL B 16 3.86 -3.92 8.60
CA VAL B 16 4.91 -3.23 7.86
C VAL B 16 5.16 -3.88 6.51
N ILE B 17 5.09 -5.20 6.48
CA ILE B 17 5.30 -5.95 5.24
C ILE B 17 4.23 -5.62 4.21
N GLY B 18 2.97 -5.66 4.64
CA GLY B 18 1.86 -5.35 3.74
C GLY B 18 1.99 -3.99 3.10
N GLY B 19 2.19 -2.97 3.94
CA GLY B 19 2.32 -1.61 3.42
C GLY B 19 3.45 -1.49 2.40
N LEU B 20 4.58 -2.11 2.69
CA LEU B 20 5.73 -2.06 1.79
C LEU B 20 5.45 -2.84 0.51
N PHE B 21 5.17 -4.14 0.66
CA PHE B 21 4.89 -4.99 -0.49
C PHE B 21 3.81 -4.38 -1.37
N ILE B 22 2.64 -4.11 -0.77
CA ILE B 22 1.54 -3.53 -1.50
C ILE B 22 1.96 -2.26 -2.24
N LEU B 23 2.76 -1.43 -1.56
CA LEU B 23 3.24 -0.19 -2.15
C LEU B 23 4.18 -0.47 -3.31
N VAL B 24 5.01 -1.51 -3.17
CA VAL B 24 5.96 -1.88 -4.22
C VAL B 24 5.24 -2.15 -5.54
N ILE B 25 4.18 -2.96 -5.47
CA ILE B 25 3.41 -3.29 -6.66
C ILE B 25 2.75 -2.06 -7.26
N VAL B 26 1.96 -1.36 -6.46
CA VAL B 26 1.29 -0.16 -6.92
C VAL B 26 2.27 0.84 -7.52
N GLY B 27 3.30 1.17 -6.76
CA GLY B 27 4.30 2.11 -7.23
C GLY B 27 4.86 1.73 -8.59
N LEU B 28 5.42 0.53 -8.68
CA LEU B 28 6.00 0.04 -9.93
C LEU B 28 4.95 0.04 -11.04
N THR B 29 3.75 -0.43 -10.73
CA THR B 29 2.67 -0.48 -11.69
C THR B 29 2.46 0.87 -12.37
N PHE B 30 2.63 1.94 -11.59
CA PHE B 30 2.46 3.29 -12.12
C PHE B 30 3.61 3.67 -13.04
N ALA B 31 4.84 3.46 -12.56
CA ALA B 31 6.02 3.76 -13.35
C ALA B 31 6.08 2.92 -14.62
N VAL B 32 5.50 1.73 -14.55
CA VAL B 32 5.48 0.83 -15.70
C VAL B 32 4.40 1.22 -16.71
N TYR B 33 3.20 1.45 -16.20
CA TYR B 33 2.07 1.83 -17.05
C TYR B 33 2.43 3.06 -17.89
N VAL B 34 3.08 4.04 -17.25
CA VAL B 34 3.48 5.26 -17.93
C VAL B 34 4.51 4.98 -19.01
N ARG B 35 5.53 4.21 -18.66
CA ARG B 35 6.59 3.86 -19.60
C ARG B 35 6.01 3.27 -20.88
N ARG B 36 4.94 2.50 -20.74
CA ARG B 36 4.28 1.88 -21.89
C ARG B 36 3.88 2.92 -22.92
N LYS B 37 3.71 4.16 -22.46
CA LYS B 37 3.33 5.25 -23.35
C LYS B 37 4.53 5.81 -24.09
N SER B 38 5.68 5.79 -23.43
CA SER B 38 6.91 6.30 -24.03
C SER B 38 7.44 5.33 -25.09
N ILE B 39 8.44 5.77 -25.85
CA ILE B 39 9.03 4.95 -26.89
C ILE B 39 10.25 4.20 -26.37
N LYS B 40 10.05 3.43 -25.30
CA LYS B 40 11.13 2.65 -24.71
C LYS B 40 12.36 3.53 -24.44
N LYS B 41 12.12 4.72 -23.90
CA LYS B 41 13.19 5.65 -23.59
C LYS B 41 13.75 5.40 -22.19
N LYS B 42 13.28 4.33 -21.57
CA LYS B 42 13.74 3.97 -20.22
C LYS B 42 13.65 5.17 -19.29
N ARG B 43 14.28 5.05 -18.12
CA ARG B 43 14.28 6.13 -17.14
C ARG B 43 15.59 6.15 -16.36
N ALA B 44 16.51 7.00 -16.80
CA ALA B 44 17.81 7.12 -16.14
C ALA B 44 18.53 5.77 -16.10
N SER A 1 2.83 -21.57 17.71
CA SER A 1 2.19 -20.57 18.56
C SER A 1 0.70 -20.88 18.74
N THR A 2 0.28 -21.04 19.99
CA THR A 2 -1.11 -21.35 20.30
C THR A 2 -1.94 -20.07 20.41
N LEU A 3 -2.72 -19.80 19.38
CA LEU A 3 -3.57 -18.62 19.36
C LEU A 3 -4.73 -18.76 20.33
N PRO A 4 -4.78 -17.89 21.35
CA PRO A 4 -5.82 -17.89 22.36
C PRO A 4 -7.17 -17.45 21.80
N GLN A 5 -8.22 -17.56 22.62
CA GLN A 5 -9.56 -17.16 22.21
C GLN A 5 -9.63 -15.66 21.95
N HIS A 6 -9.02 -14.89 22.84
CA HIS A 6 -9.01 -13.43 22.70
C HIS A 6 -8.53 -13.02 21.31
N ALA A 7 -7.41 -13.59 20.89
CA ALA A 7 -6.83 -13.28 19.58
C ALA A 7 -7.46 -14.14 18.49
N ARG A 8 -8.26 -13.51 17.64
CA ARG A 8 -8.93 -14.22 16.55
C ARG A 8 -8.00 -14.36 15.36
N THR A 9 -7.82 -13.27 14.62
CA THR A 9 -6.95 -13.28 13.44
C THR A 9 -6.33 -11.90 13.22
N PRO A 10 -5.43 -11.50 14.14
CA PRO A 10 -4.74 -10.21 14.06
C PRO A 10 -3.74 -10.16 12.92
N LEU A 11 -3.00 -11.25 12.74
CA LEU A 11 -2.00 -11.33 11.67
C LEU A 11 -2.60 -10.98 10.32
N ILE A 12 -3.49 -11.83 9.84
CA ILE A 12 -4.15 -11.61 8.55
C ILE A 12 -4.85 -10.26 8.53
N ALA A 13 -5.59 -9.97 9.59
CA ALA A 13 -6.32 -8.71 9.70
C ALA A 13 -5.40 -7.53 9.42
N ALA A 14 -4.38 -7.36 10.25
CA ALA A 14 -3.43 -6.27 10.09
C ALA A 14 -2.89 -6.22 8.67
N GLY A 15 -2.72 -7.39 8.06
CA GLY A 15 -2.21 -7.45 6.70
C GLY A 15 -3.08 -6.69 5.72
N VAL A 16 -4.36 -7.05 5.65
CA VAL A 16 -5.29 -6.41 4.74
C VAL A 16 -5.48 -4.94 5.11
N ILE A 17 -5.47 -4.65 6.41
CA ILE A 17 -5.64 -3.28 6.89
C ILE A 17 -4.46 -2.41 6.47
N GLY A 18 -3.25 -2.92 6.68
CA GLY A 18 -2.07 -2.16 6.32
C GLY A 18 -2.03 -1.79 4.86
N GLY A 19 -2.21 -2.79 3.99
CA GLY A 19 -2.20 -2.54 2.57
C GLY A 19 -3.23 -1.52 2.14
N LEU A 20 -4.43 -1.62 2.71
CA LEU A 20 -5.51 -0.70 2.39
C LEU A 20 -5.21 0.70 2.91
N PHE A 21 -5.02 0.80 4.22
CA PHE A 21 -4.72 2.08 4.85
C PHE A 21 -3.56 2.78 4.13
N ILE A 22 -2.44 2.09 4.02
CA ILE A 22 -1.26 2.64 3.36
C ILE A 22 -1.61 3.16 1.97
N LEU A 23 -2.39 2.39 1.23
CA LEU A 23 -2.80 2.76 -0.12
C LEU A 23 -3.71 3.98 -0.08
N VAL A 24 -4.55 4.06 0.95
CA VAL A 24 -5.48 5.17 1.10
C VAL A 24 -4.74 6.50 1.17
N ILE A 25 -3.68 6.54 1.97
CA ILE A 25 -2.88 7.75 2.13
C ILE A 25 -2.15 8.10 0.83
N VAL A 26 -1.36 7.16 0.33
CA VAL A 26 -0.60 7.37 -0.89
C VAL A 26 -1.53 7.78 -2.04
N GLY A 27 -2.57 6.98 -2.27
CA GLY A 27 -3.50 7.28 -3.34
C GLY A 27 -4.05 8.69 -3.26
N LEU A 28 -4.64 9.03 -2.11
CA LEU A 28 -5.21 10.36 -1.91
C LEU A 28 -4.13 11.44 -2.07
N THR A 29 -2.97 11.20 -1.47
CA THR A 29 -1.86 12.14 -1.54
C THR A 29 -1.57 12.54 -2.99
N PHE A 30 -1.72 11.58 -3.89
CA PHE A 30 -1.48 11.83 -5.32
C PHE A 30 -2.59 12.67 -5.92
N ALA A 31 -3.83 12.28 -5.65
CA ALA A 31 -4.99 13.00 -6.16
C ALA A 31 -5.07 14.41 -5.57
N VAL A 32 -4.47 14.59 -4.41
CA VAL A 32 -4.47 15.89 -3.74
C VAL A 32 -3.36 16.78 -4.28
N TYR A 33 -2.16 16.22 -4.39
CA TYR A 33 -1.02 16.97 -4.89
C TYR A 33 -1.30 17.54 -6.27
N VAL A 34 -1.92 16.73 -7.13
CA VAL A 34 -2.25 17.15 -8.48
C VAL A 34 -3.30 18.26 -8.48
N ARG A 35 -4.36 18.07 -7.69
CA ARG A 35 -5.42 19.06 -7.60
C ARG A 35 -4.86 20.43 -7.25
N ARG A 36 -3.82 20.44 -6.42
CA ARG A 36 -3.19 21.70 -6.01
C ARG A 36 -2.72 22.50 -7.22
N LYS A 37 -2.51 21.81 -8.33
CA LYS A 37 -2.06 22.45 -9.56
C LYS A 37 -3.24 23.06 -10.32
N SER A 38 -4.38 22.40 -10.24
CA SER A 38 -5.60 22.87 -10.92
C SER A 38 -6.32 23.91 -10.07
N ILE A 39 -6.23 25.17 -10.49
CA ILE A 39 -6.88 26.26 -9.76
C ILE A 39 -7.44 27.30 -10.73
N LYS A 40 -8.18 26.84 -11.74
CA LYS A 40 -8.77 27.73 -12.73
C LYS A 40 -7.79 28.84 -13.11
N LYS A 41 -6.52 28.48 -13.23
CA LYS A 41 -5.48 29.45 -13.60
C LYS A 41 -4.26 28.75 -14.18
N LYS A 42 -4.15 28.77 -15.50
CA LYS A 42 -3.01 28.14 -16.18
C LYS A 42 -1.75 28.96 -16.02
N ARG A 43 -0.67 28.31 -15.61
CA ARG A 43 0.62 28.98 -15.42
C ARG A 43 1.35 29.14 -16.75
N ALA A 44 1.47 28.03 -17.48
CA ALA A 44 2.15 28.04 -18.78
C ALA A 44 1.25 28.62 -19.86
N SER B 1 -5.11 -11.75 24.86
CA SER B 1 -4.48 -12.87 24.16
C SER B 1 -3.03 -13.04 24.60
N THR B 2 -2.71 -14.24 25.09
CA THR B 2 -1.36 -14.53 25.55
C THR B 2 -0.48 -14.99 24.40
N LEU B 3 0.39 -14.10 23.93
CA LEU B 3 1.30 -14.41 22.83
C LEU B 3 2.38 -15.39 23.28
N PRO B 4 2.38 -16.58 22.67
CA PRO B 4 3.35 -17.63 22.99
C PRO B 4 4.76 -17.28 22.51
N GLN B 5 5.74 -18.09 22.91
CA GLN B 5 7.12 -17.86 22.51
C GLN B 5 7.29 -17.96 21.00
N HIS B 6 6.66 -18.98 20.42
CA HIS B 6 6.74 -19.19 18.98
C HIS B 6 6.37 -17.93 18.22
N ALA B 7 5.27 -17.31 18.61
CA ALA B 7 4.81 -16.08 17.97
C ALA B 7 5.45 -14.85 18.62
N ARG B 8 6.35 -14.20 17.88
CA ARG B 8 7.03 -13.02 18.38
C ARG B 8 6.17 -11.77 18.18
N THR B 9 6.11 -11.30 16.94
CA THR B 9 5.32 -10.11 16.61
C THR B 9 4.79 -10.18 15.18
N PRO B 10 3.86 -11.12 14.94
CA PRO B 10 3.25 -11.32 13.62
C PRO B 10 2.33 -10.17 13.24
N LEU B 11 1.55 -9.69 14.20
CA LEU B 11 0.63 -8.59 13.96
C LEU B 11 1.35 -7.40 13.33
N ILE B 12 2.21 -6.77 14.12
CA ILE B 12 2.97 -5.61 13.65
C ILE B 12 3.75 -5.95 12.38
N ALA B 13 4.43 -7.10 12.40
CA ALA B 13 5.21 -7.54 11.26
C ALA B 13 4.38 -7.51 9.98
N ALA B 14 3.30 -8.28 9.96
CA ALA B 14 2.43 -8.34 8.79
C ALA B 14 2.01 -6.94 8.35
N GLY B 15 1.81 -6.05 9.32
CA GLY B 15 1.41 -4.69 9.00
C GLY B 15 2.41 -3.99 8.09
N VAL B 16 3.66 -3.92 8.54
CA VAL B 16 4.71 -3.27 7.76
C VAL B 16 4.95 -3.99 6.44
N ILE B 17 4.84 -5.32 6.48
CA ILE B 17 5.05 -6.13 5.28
C ILE B 17 3.97 -5.84 4.24
N GLY B 18 2.72 -5.81 4.69
CA GLY B 18 1.62 -5.55 3.78
C GLY B 18 1.75 -4.22 3.07
N GLY B 19 1.97 -3.16 3.84
CA GLY B 19 2.12 -1.84 3.26
C GLY B 19 3.24 -1.76 2.26
N LEU B 20 4.35 -2.40 2.57
CA LEU B 20 5.52 -2.41 1.68
C LEU B 20 5.23 -3.22 0.43
N PHE B 21 4.94 -4.51 0.61
CA PHE B 21 4.66 -5.40 -0.51
C PHE B 21 3.58 -4.79 -1.42
N ILE B 22 2.44 -4.47 -0.83
CA ILE B 22 1.33 -3.89 -1.58
C ILE B 22 1.78 -2.66 -2.36
N LEU B 23 2.60 -1.83 -1.72
CA LEU B 23 3.11 -0.62 -2.36
C LEU B 23 4.06 -0.97 -3.50
N VAL B 24 4.84 -2.02 -3.32
CA VAL B 24 5.79 -2.46 -4.33
C VAL B 24 5.09 -2.78 -5.65
N ILE B 25 4.00 -3.52 -5.55
CA ILE B 25 3.23 -3.90 -6.74
C ILE B 25 2.60 -2.68 -7.39
N VAL B 26 1.81 -1.95 -6.62
CA VAL B 26 1.14 -0.75 -7.13
C VAL B 26 2.15 0.22 -7.73
N GLY B 27 3.17 0.56 -6.96
CA GLY B 27 4.19 1.48 -7.44
C GLY B 27 4.76 1.07 -8.78
N LEU B 28 5.29 -0.14 -8.84
CA LEU B 28 5.88 -0.67 -10.08
C LEU B 28 4.86 -0.69 -11.19
N THR B 29 3.65 -1.17 -10.88
CA THR B 29 2.58 -1.24 -11.87
C THR B 29 2.38 0.09 -12.56
N PHE B 30 2.56 1.17 -11.82
CA PHE B 30 2.40 2.52 -12.37
C PHE B 30 3.57 2.88 -13.28
N ALA B 31 4.78 2.64 -12.80
CA ALA B 31 5.99 2.93 -13.57
C ALA B 31 6.07 2.05 -14.81
N VAL B 32 5.42 0.89 -14.76
CA VAL B 32 5.43 -0.05 -15.87
C VAL B 32 4.37 0.32 -16.90
N TYR B 33 3.16 0.61 -16.42
CA TYR B 33 2.06 0.97 -17.30
C TYR B 33 2.41 2.19 -18.14
N VAL B 34 3.05 3.17 -17.53
CA VAL B 34 3.46 4.38 -18.23
C VAL B 34 4.53 4.09 -19.27
N ARG B 35 5.55 3.33 -18.87
CA ARG B 35 6.63 2.98 -19.78
C ARG B 35 6.09 2.34 -21.05
N ARG B 36 5.02 1.57 -20.92
CA ARG B 36 4.40 0.91 -22.06
C ARG B 36 4.00 1.93 -23.13
N LYS B 37 3.83 3.17 -22.72
CA LYS B 37 3.45 4.24 -23.63
C LYS B 37 4.67 4.79 -24.36
N SER B 38 5.80 4.85 -23.66
CA SER B 38 7.03 5.35 -24.23
C SER B 38 7.78 4.26 -24.98
N ILE B 39 7.68 4.28 -26.30
CA ILE B 39 8.34 3.28 -27.14
C ILE B 39 9.22 3.95 -28.19
N LYS B 40 10.04 4.90 -27.76
CA LYS B 40 10.93 5.62 -28.66
C LYS B 40 10.26 5.87 -30.01
N LYS B 41 9.00 6.27 -29.97
CA LYS B 41 8.25 6.54 -31.19
C LYS B 41 7.05 7.44 -30.90
N LYS B 42 7.17 8.71 -31.23
CA LYS B 42 6.10 9.67 -31.01
C LYS B 42 4.96 9.46 -32.01
N ARG B 43 3.74 9.37 -31.50
CA ARG B 43 2.57 9.16 -32.35
C ARG B 43 2.09 10.49 -32.94
N ALA B 44 1.91 11.48 -32.07
CA ALA B 44 1.46 12.80 -32.50
C ALA B 44 2.60 13.60 -33.12
N SER A 1 -18.57 -16.86 23.67
CA SER A 1 -17.17 -16.49 23.89
C SER A 1 -17.03 -14.98 24.08
N THR A 2 -16.35 -14.60 25.15
CA THR A 2 -16.14 -13.19 25.46
C THR A 2 -14.82 -12.70 24.88
N LEU A 3 -14.89 -11.92 23.81
CA LEU A 3 -13.69 -11.39 23.16
C LEU A 3 -13.86 -9.91 22.84
N PRO A 4 -12.73 -9.20 22.71
CA PRO A 4 -12.74 -7.77 22.39
C PRO A 4 -13.20 -7.48 20.97
N GLN A 5 -12.97 -6.26 20.51
CA GLN A 5 -13.38 -5.87 19.16
C GLN A 5 -12.48 -6.52 18.11
N HIS A 6 -12.73 -7.78 17.82
CA HIS A 6 -11.94 -8.52 16.84
C HIS A 6 -10.49 -8.65 17.30
N ALA A 7 -10.11 -9.87 17.68
CA ALA A 7 -8.75 -10.13 18.14
C ALA A 7 -8.37 -11.59 17.93
N ARG A 8 -9.08 -12.26 17.03
CA ARG A 8 -8.82 -13.67 16.73
C ARG A 8 -7.70 -13.81 15.70
N THR A 9 -7.89 -13.18 14.55
CA THR A 9 -6.91 -13.24 13.47
C THR A 9 -6.27 -11.88 13.24
N PRO A 10 -5.37 -11.48 14.14
CA PRO A 10 -4.67 -10.19 14.05
C PRO A 10 -3.67 -10.16 12.89
N LEU A 11 -2.95 -11.26 12.70
CA LEU A 11 -1.96 -11.35 11.64
C LEU A 11 -2.59 -10.99 10.28
N ILE A 12 -3.48 -11.84 9.80
CA ILE A 12 -4.14 -11.61 8.53
C ILE A 12 -4.86 -10.26 8.52
N ALA A 13 -5.56 -9.96 9.60
CA ALA A 13 -6.28 -8.69 9.71
C ALA A 13 -5.37 -7.51 9.42
N ALA A 14 -4.32 -7.36 10.23
CA ALA A 14 -3.37 -6.27 10.07
C ALA A 14 -2.84 -6.22 8.63
N GLY A 15 -2.70 -7.39 8.03
CA GLY A 15 -2.20 -7.46 6.66
C GLY A 15 -3.08 -6.70 5.68
N VAL A 16 -4.36 -7.05 5.64
CA VAL A 16 -5.30 -6.40 4.74
C VAL A 16 -5.49 -4.93 5.11
N ILE A 17 -5.47 -4.65 6.41
CA ILE A 17 -5.63 -3.29 6.89
C ILE A 17 -4.46 -2.41 6.46
N GLY A 18 -3.25 -2.91 6.68
CA GLY A 18 -2.06 -2.16 6.31
C GLY A 18 -2.04 -1.79 4.85
N GLY A 19 -2.22 -2.79 3.98
CA GLY A 19 -2.21 -2.54 2.55
C GLY A 19 -3.25 -1.51 2.14
N LEU A 20 -4.45 -1.62 2.71
CA LEU A 20 -5.53 -0.69 2.40
C LEU A 20 -5.22 0.70 2.92
N PHE A 21 -5.01 0.81 4.22
CA PHE A 21 -4.70 2.09 4.86
C PHE A 21 -3.55 2.78 4.14
N ILE A 22 -2.43 2.08 4.02
CA ILE A 22 -1.25 2.63 3.36
C ILE A 22 -1.60 3.16 1.96
N LEU A 23 -2.40 2.38 1.22
CA LEU A 23 -2.81 2.78 -0.12
C LEU A 23 -3.72 4.00 -0.07
N VAL A 24 -4.55 4.07 0.96
CA VAL A 24 -5.48 5.19 1.12
C VAL A 24 -4.73 6.52 1.18
N ILE A 25 -3.66 6.54 1.98
CA ILE A 25 -2.85 7.76 2.13
C ILE A 25 -2.14 8.09 0.83
N VAL A 26 -1.34 7.15 0.33
CA VAL A 26 -0.60 7.36 -0.90
C VAL A 26 -1.53 7.79 -2.04
N GLY A 27 -2.57 6.99 -2.26
CA GLY A 27 -3.51 7.29 -3.33
C GLY A 27 -4.04 8.71 -3.23
N LEU A 28 -4.63 9.05 -2.10
CA LEU A 28 -5.19 10.38 -1.89
C LEU A 28 -4.12 11.45 -2.05
N THR A 29 -2.95 11.19 -1.47
CA THR A 29 -1.84 12.13 -1.55
C THR A 29 -1.55 12.53 -3.00
N PHE A 30 -1.70 11.58 -3.91
CA PHE A 30 -1.46 11.83 -5.33
C PHE A 30 -2.58 12.69 -5.92
N ALA A 31 -3.82 12.27 -5.72
CA ALA A 31 -4.97 13.00 -6.23
C ALA A 31 -5.02 14.41 -5.65
N VAL A 32 -4.54 14.56 -4.42
CA VAL A 32 -4.54 15.85 -3.76
C VAL A 32 -3.41 16.74 -4.28
N TYR A 33 -2.20 16.19 -4.34
CA TYR A 33 -1.04 16.92 -4.82
C TYR A 33 -1.31 17.51 -6.20
N VAL A 34 -1.94 16.72 -7.06
CA VAL A 34 -2.26 17.15 -8.41
C VAL A 34 -3.28 18.28 -8.41
N ARG A 35 -4.33 18.11 -7.61
CA ARG A 35 -5.38 19.12 -7.51
C ARG A 35 -4.78 20.50 -7.20
N ARG A 36 -3.79 20.52 -6.33
CA ARG A 36 -3.13 21.77 -5.96
C ARG A 36 -2.71 22.56 -7.18
N LYS A 37 -2.45 21.85 -8.28
CA LYS A 37 -2.03 22.48 -9.52
C LYS A 37 -3.19 23.20 -10.18
N SER A 38 -4.38 22.58 -10.14
CA SER A 38 -5.57 23.16 -10.73
C SER A 38 -6.10 24.31 -9.87
N ILE A 39 -6.89 25.18 -10.49
CA ILE A 39 -7.47 26.32 -9.78
C ILE A 39 -8.84 25.97 -9.20
N LYS A 40 -8.91 24.86 -8.48
CA LYS A 40 -10.15 24.42 -7.87
C LYS A 40 -11.27 24.37 -8.90
N LYS A 41 -10.96 23.84 -10.07
CA LYS A 41 -11.93 23.73 -11.15
C LYS A 41 -12.76 22.45 -11.01
N LYS A 42 -13.35 22.27 -9.83
CA LYS A 42 -14.16 21.08 -9.57
C LYS A 42 -15.05 21.30 -8.35
N ARG A 43 -16.36 21.13 -8.54
CA ARG A 43 -17.32 21.30 -7.45
C ARG A 43 -17.29 20.10 -6.50
N ALA A 44 -17.27 18.91 -7.08
CA ALA A 44 -17.25 17.69 -6.29
C ALA A 44 -16.75 16.50 -7.11
N SER B 1 16.06 -21.78 22.21
CA SER B 1 14.65 -21.85 21.81
C SER B 1 14.53 -22.11 20.32
N THR B 2 13.73 -23.11 19.97
CA THR B 2 13.53 -23.48 18.56
C THR B 2 12.30 -22.77 17.99
N LEU B 3 12.55 -21.77 17.15
CA LEU B 3 11.46 -21.02 16.53
C LEU B 3 11.71 -20.84 15.03
N PRO B 4 10.62 -20.67 14.27
CA PRO B 4 10.69 -20.48 12.82
C PRO B 4 11.30 -19.14 12.44
N GLN B 5 11.19 -18.79 11.15
CA GLN B 5 11.73 -17.53 10.66
C GLN B 5 10.88 -16.35 11.14
N HIS B 6 11.11 -15.93 12.39
CA HIS B 6 10.37 -14.81 12.96
C HIS B 6 8.89 -15.16 13.10
N ALA B 7 8.45 -15.35 14.34
CA ALA B 7 7.06 -15.69 14.61
C ALA B 7 6.61 -15.14 15.96
N ARG B 8 7.32 -14.12 16.45
CA ARG B 8 6.99 -13.52 17.73
C ARG B 8 5.95 -12.40 17.57
N THR B 9 6.26 -11.44 16.70
CA THR B 9 5.35 -10.32 16.45
C THR B 9 4.81 -10.36 15.03
N PRO B 10 3.87 -11.29 14.78
CA PRO B 10 3.25 -11.45 13.46
C PRO B 10 2.34 -10.29 13.11
N LEU B 11 1.58 -9.81 14.09
CA LEU B 11 0.66 -8.71 13.87
C LEU B 11 1.38 -7.50 13.27
N ILE B 12 2.26 -6.88 14.05
CA ILE B 12 3.02 -5.74 13.58
C ILE B 12 3.79 -6.07 12.31
N ALA B 13 4.44 -7.22 12.30
CA ALA B 13 5.22 -7.65 11.15
C ALA B 13 4.38 -7.60 9.88
N ALA B 14 3.29 -8.36 9.85
CA ALA B 14 2.42 -8.39 8.69
C ALA B 14 2.01 -6.98 8.26
N GLY B 15 1.81 -6.11 9.25
CA GLY B 15 1.43 -4.73 8.96
C GLY B 15 2.43 -4.02 8.06
N VAL B 16 3.68 -3.98 8.50
CA VAL B 16 4.73 -3.33 7.74
C VAL B 16 4.96 -4.03 6.41
N ILE B 17 4.86 -5.36 6.42
CA ILE B 17 5.06 -6.16 5.21
C ILE B 17 3.98 -5.86 4.18
N GLY B 18 2.73 -5.81 4.62
CA GLY B 18 1.63 -5.54 3.72
C GLY B 18 1.77 -4.19 3.03
N GLY B 19 1.99 -3.15 3.82
CA GLY B 19 2.14 -1.82 3.25
C GLY B 19 3.27 -1.73 2.24
N LEU B 20 4.39 -2.39 2.55
CA LEU B 20 5.53 -2.39 1.66
C LEU B 20 5.24 -3.19 0.39
N PHE B 21 4.95 -4.47 0.56
CA PHE B 21 4.66 -5.35 -0.56
C PHE B 21 3.58 -4.73 -1.46
N ILE B 22 2.44 -4.42 -0.87
CA ILE B 22 1.33 -3.83 -1.61
C ILE B 22 1.78 -2.58 -2.37
N LEU B 23 2.61 -1.78 -1.72
CA LEU B 23 3.12 -0.55 -2.34
C LEU B 23 4.07 -0.88 -3.49
N VAL B 24 4.84 -1.94 -3.33
CA VAL B 24 5.79 -2.36 -4.36
C VAL B 24 5.07 -2.66 -5.67
N ILE B 25 3.98 -3.41 -5.58
CA ILE B 25 3.21 -3.76 -6.77
C ILE B 25 2.57 -2.53 -7.41
N VAL B 26 1.78 -1.80 -6.61
CA VAL B 26 1.12 -0.60 -7.10
C VAL B 26 2.13 0.37 -7.70
N GLY B 27 3.16 0.71 -6.93
CA GLY B 27 4.18 1.63 -7.40
C GLY B 27 4.74 1.23 -8.75
N LEU B 28 5.27 0.01 -8.83
CA LEU B 28 5.85 -0.49 -10.08
C LEU B 28 4.82 -0.50 -11.19
N THR B 29 3.62 -0.97 -10.88
CA THR B 29 2.54 -1.02 -11.85
C THR B 29 2.35 0.32 -12.54
N PHE B 30 2.52 1.40 -11.78
CA PHE B 30 2.37 2.75 -12.31
C PHE B 30 3.52 3.10 -13.24
N ALA B 31 4.74 2.93 -12.75
CA ALA B 31 5.93 3.23 -13.53
C ALA B 31 5.99 2.37 -14.79
N VAL B 32 5.47 1.16 -14.70
CA VAL B 32 5.45 0.25 -15.83
C VAL B 32 4.39 0.64 -16.85
N TYR B 33 3.17 0.88 -16.37
CA TYR B 33 2.07 1.27 -17.23
C TYR B 33 2.44 2.48 -18.09
N VAL B 34 3.04 3.48 -17.46
CA VAL B 34 3.45 4.69 -18.15
C VAL B 34 4.48 4.38 -19.24
N ARG B 35 5.39 3.47 -18.93
CA ARG B 35 6.43 3.08 -19.88
C ARG B 35 5.82 2.51 -21.16
N ARG B 36 4.83 1.64 -21.00
CA ARG B 36 4.15 1.02 -22.13
C ARG B 36 3.66 2.08 -23.12
N LYS B 37 3.43 3.29 -22.60
CA LYS B 37 2.95 4.39 -23.43
C LYS B 37 4.11 5.07 -24.16
N SER B 38 5.15 5.42 -23.41
CA SER B 38 6.32 6.07 -23.98
C SER B 38 7.17 5.09 -24.78
N ILE B 39 7.97 5.60 -25.70
CA ILE B 39 8.83 4.76 -26.53
C ILE B 39 10.21 4.59 -25.89
N LYS B 40 10.22 4.18 -24.62
CA LYS B 40 11.47 3.97 -23.90
C LYS B 40 12.37 5.20 -24.00
N LYS B 41 11.78 6.38 -23.84
CA LYS B 41 12.52 7.63 -23.92
C LYS B 41 13.12 7.99 -22.56
N LYS B 42 13.85 7.04 -21.96
CA LYS B 42 14.46 7.25 -20.67
C LYS B 42 15.58 6.23 -20.42
N ARG B 43 16.78 6.72 -20.16
CA ARG B 43 17.93 5.86 -19.90
C ARG B 43 17.86 5.27 -18.50
N ALA B 44 17.53 6.11 -17.52
CA ALA B 44 17.42 5.65 -16.13
C ALA B 44 16.59 6.63 -15.31
N SER A 1 -12.37 -24.83 9.04
CA SER A 1 -11.42 -24.55 10.10
C SER A 1 -12.10 -23.86 11.29
N THR A 2 -12.43 -24.64 12.30
CA THR A 2 -13.09 -24.10 13.50
C THR A 2 -12.19 -23.10 14.22
N LEU A 3 -12.78 -21.98 14.64
CA LEU A 3 -12.03 -20.95 15.33
C LEU A 3 -11.77 -21.35 16.78
N PRO A 4 -10.48 -21.47 17.14
CA PRO A 4 -10.06 -21.84 18.50
C PRO A 4 -10.36 -20.75 19.52
N GLN A 5 -10.04 -21.03 20.78
CA GLN A 5 -10.27 -20.06 21.85
C GLN A 5 -9.41 -18.82 21.66
N HIS A 6 -10.05 -17.66 21.50
CA HIS A 6 -9.34 -16.41 21.31
C HIS A 6 -8.54 -16.43 20.01
N ALA A 7 -9.18 -16.01 18.93
CA ALA A 7 -8.53 -15.98 17.62
C ALA A 7 -9.18 -14.94 16.71
N ARG A 8 -8.96 -13.66 17.04
CA ARG A 8 -9.52 -12.58 16.25
C ARG A 8 -8.80 -12.45 14.90
N THR A 9 -7.71 -13.19 14.75
CA THR A 9 -6.95 -13.17 13.51
C THR A 9 -6.30 -11.81 13.29
N PRO A 10 -5.39 -11.43 14.20
CA PRO A 10 -4.68 -10.15 14.13
C PRO A 10 -3.69 -10.10 12.97
N LEU A 11 -2.92 -11.17 12.80
CA LEU A 11 -1.93 -11.24 11.72
C LEU A 11 -2.58 -10.91 10.38
N ILE A 12 -3.45 -11.79 9.91
CA ILE A 12 -4.12 -11.59 8.63
C ILE A 12 -4.82 -10.25 8.59
N ALA A 13 -5.58 -9.94 9.64
CA ALA A 13 -6.29 -8.67 9.73
C ALA A 13 -5.37 -7.49 9.43
N ALA A 14 -4.34 -7.33 10.26
CA ALA A 14 -3.38 -6.25 10.08
C ALA A 14 -2.85 -6.22 8.66
N GLY A 15 -2.73 -7.39 8.05
CA GLY A 15 -2.23 -7.47 6.69
C GLY A 15 -3.09 -6.71 5.70
N VAL A 16 -4.37 -7.07 5.64
CA VAL A 16 -5.31 -6.42 4.73
C VAL A 16 -5.49 -4.94 5.10
N ILE A 17 -5.49 -4.66 6.40
CA ILE A 17 -5.65 -3.30 6.88
C ILE A 17 -4.48 -2.42 6.47
N GLY A 18 -3.27 -2.92 6.71
CA GLY A 18 -2.07 -2.17 6.36
C GLY A 18 -2.03 -1.80 4.89
N GLY A 19 -2.21 -2.79 4.03
CA GLY A 19 -2.18 -2.55 2.59
C GLY A 19 -3.21 -1.53 2.17
N LEU A 20 -4.42 -1.64 2.71
CA LEU A 20 -5.51 -0.71 2.39
C LEU A 20 -5.19 0.69 2.91
N PHE A 21 -4.99 0.79 4.22
CA PHE A 21 -4.69 2.08 4.84
C PHE A 21 -3.55 2.78 4.13
N ILE A 22 -2.40 2.10 4.03
CA ILE A 22 -1.23 2.65 3.37
C ILE A 22 -1.59 3.17 1.98
N LEU A 23 -2.37 2.39 1.24
CA LEU A 23 -2.78 2.76 -0.10
C LEU A 23 -3.70 3.98 -0.07
N VAL A 24 -4.55 4.05 0.94
CA VAL A 24 -5.47 5.17 1.09
C VAL A 24 -4.73 6.50 1.16
N ILE A 25 -3.68 6.54 1.97
CA ILE A 25 -2.88 7.76 2.11
C ILE A 25 -2.16 8.09 0.81
N VAL A 26 -1.36 7.16 0.32
CA VAL A 26 -0.61 7.37 -0.92
C VAL A 26 -1.54 7.79 -2.05
N GLY A 27 -2.57 6.99 -2.29
CA GLY A 27 -3.52 7.29 -3.35
C GLY A 27 -4.05 8.71 -3.25
N LEU A 28 -4.67 9.05 -2.12
CA LEU A 28 -5.23 10.37 -1.91
C LEU A 28 -4.15 11.44 -2.07
N THR A 29 -2.99 11.20 -1.48
CA THR A 29 -1.88 12.14 -1.56
C THR A 29 -1.59 12.54 -3.01
N PHE A 30 -1.73 11.58 -3.91
CA PHE A 30 -1.50 11.82 -5.33
C PHE A 30 -2.60 12.69 -5.93
N ALA A 31 -3.85 12.30 -5.67
CA ALA A 31 -5.00 13.03 -6.19
C ALA A 31 -5.06 14.44 -5.59
N VAL A 32 -4.48 14.60 -4.41
CA VAL A 32 -4.47 15.89 -3.74
C VAL A 32 -3.35 16.78 -4.26
N TYR A 33 -2.15 16.19 -4.38
CA TYR A 33 -0.99 16.93 -4.86
C TYR A 33 -1.26 17.52 -6.23
N VAL A 34 -1.89 16.73 -7.11
CA VAL A 34 -2.21 17.18 -8.45
C VAL A 34 -3.23 18.31 -8.43
N ARG A 35 -4.30 18.13 -7.65
CA ARG A 35 -5.35 19.14 -7.54
C ARG A 35 -4.75 20.49 -7.18
N ARG A 36 -3.72 20.49 -6.35
CA ARG A 36 -3.07 21.73 -5.93
C ARG A 36 -2.59 22.53 -7.13
N LYS A 37 -2.39 21.84 -8.25
CA LYS A 37 -1.93 22.49 -9.47
C LYS A 37 -3.10 23.12 -10.22
N SER A 38 -4.26 22.48 -10.14
CA SER A 38 -5.46 22.98 -10.81
C SER A 38 -6.03 24.19 -10.08
N ILE A 39 -7.23 24.60 -10.47
CA ILE A 39 -7.89 25.74 -9.86
C ILE A 39 -9.40 25.51 -9.75
N LYS A 40 -9.78 24.34 -9.25
CA LYS A 40 -11.19 24.00 -9.10
C LYS A 40 -11.99 24.44 -10.32
N LYS A 41 -11.42 24.27 -11.50
CA LYS A 41 -12.08 24.65 -12.74
C LYS A 41 -13.15 23.64 -13.12
N LYS A 42 -14.25 23.65 -12.37
CA LYS A 42 -15.36 22.74 -12.63
C LYS A 42 -16.28 23.29 -13.72
N ARG A 43 -17.19 22.44 -14.20
CA ARG A 43 -18.12 22.84 -15.24
C ARG A 43 -19.43 23.35 -14.63
N ALA A 44 -19.33 24.36 -13.78
CA ALA A 44 -20.50 24.94 -13.14
C ALA A 44 -21.26 23.89 -12.33
N SER B 1 10.21 -2.96 27.32
CA SER B 1 9.22 -4.02 27.21
C SER B 1 9.88 -5.36 26.88
N THR B 2 10.08 -6.17 27.91
CA THR B 2 10.70 -7.48 27.74
C THR B 2 9.86 -8.38 26.85
N LEU B 3 10.53 -9.08 25.93
CA LEU B 3 9.83 -9.98 25.01
C LEU B 3 9.44 -11.28 25.72
N PRO B 4 8.12 -11.53 25.79
CA PRO B 4 7.58 -12.73 26.42
C PRO B 4 7.88 -14.00 25.63
N GLN B 5 7.54 -15.15 26.21
CA GLN B 5 7.77 -16.43 25.55
C GLN B 5 7.00 -16.53 24.24
N HIS B 6 7.73 -16.72 23.15
CA HIS B 6 7.11 -16.83 21.82
C HIS B 6 6.40 -15.54 21.45
N ALA B 7 7.15 -14.58 20.92
CA ALA B 7 6.59 -13.30 20.51
C ALA B 7 7.35 -12.72 19.31
N ARG B 8 7.17 -13.35 18.15
CA ARG B 8 7.84 -12.90 16.94
C ARG B 8 7.23 -11.60 16.44
N THR B 9 6.12 -11.19 17.05
CA THR B 9 5.44 -9.96 16.66
C THR B 9 4.88 -10.06 15.25
N PRO B 10 3.92 -10.97 15.06
CA PRO B 10 3.28 -11.18 13.75
C PRO B 10 2.39 -10.02 13.34
N LEU B 11 1.60 -9.53 14.29
CA LEU B 11 0.68 -8.41 14.03
C LEU B 11 1.43 -7.25 13.42
N ILE B 12 2.29 -6.61 14.20
CA ILE B 12 3.08 -5.47 13.73
C ILE B 12 3.84 -5.82 12.46
N ALA B 13 4.52 -6.97 12.48
CA ALA B 13 5.28 -7.42 11.33
C ALA B 13 4.45 -7.37 10.05
N ALA B 14 3.36 -8.13 10.05
CA ALA B 14 2.47 -8.19 8.89
C ALA B 14 2.07 -6.79 8.44
N GLY B 15 1.92 -5.89 9.41
CA GLY B 15 1.54 -4.52 9.10
C GLY B 15 2.54 -3.83 8.19
N VAL B 16 3.79 -3.77 8.62
CA VAL B 16 4.84 -3.14 7.84
C VAL B 16 5.07 -3.88 6.52
N ILE B 17 4.95 -5.20 6.57
CA ILE B 17 5.15 -6.02 5.39
C ILE B 17 4.06 -5.75 4.35
N GLY B 18 2.82 -5.73 4.80
CA GLY B 18 1.71 -5.48 3.89
C GLY B 18 1.84 -4.16 3.17
N GLY B 19 2.06 -3.08 3.92
CA GLY B 19 2.20 -1.77 3.33
C GLY B 19 3.32 -1.70 2.31
N LEU B 20 4.45 -2.33 2.64
CA LEU B 20 5.60 -2.34 1.74
C LEU B 20 5.32 -3.17 0.50
N PHE B 21 5.02 -4.46 0.71
CA PHE B 21 4.72 -5.36 -0.40
C PHE B 21 3.66 -4.76 -1.32
N ILE B 22 2.49 -4.45 -0.75
CA ILE B 22 1.40 -3.87 -1.52
C ILE B 22 1.87 -2.65 -2.30
N LEU B 23 2.69 -1.82 -1.67
CA LEU B 23 3.19 -0.62 -2.31
C LEU B 23 4.15 -0.98 -3.45
N VAL B 24 4.94 -2.02 -3.25
CA VAL B 24 5.89 -2.48 -4.27
C VAL B 24 5.19 -2.80 -5.57
N ILE B 25 4.09 -3.56 -5.48
CA ILE B 25 3.32 -3.93 -6.66
C ILE B 25 2.71 -2.72 -7.33
N VAL B 26 1.91 -1.96 -6.57
CA VAL B 26 1.26 -0.77 -7.08
C VAL B 26 2.27 0.18 -7.71
N GLY B 27 3.30 0.53 -6.94
CA GLY B 27 4.31 1.43 -7.44
C GLY B 27 4.89 0.99 -8.78
N LEU B 28 5.42 -0.23 -8.82
CA LEU B 28 6.01 -0.77 -10.03
C LEU B 28 4.98 -0.81 -11.16
N THR B 29 3.77 -1.26 -10.84
CA THR B 29 2.70 -1.34 -11.82
C THR B 29 2.52 -0.01 -12.55
N PHE B 30 2.70 1.08 -11.82
CA PHE B 30 2.55 2.42 -12.39
C PHE B 30 3.72 2.74 -13.32
N ALA B 31 4.94 2.52 -12.83
CA ALA B 31 6.14 2.78 -13.61
C ALA B 31 6.20 1.88 -14.84
N VAL B 32 5.56 0.71 -14.74
CA VAL B 32 5.55 -0.24 -15.85
C VAL B 32 4.48 0.12 -16.87
N TYR B 33 3.28 0.43 -16.38
CA TYR B 33 2.16 0.78 -17.26
C TYR B 33 2.53 1.97 -18.14
N VAL B 34 3.20 2.96 -17.55
CA VAL B 34 3.61 4.15 -18.28
C VAL B 34 4.65 3.81 -19.34
N ARG B 35 5.66 3.04 -18.93
CA ARG B 35 6.73 2.66 -19.85
C ARG B 35 6.17 2.01 -21.10
N ARG B 36 5.09 1.25 -20.94
CA ARG B 36 4.45 0.58 -22.07
C ARG B 36 4.06 1.58 -23.15
N LYS B 37 3.90 2.84 -22.75
CA LYS B 37 3.52 3.90 -23.69
C LYS B 37 4.75 4.42 -24.44
N SER B 38 5.88 4.45 -23.75
CA SER B 38 7.13 4.93 -24.35
C SER B 38 7.71 3.88 -25.31
N ILE B 39 8.90 4.16 -25.82
CA ILE B 39 9.57 3.25 -26.74
C ILE B 39 10.97 2.90 -26.25
N LYS B 40 11.08 2.56 -24.98
CA LYS B 40 12.36 2.20 -24.38
C LYS B 40 13.48 3.09 -24.93
N LYS B 41 13.19 4.39 -25.04
CA LYS B 41 14.18 5.34 -25.54
C LYS B 41 15.23 5.64 -24.48
N LYS B 42 16.12 4.68 -24.25
CA LYS B 42 17.19 4.85 -23.26
C LYS B 42 18.38 5.59 -23.86
N ARG B 43 19.31 5.99 -23.01
CA ARG B 43 20.50 6.70 -23.46
C ARG B 43 21.66 5.74 -23.71
N ALA B 44 21.41 4.76 -24.59
CA ALA B 44 22.44 3.77 -24.92
C ALA B 44 22.89 3.02 -23.68
N SER A 1 -1.62 -21.95 5.84
CA SER A 1 -1.79 -20.77 6.69
C SER A 1 -2.18 -21.18 8.11
N THR A 2 -3.24 -21.97 8.21
CA THR A 2 -3.74 -22.43 9.50
C THR A 2 -3.92 -21.25 10.47
N LEU A 3 -4.20 -21.57 11.73
CA LEU A 3 -4.40 -20.54 12.74
C LEU A 3 -3.60 -20.85 14.00
N PRO A 4 -3.37 -19.82 14.83
CA PRO A 4 -2.63 -19.96 16.08
C PRO A 4 -3.38 -20.77 17.13
N GLN A 5 -2.93 -20.69 18.37
CA GLN A 5 -3.57 -21.41 19.47
C GLN A 5 -4.99 -20.91 19.70
N HIS A 6 -5.10 -19.66 20.18
CA HIS A 6 -6.40 -19.06 20.45
C HIS A 6 -6.47 -17.65 19.87
N ALA A 7 -6.80 -17.57 18.58
CA ALA A 7 -6.91 -16.28 17.91
C ALA A 7 -7.76 -16.38 16.65
N ARG A 8 -8.58 -15.37 16.41
CA ARG A 8 -9.45 -15.35 15.24
C ARG A 8 -8.64 -15.20 13.96
N THR A 9 -8.21 -13.97 13.68
CA THR A 9 -7.43 -13.69 12.49
C THR A 9 -6.74 -12.33 12.59
N PRO A 10 -5.90 -12.18 13.62
CA PRO A 10 -5.16 -10.93 13.87
C PRO A 10 -4.07 -10.70 12.82
N LEU A 11 -3.25 -11.72 12.57
CA LEU A 11 -2.17 -11.63 11.59
C LEU A 11 -2.71 -11.15 10.24
N ILE A 12 -3.50 -12.01 9.60
CA ILE A 12 -4.07 -11.67 8.30
C ILE A 12 -4.76 -10.31 8.34
N ALA A 13 -5.56 -10.08 9.38
CA ALA A 13 -6.27 -8.81 9.53
C ALA A 13 -5.33 -7.63 9.32
N ALA A 14 -4.33 -7.52 10.17
CA ALA A 14 -3.36 -6.43 10.09
C ALA A 14 -2.81 -6.30 8.68
N GLY A 15 -2.57 -7.45 8.04
CA GLY A 15 -2.04 -7.45 6.68
C GLY A 15 -2.93 -6.69 5.72
N VAL A 16 -4.19 -7.09 5.64
CA VAL A 16 -5.14 -6.44 4.74
C VAL A 16 -5.35 -4.99 5.12
N ILE A 17 -5.37 -4.72 6.43
CA ILE A 17 -5.57 -3.37 6.93
C ILE A 17 -4.43 -2.45 6.48
N GLY A 18 -3.20 -2.90 6.69
CA GLY A 18 -2.04 -2.11 6.31
C GLY A 18 -2.06 -1.75 4.83
N GLY A 19 -2.20 -2.75 3.98
CA GLY A 19 -2.22 -2.51 2.55
C GLY A 19 -3.28 -1.52 2.14
N LEU A 20 -4.46 -1.63 2.75
CA LEU A 20 -5.57 -0.72 2.45
C LEU A 20 -5.27 0.68 2.95
N PHE A 21 -5.10 0.83 4.26
CA PHE A 21 -4.80 2.12 4.86
C PHE A 21 -3.64 2.81 4.16
N ILE A 22 -2.53 2.08 4.03
CA ILE A 22 -1.35 2.62 3.37
C ILE A 22 -1.68 3.14 1.97
N LEU A 23 -2.45 2.37 1.22
CA LEU A 23 -2.84 2.76 -0.13
C LEU A 23 -3.75 3.99 -0.09
N VAL A 24 -4.59 4.07 0.93
CA VAL A 24 -5.51 5.20 1.08
C VAL A 24 -4.75 6.52 1.15
N ILE A 25 -3.70 6.55 1.98
CA ILE A 25 -2.89 7.75 2.13
C ILE A 25 -2.17 8.10 0.83
N VAL A 26 -1.38 7.15 0.33
CA VAL A 26 -0.63 7.36 -0.90
C VAL A 26 -1.56 7.78 -2.05
N GLY A 27 -2.61 6.99 -2.27
CA GLY A 27 -3.54 7.31 -3.34
C GLY A 27 -4.07 8.73 -3.25
N LEU A 28 -4.65 9.08 -2.10
CA LEU A 28 -5.19 10.40 -1.89
C LEU A 28 -4.12 11.47 -2.05
N THR A 29 -2.94 11.21 -1.49
CA THR A 29 -1.83 12.14 -1.58
C THR A 29 -1.56 12.54 -3.03
N PHE A 30 -1.70 11.59 -3.93
CA PHE A 30 -1.47 11.84 -5.36
C PHE A 30 -2.58 12.70 -5.94
N ALA A 31 -3.82 12.30 -5.71
CA ALA A 31 -4.97 13.04 -6.21
C ALA A 31 -5.02 14.44 -5.62
N VAL A 32 -4.48 14.60 -4.42
CA VAL A 32 -4.46 15.89 -3.74
C VAL A 32 -3.31 16.75 -4.25
N TYR A 33 -2.14 16.14 -4.36
CA TYR A 33 -0.95 16.85 -4.84
C TYR A 33 -1.20 17.49 -6.20
N VAL A 34 -1.87 16.75 -7.08
CA VAL A 34 -2.18 17.24 -8.42
C VAL A 34 -3.16 18.39 -8.36
N ARG A 35 -4.20 18.24 -7.56
CA ARG A 35 -5.22 19.28 -7.43
C ARG A 35 -4.58 20.63 -7.10
N ARG A 36 -3.57 20.60 -6.23
CA ARG A 36 -2.87 21.81 -5.84
C ARG A 36 -2.41 22.61 -7.07
N LYS A 37 -2.23 21.91 -8.18
CA LYS A 37 -1.79 22.53 -9.42
C LYS A 37 -2.98 23.11 -10.19
N SER A 38 -4.00 22.28 -10.37
CA SER A 38 -5.20 22.70 -11.10
C SER A 38 -4.83 23.42 -12.39
N ILE A 39 -4.51 22.65 -13.42
CA ILE A 39 -4.14 23.21 -14.72
C ILE A 39 -4.67 22.36 -15.86
N LYS A 40 -5.97 22.48 -16.13
CA LYS A 40 -6.60 21.73 -17.20
C LYS A 40 -6.40 20.23 -17.01
N LYS A 41 -6.70 19.75 -15.80
CA LYS A 41 -6.56 18.33 -15.48
C LYS A 41 -7.77 17.54 -15.98
N LYS A 42 -7.69 16.22 -15.87
CA LYS A 42 -8.77 15.35 -16.30
C LYS A 42 -9.89 15.32 -15.27
N ARG A 43 -11.00 15.98 -15.58
CA ARG A 43 -12.14 16.02 -14.67
C ARG A 43 -13.45 16.04 -15.45
N ALA A 44 -14.38 15.19 -15.06
CA ALA A 44 -15.68 15.11 -15.72
C ALA A 44 -16.64 16.17 -15.18
N SER B 1 4.65 -24.02 9.38
CA SER B 1 5.12 -23.69 10.71
C SER B 1 4.34 -22.51 11.30
N THR B 2 4.31 -21.41 10.55
CA THR B 2 3.61 -20.22 10.98
C THR B 2 4.04 -19.81 12.39
N LEU B 3 3.33 -18.84 12.96
CA LEU B 3 3.64 -18.36 14.30
C LEU B 3 2.52 -18.70 15.27
N PRO B 4 2.86 -18.82 16.57
CA PRO B 4 1.89 -19.14 17.62
C PRO B 4 0.93 -17.99 17.89
N GLN B 5 0.07 -18.17 18.89
CA GLN B 5 -0.90 -17.15 19.25
C GLN B 5 -0.22 -15.87 19.71
N HIS B 6 0.77 -16.03 20.58
CA HIS B 6 1.52 -14.89 21.11
C HIS B 6 2.98 -14.94 20.67
N ALA B 7 3.28 -14.27 19.56
CA ALA B 7 4.64 -14.24 19.04
C ALA B 7 5.31 -12.91 19.34
N ARG B 8 6.58 -12.79 18.93
CA ARG B 8 7.34 -11.57 19.17
C ARG B 8 6.53 -10.34 18.75
N THR B 9 6.23 -10.25 17.45
CA THR B 9 5.46 -9.12 16.93
C THR B 9 4.86 -9.45 15.56
N PRO B 10 3.97 -10.45 15.54
CA PRO B 10 3.31 -10.88 14.31
C PRO B 10 2.32 -9.86 13.78
N LEU B 11 1.47 -9.35 14.67
CA LEU B 11 0.47 -8.36 14.30
C LEU B 11 1.11 -7.19 13.55
N ILE B 12 1.92 -6.41 14.26
CA ILE B 12 2.60 -5.27 13.65
C ILE B 12 3.38 -5.69 12.41
N ALA B 13 4.09 -6.80 12.51
CA ALA B 13 4.88 -7.31 11.39
C ALA B 13 4.05 -7.37 10.11
N ALA B 14 2.97 -8.16 10.14
CA ALA B 14 2.10 -8.30 8.98
C ALA B 14 1.66 -6.93 8.47
N GLY B 15 1.36 -6.02 9.38
CA GLY B 15 0.94 -4.69 8.99
C GLY B 15 1.94 -4.00 8.09
N VAL B 16 3.18 -3.88 8.56
CA VAL B 16 4.24 -3.24 7.79
C VAL B 16 4.53 -4.00 6.51
N ILE B 17 4.48 -5.33 6.58
CA ILE B 17 4.73 -6.17 5.42
C ILE B 17 3.69 -5.91 4.33
N GLY B 18 2.42 -5.90 4.71
CA GLY B 18 1.36 -5.67 3.75
C GLY B 18 1.50 -4.35 3.04
N GLY B 19 1.69 -3.28 3.80
CA GLY B 19 1.84 -1.96 3.21
C GLY B 19 2.97 -1.91 2.20
N LEU B 20 4.08 -2.56 2.53
CA LEU B 20 5.25 -2.57 1.66
C LEU B 20 4.97 -3.41 0.40
N PHE B 21 4.70 -4.68 0.61
CA PHE B 21 4.42 -5.59 -0.50
C PHE B 21 3.33 -5.02 -1.40
N ILE B 22 2.21 -4.67 -0.82
CA ILE B 22 1.08 -4.11 -1.57
C ILE B 22 1.53 -2.90 -2.39
N LEU B 23 2.34 -2.04 -1.77
CA LEU B 23 2.83 -0.84 -2.44
C LEU B 23 3.77 -1.22 -3.59
N VAL B 24 4.56 -2.27 -3.38
CA VAL B 24 5.49 -2.73 -4.39
C VAL B 24 4.79 -3.08 -5.69
N ILE B 25 3.70 -3.84 -5.58
CA ILE B 25 2.92 -4.24 -6.75
C ILE B 25 2.29 -3.04 -7.43
N VAL B 26 1.51 -2.27 -6.68
CA VAL B 26 0.85 -1.10 -7.21
C VAL B 26 1.85 -0.14 -7.85
N GLY B 27 2.89 0.22 -7.09
CA GLY B 27 3.91 1.12 -7.61
C GLY B 27 4.47 0.65 -8.94
N LEU B 28 4.99 -0.56 -8.96
CA LEU B 28 5.57 -1.12 -10.18
C LEU B 28 4.54 -1.16 -11.30
N THR B 29 3.32 -1.58 -10.97
CA THR B 29 2.25 -1.66 -11.95
C THR B 29 2.08 -0.35 -12.70
N PHE B 30 2.24 0.76 -11.99
CA PHE B 30 2.11 2.09 -12.59
C PHE B 30 3.30 2.38 -13.52
N ALA B 31 4.50 2.20 -13.00
CA ALA B 31 5.71 2.43 -13.78
C ALA B 31 5.77 1.52 -15.00
N VAL B 32 5.17 0.34 -14.88
CA VAL B 32 5.15 -0.61 -15.97
C VAL B 32 4.07 -0.28 -16.99
N TYR B 33 2.88 0.04 -16.49
CA TYR B 33 1.75 0.38 -17.35
C TYR B 33 2.11 1.54 -18.28
N VAL B 34 2.80 2.54 -17.74
CA VAL B 34 3.21 3.70 -18.51
C VAL B 34 4.23 3.31 -19.58
N ARG B 35 5.21 2.50 -19.19
CA ARG B 35 6.25 2.06 -20.12
C ARG B 35 5.63 1.47 -21.38
N ARG B 36 4.56 0.71 -21.21
CA ARG B 36 3.88 0.08 -22.34
C ARG B 36 3.54 1.12 -23.41
N LYS B 37 3.42 2.37 -22.99
CA LYS B 37 3.09 3.46 -23.91
C LYS B 37 4.35 4.02 -24.57
N SER B 38 5.34 4.33 -23.74
CA SER B 38 6.60 4.87 -24.23
C SER B 38 6.36 6.00 -25.23
N ILE B 39 6.05 7.18 -24.72
CA ILE B 39 5.79 8.35 -25.56
C ILE B 39 6.59 9.56 -25.09
N LYS B 40 7.89 9.53 -25.39
CA LYS B 40 8.78 10.63 -25.01
C LYS B 40 8.70 10.90 -23.51
N LYS B 41 8.84 9.84 -22.72
CA LYS B 41 8.79 9.95 -21.27
C LYS B 41 10.13 10.43 -20.71
N LYS B 42 10.17 10.71 -19.41
CA LYS B 42 11.39 11.18 -18.77
C LYS B 42 12.33 10.01 -18.49
N ARG B 43 13.41 9.93 -19.26
CA ARG B 43 14.40 8.87 -19.09
C ARG B 43 15.80 9.38 -19.39
N ALA B 44 16.73 9.07 -18.50
CA ALA B 44 18.12 9.49 -18.66
C ALA B 44 18.88 8.53 -19.57
N SER A 1 0.55 -21.53 13.64
CA SER A 1 -0.11 -22.32 12.61
C SER A 1 -1.53 -22.69 13.02
N THR A 2 -1.64 -23.53 14.04
CA THR A 2 -2.94 -23.96 14.55
C THR A 2 -3.68 -22.82 15.23
N LEU A 3 -4.74 -22.34 14.58
CA LEU A 3 -5.54 -21.24 15.12
C LEU A 3 -6.32 -21.70 16.35
N PRO A 4 -6.00 -21.10 17.51
CA PRO A 4 -6.66 -21.42 18.78
C PRO A 4 -8.10 -20.94 18.81
N GLN A 5 -8.81 -21.29 19.88
CA GLN A 5 -10.21 -20.90 20.04
C GLN A 5 -10.33 -19.38 20.17
N HIS A 6 -9.44 -18.79 20.95
CA HIS A 6 -9.45 -17.34 21.15
C HIS A 6 -8.42 -16.66 20.25
N ALA A 7 -8.85 -16.30 19.05
CA ALA A 7 -7.97 -15.63 18.09
C ALA A 7 -8.78 -14.79 17.10
N ARG A 8 -8.57 -13.48 17.14
CA ARG A 8 -9.28 -12.57 16.25
C ARG A 8 -8.53 -12.42 14.92
N THR A 9 -7.59 -13.33 14.67
CA THR A 9 -6.81 -13.29 13.45
C THR A 9 -6.19 -11.92 13.22
N PRO A 10 -5.27 -11.53 14.13
CA PRO A 10 -4.58 -10.23 14.04
C PRO A 10 -3.61 -10.17 12.88
N LEU A 11 -2.85 -11.24 12.69
CA LEU A 11 -1.88 -11.31 11.61
C LEU A 11 -2.52 -10.96 10.27
N ILE A 12 -3.39 -11.85 9.79
CA ILE A 12 -4.08 -11.64 8.52
C ILE A 12 -4.80 -10.29 8.52
N ALA A 13 -5.54 -10.01 9.58
CA ALA A 13 -6.27 -8.75 9.68
C ALA A 13 -5.36 -7.56 9.40
N ALA A 14 -4.34 -7.39 10.22
CA ALA A 14 -3.40 -6.28 10.06
C ALA A 14 -2.86 -6.23 8.63
N GLY A 15 -2.73 -7.40 8.01
CA GLY A 15 -2.24 -7.47 6.65
C GLY A 15 -3.10 -6.71 5.67
N VAL A 16 -4.38 -7.07 5.61
CA VAL A 16 -5.31 -6.41 4.71
C VAL A 16 -5.50 -4.95 5.08
N ILE A 17 -5.49 -4.66 6.37
CA ILE A 17 -5.64 -3.29 6.86
C ILE A 17 -4.46 -2.43 6.46
N GLY A 18 -3.26 -2.93 6.68
CA GLY A 18 -2.06 -2.19 6.33
C GLY A 18 -2.02 -1.80 4.86
N GLY A 19 -2.21 -2.79 3.99
CA GLY A 19 -2.20 -2.54 2.56
C GLY A 19 -3.23 -1.50 2.14
N LEU A 20 -4.44 -1.62 2.70
CA LEU A 20 -5.52 -0.70 2.38
C LEU A 20 -5.21 0.71 2.90
N PHE A 21 -4.99 0.80 4.21
CA PHE A 21 -4.68 2.08 4.85
C PHE A 21 -3.53 2.78 4.13
N ILE A 22 -2.40 2.10 4.03
CA ILE A 22 -1.23 2.65 3.36
C ILE A 22 -1.58 3.18 1.97
N LEU A 23 -2.40 2.41 1.25
CA LEU A 23 -2.81 2.79 -0.10
C LEU A 23 -3.73 4.01 -0.06
N VAL A 24 -4.56 4.09 0.98
CA VAL A 24 -5.48 5.20 1.14
C VAL A 24 -4.74 6.53 1.21
N ILE A 25 -3.67 6.56 2.00
CA ILE A 25 -2.87 7.78 2.14
C ILE A 25 -2.15 8.12 0.85
N VAL A 26 -1.35 7.18 0.35
CA VAL A 26 -0.60 7.38 -0.88
C VAL A 26 -1.53 7.78 -2.02
N GLY A 27 -2.56 6.98 -2.26
CA GLY A 27 -3.50 7.28 -3.32
C GLY A 27 -4.05 8.69 -3.23
N LEU A 28 -4.64 9.03 -2.10
CA LEU A 28 -5.21 10.36 -1.90
C LEU A 28 -4.14 11.43 -2.07
N THR A 29 -2.97 11.21 -1.47
CA THR A 29 -1.87 12.15 -1.55
C THR A 29 -1.58 12.53 -2.99
N PHE A 30 -1.73 11.57 -3.90
CA PHE A 30 -1.48 11.80 -5.32
C PHE A 30 -2.59 12.65 -5.93
N ALA A 31 -3.84 12.26 -5.67
CA ALA A 31 -4.99 12.98 -6.19
C ALA A 31 -5.06 14.39 -5.61
N VAL A 32 -4.49 14.57 -4.43
CA VAL A 32 -4.49 15.87 -3.77
C VAL A 32 -3.37 16.76 -4.30
N TYR A 33 -2.17 16.21 -4.39
CA TYR A 33 -1.01 16.94 -4.88
C TYR A 33 -1.29 17.50 -6.28
N VAL A 34 -1.91 16.69 -7.11
CA VAL A 34 -2.22 17.10 -8.48
C VAL A 34 -3.27 18.22 -8.49
N ARG A 35 -4.32 18.06 -7.70
CA ARG A 35 -5.38 19.05 -7.61
C ARG A 35 -4.81 20.43 -7.29
N ARG A 36 -3.78 20.45 -6.46
CA ARG A 36 -3.14 21.70 -6.06
C ARG A 36 -2.67 22.48 -7.29
N LYS A 37 -2.45 21.77 -8.39
CA LYS A 37 -2.01 22.39 -9.63
C LYS A 37 -3.18 23.00 -10.39
N SER A 38 -4.33 22.33 -10.31
CA SER A 38 -5.53 22.80 -10.99
C SER A 38 -6.26 23.84 -10.15
N ILE A 39 -6.94 24.76 -10.83
CA ILE A 39 -7.70 25.81 -10.14
C ILE A 39 -9.16 25.41 -9.95
N LYS A 40 -9.37 24.27 -9.29
CA LYS A 40 -10.72 23.78 -9.04
C LYS A 40 -11.53 23.72 -10.33
N LYS A 41 -10.90 23.24 -11.40
CA LYS A 41 -11.56 23.14 -12.70
C LYS A 41 -12.34 21.84 -12.79
N LYS A 42 -13.23 21.60 -11.82
CA LYS A 42 -14.04 20.39 -11.81
C LYS A 42 -15.20 20.54 -10.82
N ARG A 43 -16.41 20.29 -11.30
CA ARG A 43 -17.60 20.40 -10.46
C ARG A 43 -17.82 21.83 -9.99
N ALA A 44 -19.06 22.18 -9.72
CA ALA A 44 -19.40 23.53 -9.25
C ALA A 44 -20.78 23.55 -8.61
N SER B 1 -1.90 -8.14 24.61
CA SER B 1 -1.16 -7.05 25.25
C SER B 1 0.20 -7.52 25.74
N THR B 2 0.18 -8.40 26.74
CA THR B 2 1.42 -8.93 27.30
C THR B 2 2.13 -9.85 26.32
N LEU B 3 3.26 -9.38 25.79
CA LEU B 3 4.02 -10.15 24.83
C LEU B 3 4.66 -11.37 25.49
N PRO B 4 4.24 -12.57 25.06
CA PRO B 4 4.76 -13.83 25.59
C PRO B 4 6.21 -14.09 25.19
N GLN B 5 6.81 -15.12 25.77
CA GLN B 5 8.19 -15.47 25.47
C GLN B 5 8.34 -15.86 24.00
N HIS B 6 7.40 -16.66 23.50
CA HIS B 6 7.44 -17.11 22.12
C HIS B 6 6.53 -16.25 21.24
N ALA B 7 7.06 -15.14 20.75
CA ALA B 7 6.30 -14.24 19.91
C ALA B 7 7.21 -13.51 18.92
N ARG B 8 6.99 -13.75 17.63
CA ARG B 8 7.79 -13.13 16.58
C ARG B 8 7.13 -11.85 16.10
N THR B 9 6.19 -11.34 16.88
CA THR B 9 5.48 -10.11 16.52
C THR B 9 4.93 -10.18 15.10
N PRO B 10 3.98 -11.10 14.88
CA PRO B 10 3.35 -11.29 13.56
C PRO B 10 2.45 -10.12 13.18
N LEU B 11 1.67 -9.64 14.14
CA LEU B 11 0.76 -8.53 13.89
C LEU B 11 1.50 -7.34 13.29
N ILE B 12 2.37 -6.72 14.09
CA ILE B 12 3.14 -5.58 13.63
C ILE B 12 3.92 -5.91 12.36
N ALA B 13 4.60 -7.06 12.37
CA ALA B 13 5.37 -7.49 11.21
C ALA B 13 4.54 -7.44 9.94
N ALA B 14 3.46 -8.21 9.92
CA ALA B 14 2.57 -8.26 8.76
C ALA B 14 2.16 -6.85 8.33
N GLY B 15 2.00 -5.96 9.31
CA GLY B 15 1.60 -4.60 9.02
C GLY B 15 2.59 -3.89 8.10
N VAL B 16 3.85 -3.83 8.53
CA VAL B 16 4.89 -3.17 7.75
C VAL B 16 5.12 -3.90 6.42
N ILE B 17 5.01 -5.23 6.45
CA ILE B 17 5.20 -6.03 5.26
C ILE B 17 4.10 -5.76 4.23
N GLY B 18 2.86 -5.74 4.69
CA GLY B 18 1.74 -5.49 3.80
C GLY B 18 1.86 -4.14 3.08
N GLY B 19 2.09 -3.09 3.86
CA GLY B 19 2.22 -1.77 3.27
C GLY B 19 3.33 -1.68 2.25
N LEU B 20 4.47 -2.30 2.57
CA LEU B 20 5.62 -2.29 1.67
C LEU B 20 5.33 -3.11 0.42
N PHE B 21 5.04 -4.39 0.61
CA PHE B 21 4.75 -5.28 -0.51
C PHE B 21 3.68 -4.68 -1.42
N ILE B 22 2.51 -4.39 -0.84
CA ILE B 22 1.41 -3.80 -1.58
C ILE B 22 1.85 -2.58 -2.36
N LEU B 23 2.70 -1.76 -1.73
CA LEU B 23 3.20 -0.54 -2.35
C LEU B 23 4.16 -0.88 -3.50
N VAL B 24 4.93 -1.95 -3.32
CA VAL B 24 5.88 -2.37 -4.33
C VAL B 24 5.17 -2.69 -5.66
N ILE B 25 4.07 -3.44 -5.56
CA ILE B 25 3.31 -3.82 -6.74
C ILE B 25 2.66 -2.59 -7.39
N VAL B 26 1.87 -1.86 -6.61
CA VAL B 26 1.20 -0.67 -7.10
C VAL B 26 2.19 0.31 -7.71
N GLY B 27 3.20 0.67 -6.92
CA GLY B 27 4.21 1.61 -7.41
C GLY B 27 4.79 1.19 -8.75
N LEU B 28 5.34 -0.02 -8.82
CA LEU B 28 5.92 -0.52 -10.05
C LEU B 28 4.90 -0.55 -11.17
N THR B 29 3.69 -1.03 -10.87
CA THR B 29 2.63 -1.09 -11.86
C THR B 29 2.42 0.25 -12.55
N PHE B 30 2.59 1.33 -11.80
CA PHE B 30 2.43 2.68 -12.34
C PHE B 30 3.59 3.04 -13.25
N ALA B 31 4.81 2.82 -12.76
CA ALA B 31 6.02 3.12 -13.53
C ALA B 31 6.10 2.25 -14.78
N VAL B 32 5.47 1.08 -14.72
CA VAL B 32 5.48 0.15 -15.85
C VAL B 32 4.41 0.53 -16.87
N TYR B 33 3.20 0.78 -16.39
CA TYR B 33 2.09 1.16 -17.26
C TYR B 33 2.45 2.38 -18.10
N VAL B 34 3.09 3.35 -17.48
CA VAL B 34 3.49 4.57 -18.17
C VAL B 34 4.56 4.29 -19.22
N ARG B 35 5.57 3.51 -18.84
CA ARG B 35 6.64 3.16 -19.76
C ARG B 35 6.09 2.56 -21.05
N ARG B 36 5.02 1.79 -20.92
CA ARG B 36 4.40 1.15 -22.08
C ARG B 36 4.01 2.19 -23.13
N LYS B 37 3.83 3.43 -22.69
CA LYS B 37 3.45 4.52 -23.58
C LYS B 37 4.68 5.08 -24.30
N SER B 38 5.82 5.07 -23.61
CA SER B 38 7.06 5.59 -24.17
C SER B 38 7.77 4.51 -24.99
N ILE B 39 8.49 4.93 -26.02
CA ILE B 39 9.21 4.00 -26.88
C ILE B 39 10.65 3.83 -26.42
N LYS B 40 10.82 3.42 -25.16
CA LYS B 40 12.15 3.21 -24.59
C LYS B 40 13.02 4.44 -24.81
N LYS B 41 12.46 5.62 -24.58
CA LYS B 41 13.20 6.87 -24.74
C LYS B 41 13.98 7.21 -23.48
N LYS B 42 14.80 6.26 -23.03
CA LYS B 42 15.61 6.47 -21.83
C LYS B 42 16.66 5.37 -21.70
N ARG B 43 17.91 5.79 -21.56
CA ARG B 43 19.02 4.85 -21.42
C ARG B 43 20.36 5.59 -21.33
N ALA B 44 21.29 5.01 -20.57
CA ALA B 44 22.61 5.61 -20.41
C ALA B 44 23.61 4.59 -19.88
#